data_6CBO
#
_entry.id   6CBO
#
_cell.length_a   66.888
_cell.length_b   59.980
_cell.length_c   210.694
_cell.angle_alpha   90.00
_cell.angle_beta   95.19
_cell.angle_gamma   90.00
#
_symmetry.space_group_name_H-M   'P 1 21 1'
#
loop_
_entity.id
_entity.type
_entity.pdbx_description
1 polymer "C-6' aminotransferase"
2 non-polymer '3[N-MORPHOLINO]PROPANE SULFONIC ACID'
3 non-polymer 1,2-ETHANEDIOL
4 non-polymer '(1R,2R,3S,4R,6S)-4,6-diamino-2,3-dihydroxycyclohexyl 2-amino-2,6-dideoxy-6-[({3-hydroxy-2-methyl-5-[(phosphonooxy)methyl]pyridin-4-yl}methyl)amino]-alpha-D-glucopyranoside'
5 non-polymer 'SULFATE ION'
6 water water
#
_entity_poly.entity_id   1
_entity_poly.type   'polypeptide(L)'
_entity_poly.pdbx_seq_one_letter_code
;MGSSHHHHHHSSENLYFQGGGHMTIDIGAGKLLAQEPTCPRDADGRPRVFVEGSGAYLTDPDGRRWIDFDNARGSVVLGH
GDEEVAEAIARAARGRSGVGTAWSPVLDSLLGQLQEVCGGDVVGLYRTGTAALRSVTCAVRDARDRSIVLSSGYHGYDPM
WHCDEPFTPNQHGIVEFLFDLDVLAEWLSRPEQVAAVVISPDHMHLGERWYTEFTRLTKEADVPVIADEVKVGLRYRAGL
STPLLDPAVWIVAKCLANGSPVAAVGGDAHLLAALEDVSFTSYFEPTAMAAATTTLRRMATGEPQQAIRAAGDRFIAHTR
AAFANAGVPIDLAGNGNLFQFVCADDEVADAFHAAAAAEGLLFFEGDNQTPSAAFTDEVVEDACGRIDRVSAALTGRFTD
RELTEESWYASAWGAMDGLADRPRTREETTAIVERLWED
;
_entity_poly.pdbx_strand_id   A,B,C,D
#
# COMPACT_ATOMS: atom_id res chain seq x y z
N GLY A 28 -5.63 -30.17 34.29
CA GLY A 28 -5.48 -28.88 35.03
C GLY A 28 -5.84 -27.64 34.23
N ALA A 29 -5.14 -27.40 33.13
CA ALA A 29 -5.02 -26.04 32.60
C ALA A 29 -5.65 -25.80 31.22
N GLY A 30 -6.42 -26.79 30.76
CA GLY A 30 -7.12 -26.74 29.46
C GLY A 30 -7.84 -25.42 29.19
N LYS A 31 -8.52 -24.91 30.20
CA LYS A 31 -9.33 -23.72 30.01
C LYS A 31 -8.50 -22.45 29.84
N LEU A 32 -7.27 -22.45 30.33
CA LEU A 32 -6.37 -21.30 30.15
C LEU A 32 -5.84 -21.26 28.73
N LEU A 33 -5.78 -22.41 28.05
CA LEU A 33 -5.06 -22.47 26.75
C LEU A 33 -5.88 -21.94 25.57
N ALA A 34 -5.34 -20.91 24.90
CA ALA A 34 -6.01 -20.34 23.72
C ALA A 34 -5.92 -21.21 22.47
N GLN A 35 -4.88 -22.03 22.42
CA GLN A 35 -4.61 -22.87 21.26
C GLN A 35 -5.29 -24.23 21.37
N GLU A 36 -5.34 -24.98 20.27
CA GLU A 36 -5.86 -26.35 20.27
C GLU A 36 -4.84 -27.28 19.69
N PRO A 37 -3.89 -27.73 20.51
CA PRO A 37 -2.82 -28.53 19.93
C PRO A 37 -3.31 -29.91 19.56
N THR A 38 -2.80 -30.42 18.45
CA THR A 38 -3.01 -31.80 18.06
C THR A 38 -2.27 -32.69 19.04
N CYS A 39 -3.03 -33.63 19.59
CA CYS A 39 -2.54 -34.53 20.60
C CYS A 39 -3.53 -35.68 20.78
N PRO A 40 -3.09 -36.75 21.45
CA PRO A 40 -4.04 -37.84 21.69
C PRO A 40 -5.14 -37.36 22.63
N ARG A 41 -6.37 -37.67 22.26
CA ARG A 41 -7.52 -37.26 23.03
C ARG A 41 -8.41 -38.49 23.23
N ASP A 42 -9.16 -38.45 24.31
CA ASP A 42 -10.08 -39.54 24.57
C ASP A 42 -11.33 -39.39 23.72
N ALA A 43 -12.28 -40.31 23.88
CA ALA A 43 -13.48 -40.28 23.06
C ALA A 43 -14.30 -38.97 23.17
N ASP A 44 -14.20 -38.27 24.30
CA ASP A 44 -14.85 -36.97 24.47
C ASP A 44 -14.03 -35.74 24.09
N GLY A 45 -12.84 -35.96 23.54
CA GLY A 45 -12.00 -34.86 23.07
C GLY A 45 -11.02 -34.30 24.09
N ARG A 46 -10.91 -34.95 25.24
CA ARG A 46 -10.06 -34.43 26.32
C ARG A 46 -8.64 -34.99 26.09
N PRO A 47 -7.60 -34.14 26.17
CA PRO A 47 -6.22 -34.65 25.99
C PRO A 47 -5.87 -35.76 26.97
N ARG A 48 -5.26 -36.81 26.44
CA ARG A 48 -4.66 -37.88 27.23
C ARG A 48 -3.39 -37.38 27.90
N VAL A 49 -3.21 -37.71 29.17
CA VAL A 49 -2.03 -37.30 29.91
C VAL A 49 -1.05 -38.45 29.99
N PHE A 50 0.22 -38.20 29.66
CA PHE A 50 1.27 -39.18 29.90
C PHE A 50 2.38 -38.49 30.65
N VAL A 51 2.96 -39.22 31.59
CA VAL A 51 3.96 -38.63 32.48
C VAL A 51 5.40 -38.96 32.18
N GLU A 52 5.64 -40.09 31.55
CA GLU A 52 6.98 -40.60 31.28
C GLU A 52 6.94 -41.36 29.99
N GLY A 53 8.10 -41.42 29.34
CA GLY A 53 8.28 -42.32 28.22
C GLY A 53 9.68 -42.90 28.18
N SER A 54 9.76 -44.04 27.49
CA SER A 54 10.99 -44.75 27.34
C SER A 54 10.93 -45.64 26.12
N GLY A 55 11.69 -45.27 25.13
CA GLY A 55 11.75 -46.01 23.88
C GLY A 55 10.41 -45.93 23.17
N ALA A 56 9.74 -47.07 22.98
CA ALA A 56 8.40 -47.12 22.40
C ALA A 56 7.25 -47.09 23.42
N TYR A 57 7.55 -46.95 24.72
CA TYR A 57 6.52 -47.05 25.72
C TYR A 57 6.25 -45.72 26.38
N LEU A 58 4.97 -45.47 26.66
CA LEU A 58 4.57 -44.33 27.47
C LEU A 58 3.97 -44.86 28.76
N THR A 59 4.00 -44.02 29.78
CA THR A 59 3.40 -44.34 31.06
C THR A 59 2.41 -43.25 31.45
N ASP A 60 1.19 -43.66 31.75
CA ASP A 60 0.14 -42.73 32.17
C ASP A 60 0.22 -42.49 33.68
N PRO A 61 -0.64 -41.59 34.22
CA PRO A 61 -0.47 -41.23 35.62
C PRO A 61 -0.72 -42.36 36.60
N ASP A 62 -1.43 -43.40 36.15
CA ASP A 62 -1.62 -44.58 37.02
C ASP A 62 -0.60 -45.66 36.79
N GLY A 63 0.41 -45.38 35.95
CA GLY A 63 1.43 -46.34 35.60
C GLY A 63 1.19 -47.32 34.43
N ARG A 64 0.02 -47.23 33.79
CA ARG A 64 -0.34 -48.16 32.70
C ARG A 64 0.59 -47.86 31.53
N ARG A 65 1.06 -48.92 30.86
CA ARG A 65 2.08 -48.77 29.85
C ARG A 65 1.41 -48.85 28.48
N TRP A 66 1.69 -47.85 27.65
CA TRP A 66 1.14 -47.81 26.29
C TRP A 66 2.25 -47.89 25.26
N ILE A 67 1.97 -48.44 24.08
CA ILE A 67 2.92 -48.48 23.01
C ILE A 67 2.59 -47.32 22.05
N ASP A 68 3.59 -46.48 21.81
CA ASP A 68 3.41 -45.28 20.99
C ASP A 68 3.68 -45.48 19.51
N PHE A 69 2.68 -45.21 18.67
CA PHE A 69 2.82 -45.18 17.22
C PHE A 69 2.67 -43.75 16.66
N ASP A 70 2.39 -42.80 17.53
CA ASP A 70 2.16 -41.38 17.22
C ASP A 70 3.55 -40.72 17.30
N ASN A 71 4.26 -40.83 18.43
CA ASN A 71 5.65 -40.41 18.48
C ASN A 71 5.85 -38.91 18.14
N ALA A 72 5.04 -38.09 18.79
CA ALA A 72 5.08 -36.62 18.57
C ALA A 72 4.89 -36.36 17.07
N ARG A 73 3.84 -36.93 16.52
CA ARG A 73 3.47 -36.76 15.11
C ARG A 73 4.59 -37.22 14.17
N GLY A 74 5.34 -38.25 14.55
CA GLY A 74 6.40 -38.82 13.76
C GLY A 74 7.73 -38.12 13.93
N SER A 75 7.90 -37.25 14.92
CA SER A 75 9.19 -36.62 15.16
C SER A 75 10.14 -37.34 16.13
N VAL A 76 9.59 -38.24 16.94
CA VAL A 76 10.45 -39.16 17.72
C VAL A 76 10.71 -40.36 16.86
N VAL A 77 11.87 -40.37 16.22
CA VAL A 77 12.20 -41.46 15.30
CA VAL A 77 12.19 -41.47 15.30
C VAL A 77 13.18 -42.44 15.92
N LEU A 78 13.91 -42.01 16.94
CA LEU A 78 14.82 -42.92 17.61
C LEU A 78 14.24 -43.56 18.86
N GLY A 79 13.32 -42.86 19.55
CA GLY A 79 12.66 -43.40 20.72
C GLY A 79 12.70 -42.38 21.86
N HIS A 80 11.68 -42.39 22.70
CA HIS A 80 11.63 -41.45 23.82
C HIS A 80 12.80 -41.64 24.75
N GLY A 81 13.50 -40.57 25.08
CA GLY A 81 14.65 -40.71 25.99
C GLY A 81 15.88 -41.40 25.49
N ASP A 82 16.02 -41.46 24.17
CA ASP A 82 17.16 -42.06 23.53
C ASP A 82 18.42 -41.60 24.23
N GLU A 83 19.19 -42.56 24.72
CA GLU A 83 20.29 -42.19 25.62
C GLU A 83 21.40 -41.41 24.96
N GLU A 84 21.79 -41.75 23.73
CA GLU A 84 22.83 -40.99 23.05
C GLU A 84 22.41 -39.53 22.82
N VAL A 85 21.18 -39.33 22.36
CA VAL A 85 20.68 -37.97 22.25
C VAL A 85 20.60 -37.30 23.63
N ALA A 86 20.17 -38.05 24.65
CA ALA A 86 20.03 -37.46 25.99
C ALA A 86 21.38 -36.94 26.52
N GLU A 87 22.43 -37.76 26.38
CA GLU A 87 23.73 -37.34 26.85
C GLU A 87 24.20 -36.10 26.11
N ALA A 88 23.94 -36.05 24.82
CA ALA A 88 24.35 -34.90 24.06
C ALA A 88 23.61 -33.63 24.48
N ILE A 89 22.29 -33.78 24.68
CA ILE A 89 21.49 -32.66 25.16
C ILE A 89 22.00 -32.22 26.53
N ALA A 90 22.23 -33.19 27.42
CA ALA A 90 22.61 -32.81 28.79
C ALA A 90 23.93 -32.04 28.80
N ARG A 91 24.88 -32.49 27.99
CA ARG A 91 26.16 -31.81 27.94
C ARG A 91 26.01 -30.41 27.36
N ALA A 92 25.16 -30.31 26.35
CA ALA A 92 24.92 -29.05 25.70
C ALA A 92 24.27 -28.06 26.67
N ALA A 93 23.38 -28.59 27.51
CA ALA A 93 22.73 -27.80 28.50
C ALA A 93 23.65 -27.22 29.56
N ARG A 94 24.83 -27.82 29.71
CA ARG A 94 25.90 -27.24 30.55
C ARG A 94 26.92 -26.44 29.76
N GLY A 95 26.65 -26.12 28.49
CA GLY A 95 27.51 -25.27 27.69
C GLY A 95 28.78 -25.93 27.21
N ARG A 96 28.82 -27.26 27.20
CA ARG A 96 30.08 -27.94 26.90
C ARG A 96 30.51 -27.97 25.42
N SER A 97 29.65 -27.62 24.46
CA SER A 97 30.14 -27.54 23.06
CA SER A 97 29.99 -27.60 23.03
C SER A 97 29.83 -26.21 22.38
N GLY A 98 29.41 -25.23 23.18
CA GLY A 98 29.00 -23.94 22.65
C GLY A 98 27.85 -23.35 23.46
N VAL A 99 27.58 -22.09 23.14
CA VAL A 99 26.50 -21.35 23.81
C VAL A 99 25.62 -20.69 22.77
N GLY A 100 24.45 -20.23 23.22
CA GLY A 100 23.52 -19.59 22.33
C GLY A 100 23.96 -18.27 21.78
N THR A 101 25.03 -17.69 22.34
CA THR A 101 25.47 -16.41 21.90
C THR A 101 26.10 -16.46 20.50
N ALA A 102 26.71 -17.58 20.15
CA ALA A 102 27.67 -17.61 19.08
C ALA A 102 27.76 -18.90 18.29
N TRP A 103 28.29 -18.75 17.08
CA TRP A 103 28.70 -19.86 16.23
C TRP A 103 29.62 -20.80 16.98
N SER A 104 29.44 -22.09 16.74
CA SER A 104 30.28 -23.13 17.30
C SER A 104 30.59 -24.19 16.25
N PRO A 105 31.60 -25.05 16.50
CA PRO A 105 31.86 -26.13 15.54
C PRO A 105 30.74 -27.10 15.32
N VAL A 106 29.84 -27.22 16.28
CA VAL A 106 28.69 -28.10 16.16
C VAL A 106 27.82 -27.62 14.99
N LEU A 107 27.71 -26.31 14.81
CA LEU A 107 26.90 -25.79 13.70
C LEU A 107 27.50 -26.16 12.35
N ASP A 108 28.82 -26.03 12.21
CA ASP A 108 29.47 -26.48 10.98
C ASP A 108 29.19 -27.93 10.69
N SER A 109 29.19 -28.79 11.72
CA SER A 109 28.91 -30.18 11.51
C SER A 109 27.49 -30.41 11.01
N LEU A 110 26.55 -29.74 11.65
CA LEU A 110 25.15 -29.92 11.28
C LEU A 110 24.86 -29.46 9.85
N LEU A 111 25.37 -28.29 9.48
CA LEU A 111 25.09 -27.76 8.14
C LEU A 111 25.74 -28.62 7.08
N GLY A 112 26.96 -29.09 7.37
CA GLY A 112 27.62 -29.99 6.44
C GLY A 112 26.88 -31.28 6.24
N GLN A 113 26.41 -31.91 7.33
CA GLN A 113 25.62 -33.15 7.35
CA GLN A 113 25.72 -33.17 7.13
C GLN A 113 24.34 -32.98 6.50
N LEU A 114 23.65 -31.87 6.76
CA LEU A 114 22.40 -31.61 6.03
C LEU A 114 22.62 -31.51 4.53
N GLN A 115 23.67 -30.81 4.13
CA GLN A 115 23.94 -30.64 2.70
C GLN A 115 24.36 -31.98 2.10
N GLU A 116 25.12 -32.77 2.86
CA GLU A 116 25.53 -34.08 2.36
C GLU A 116 24.37 -35.04 2.13
N VAL A 117 23.38 -35.07 3.03
CA VAL A 117 22.30 -36.03 2.95
C VAL A 117 21.21 -35.59 1.95
N CYS A 118 20.87 -34.30 1.97
CA CYS A 118 19.76 -33.81 1.17
C CYS A 118 20.15 -33.07 -0.12
N GLY A 119 21.39 -32.64 -0.21
CA GLY A 119 21.87 -31.90 -1.37
C GLY A 119 21.50 -30.44 -1.35
N GLY A 120 21.89 -29.75 -2.40
CA GLY A 120 21.61 -28.32 -2.55
C GLY A 120 22.80 -27.39 -2.40
N ASP A 121 22.67 -26.21 -2.97
CA ASP A 121 23.69 -25.19 -2.96
C ASP A 121 23.86 -24.66 -1.53
N VAL A 122 22.73 -24.40 -0.86
CA VAL A 122 22.70 -23.71 0.43
C VAL A 122 21.67 -24.37 1.34
N VAL A 123 21.82 -24.11 2.64
CA VAL A 123 20.93 -24.67 3.65
C VAL A 123 20.50 -23.61 4.66
N GLY A 124 19.39 -23.84 5.36
CA GLY A 124 19.02 -22.93 6.46
C GLY A 124 18.25 -23.69 7.53
N LEU A 125 18.08 -23.07 8.70
CA LEU A 125 17.50 -23.73 9.88
C LEU A 125 16.33 -22.90 10.41
N TYR A 126 15.34 -23.61 10.97
CA TYR A 126 14.12 -23.00 11.52
C TYR A 126 13.75 -23.74 12.80
N ARG A 127 12.79 -23.20 13.56
CA ARG A 127 12.34 -23.92 14.76
C ARG A 127 11.10 -24.78 14.63
N THR A 128 10.36 -24.61 13.54
CA THR A 128 9.16 -25.41 13.20
C THR A 128 9.09 -25.62 11.69
N GLY A 129 8.39 -26.66 11.29
CA GLY A 129 8.05 -26.89 9.91
C GLY A 129 7.24 -25.72 9.35
N THR A 130 6.30 -25.22 10.14
CA THR A 130 5.49 -24.07 9.75
C THR A 130 6.33 -22.87 9.33
N ALA A 131 7.28 -22.54 10.21
CA ALA A 131 8.14 -21.42 9.97
C ALA A 131 8.97 -21.64 8.71
N ALA A 132 9.53 -22.84 8.55
CA ALA A 132 10.38 -23.11 7.41
C ALA A 132 9.55 -22.97 6.12
N LEU A 133 8.32 -23.52 6.10
CA LEU A 133 7.48 -23.55 4.87
C LEU A 133 7.12 -22.12 4.48
N ARG A 134 6.79 -21.28 5.46
CA ARG A 134 6.39 -19.92 5.16
C ARG A 134 7.58 -19.17 4.61
N SER A 135 8.72 -19.32 5.27
CA SER A 135 9.89 -18.56 4.85
C SER A 135 10.37 -18.92 3.45
N VAL A 136 10.46 -20.22 3.16
CA VAL A 136 10.91 -20.61 1.84
C VAL A 136 9.90 -20.27 0.76
N THR A 137 8.61 -20.38 1.03
CA THR A 137 7.60 -20.07 0.04
C THR A 137 7.70 -18.61 -0.31
N CYS A 138 7.79 -17.75 0.71
CA CYS A 138 7.90 -16.32 0.46
C CYS A 138 9.18 -16.00 -0.30
N ALA A 139 10.27 -16.68 0.02
CA ALA A 139 11.55 -16.40 -0.60
C ALA A 139 11.52 -16.78 -2.08
N VAL A 140 10.97 -17.94 -2.37
CA VAL A 140 10.91 -18.43 -3.74
C VAL A 140 10.01 -17.51 -4.55
N ARG A 141 8.90 -17.08 -3.99
CA ARG A 141 8.00 -16.20 -4.72
C ARG A 141 8.70 -14.89 -5.02
N ASP A 142 9.46 -14.37 -4.03
CA ASP A 142 10.20 -13.11 -4.25
C ASP A 142 11.21 -13.24 -5.37
N ALA A 143 11.96 -14.34 -5.38
CA ALA A 143 12.98 -14.57 -6.40
C ALA A 143 12.37 -14.72 -7.80
N ARG A 144 11.16 -15.27 -7.88
CA ARG A 144 10.52 -15.58 -9.17
C ARG A 144 9.72 -14.43 -9.75
N ASP A 145 9.49 -13.35 -8.97
CA ASP A 145 8.73 -12.19 -9.46
C ASP A 145 7.37 -12.59 -10.02
N ARG A 146 6.74 -13.57 -9.37
CA ARG A 146 5.46 -14.12 -9.82
C ARG A 146 4.64 -14.34 -8.56
N SER A 147 3.33 -14.08 -8.58
CA SER A 147 2.57 -14.04 -7.35
C SER A 147 1.82 -15.31 -6.94
N ILE A 148 1.66 -16.26 -7.86
CA ILE A 148 0.81 -17.40 -7.61
CA ILE A 148 0.81 -17.42 -7.62
C ILE A 148 1.64 -18.62 -7.22
N VAL A 149 1.21 -19.33 -6.19
CA VAL A 149 1.87 -20.57 -5.77
C VAL A 149 0.81 -21.65 -5.74
N LEU A 150 1.13 -22.77 -6.38
CA LEU A 150 0.26 -23.95 -6.37
C LEU A 150 0.71 -24.86 -5.22
N SER A 151 -0.23 -25.39 -4.46
CA SER A 151 0.07 -26.14 -3.25
C SER A 151 -0.78 -27.33 -3.09
N SER A 152 -0.15 -28.44 -2.66
CA SER A 152 -0.95 -29.55 -2.10
C SER A 152 -0.26 -30.09 -0.85
N GLY A 153 -1.08 -30.59 0.08
CA GLY A 153 -0.57 -31.14 1.35
C GLY A 153 -0.55 -30.12 2.44
N TYR A 154 -0.42 -30.62 3.66
CA TYR A 154 -0.33 -29.73 4.84
C TYR A 154 1.08 -29.10 4.90
N HIS A 155 1.17 -27.81 5.23
CA HIS A 155 2.45 -27.10 5.29
C HIS A 155 2.57 -26.36 6.59
N GLY A 156 1.67 -26.60 7.52
CA GLY A 156 1.74 -25.93 8.81
C GLY A 156 0.57 -25.03 9.11
N TYR A 157 0.64 -24.35 10.27
CA TYR A 157 -0.53 -23.68 10.83
C TYR A 157 -0.72 -22.27 10.36
N ASP A 158 0.27 -21.73 9.68
CA ASP A 158 0.21 -20.32 9.27
C ASP A 158 -1.05 -20.00 8.44
N PRO A 159 -1.67 -18.85 8.74
CA PRO A 159 -2.85 -18.46 7.96
C PRO A 159 -2.67 -18.27 6.45
N MET A 160 -1.42 -18.14 5.98
CA MET A 160 -1.18 -18.00 4.55
C MET A 160 -1.77 -19.15 3.75
N TRP A 161 -1.98 -20.29 4.40
CA TRP A 161 -2.48 -21.49 3.71
C TRP A 161 -4.00 -21.65 3.81
N HIS A 162 -4.65 -20.81 4.59
CA HIS A 162 -6.09 -20.94 4.79
C HIS A 162 -6.79 -20.66 3.45
N CYS A 163 -7.80 -21.43 3.12
CA CYS A 163 -8.64 -21.02 2.00
C CYS A 163 -10.07 -21.42 2.20
N ASP A 164 -10.95 -20.73 1.48
CA ASP A 164 -12.37 -21.03 1.55
C ASP A 164 -12.80 -22.07 0.53
N GLU A 165 -12.00 -22.24 -0.52
CA GLU A 165 -12.32 -23.11 -1.65
C GLU A 165 -11.01 -23.55 -2.28
N PRO A 166 -10.94 -24.78 -2.76
CA PRO A 166 -9.83 -25.20 -3.59
C PRO A 166 -9.91 -24.65 -5.01
N PHE A 167 -8.75 -24.68 -5.66
CA PHE A 167 -8.62 -24.59 -7.12
C PHE A 167 -8.58 -23.14 -7.62
N THR A 168 -8.72 -22.18 -6.72
CA THR A 168 -8.57 -20.77 -7.03
C THR A 168 -7.74 -20.09 -5.93
N PRO A 169 -7.13 -18.93 -6.25
CA PRO A 169 -6.20 -18.39 -5.26
C PRO A 169 -6.86 -17.81 -4.04
N ASN A 170 -6.22 -18.06 -2.91
CA ASN A 170 -6.64 -17.41 -1.69
C ASN A 170 -6.09 -15.98 -1.67
N GLN A 171 -6.30 -15.32 -0.54
CA GLN A 171 -5.88 -13.92 -0.35
C GLN A 171 -4.39 -13.72 -0.42
N HIS A 172 -3.63 -14.81 -0.29
CA HIS A 172 -2.19 -14.79 -0.33
C HIS A 172 -1.63 -15.38 -1.64
N GLY A 173 -2.41 -15.55 -2.69
CA GLY A 173 -1.91 -16.07 -3.94
C GLY A 173 -1.72 -17.55 -4.02
N ILE A 174 -2.20 -18.28 -3.03
CA ILE A 174 -1.94 -19.72 -2.99
C ILE A 174 -3.15 -20.45 -3.51
N VAL A 175 -2.91 -21.34 -4.46
CA VAL A 175 -3.94 -22.19 -5.03
C VAL A 175 -3.80 -23.61 -4.49
N GLU A 176 -4.78 -24.06 -3.73
CA GLU A 176 -4.79 -25.43 -3.26
C GLU A 176 -5.27 -26.35 -4.40
N PHE A 177 -4.51 -27.36 -4.79
CA PHE A 177 -4.96 -28.26 -5.89
C PHE A 177 -5.25 -29.70 -5.49
N LEU A 178 -5.12 -30.00 -4.19
CA LEU A 178 -5.59 -31.27 -3.62
C LEU A 178 -4.97 -32.50 -4.31
N PHE A 179 -3.74 -32.35 -4.83
CA PHE A 179 -3.05 -33.40 -5.58
C PHE A 179 -3.78 -33.81 -6.87
N ASP A 180 -4.69 -32.97 -7.36
CA ASP A 180 -5.31 -33.16 -8.68
C ASP A 180 -4.44 -32.62 -9.85
N LEU A 181 -3.96 -33.51 -10.70
CA LEU A 181 -3.04 -33.10 -11.77
C LEU A 181 -3.78 -32.42 -12.91
N ASP A 182 -5.08 -32.65 -13.07
CA ASP A 182 -5.83 -31.88 -14.08
C ASP A 182 -5.83 -30.41 -13.69
N VAL A 183 -6.10 -30.12 -12.43
CA VAL A 183 -6.14 -28.75 -11.98
C VAL A 183 -4.72 -28.15 -12.07
N LEU A 184 -3.74 -28.90 -11.62
CA LEU A 184 -2.35 -28.43 -11.73
C LEU A 184 -1.97 -28.08 -13.16
N ALA A 185 -2.29 -28.96 -14.11
CA ALA A 185 -1.92 -28.67 -15.48
C ALA A 185 -2.57 -27.38 -15.98
N GLU A 186 -3.80 -27.10 -15.61
CA GLU A 186 -4.44 -25.87 -16.02
C GLU A 186 -3.69 -24.67 -15.49
N TRP A 187 -3.33 -24.72 -14.21
CA TRP A 187 -2.54 -23.61 -13.67
C TRP A 187 -1.14 -23.49 -14.27
N LEU A 188 -0.47 -24.60 -14.57
CA LEU A 188 0.88 -24.55 -15.13
C LEU A 188 0.94 -24.12 -16.62
N SER A 189 -0.22 -23.95 -17.23
CA SER A 189 -0.32 -23.31 -18.55
C SER A 189 -0.11 -21.80 -18.44
N ARG A 190 0.05 -21.32 -17.20
CA ARG A 190 0.40 -19.92 -16.94
C ARG A 190 1.80 -19.76 -16.33
N PRO A 191 2.85 -20.20 -17.05
CA PRO A 191 4.19 -20.26 -16.51
C PRO A 191 4.83 -18.92 -16.12
N GLU A 192 4.37 -17.83 -16.71
CA GLU A 192 4.87 -16.54 -16.33
C GLU A 192 4.17 -15.97 -15.10
N GLN A 193 3.20 -16.70 -14.55
CA GLN A 193 2.43 -16.23 -13.39
C GLN A 193 2.61 -17.09 -12.13
N VAL A 194 3.10 -18.31 -12.29
CA VAL A 194 3.19 -19.27 -11.20
C VAL A 194 4.64 -19.36 -10.69
N ALA A 195 4.84 -18.92 -9.46
CA ALA A 195 6.15 -18.92 -8.86
C ALA A 195 6.72 -20.30 -8.58
N ALA A 196 5.90 -21.19 -8.03
CA ALA A 196 6.41 -22.44 -7.48
C ALA A 196 5.28 -23.42 -7.29
N VAL A 197 5.60 -24.71 -7.19
CA VAL A 197 4.62 -25.71 -6.75
C VAL A 197 5.14 -26.35 -5.48
N VAL A 198 4.37 -26.25 -4.38
CA VAL A 198 4.81 -26.77 -3.08
C VAL A 198 3.95 -27.97 -2.74
N ILE A 199 4.57 -29.14 -2.60
CA ILE A 199 3.84 -30.36 -2.27
C ILE A 199 4.44 -31.07 -1.07
N SER A 200 3.54 -31.66 -0.29
CA SER A 200 3.91 -32.60 0.77
C SER A 200 3.73 -34.02 0.25
N PRO A 201 4.84 -34.65 -0.15
CA PRO A 201 4.70 -35.97 -0.83
C PRO A 201 4.09 -37.04 0.06
N ASP A 202 3.20 -37.84 -0.50
CA ASP A 202 2.64 -38.98 0.19
C ASP A 202 2.97 -40.21 -0.64
N HIS A 203 3.21 -41.31 0.06
CA HIS A 203 3.60 -42.53 -0.65
C HIS A 203 2.67 -43.70 -0.39
N MET A 204 1.51 -43.43 0.21
CA MET A 204 0.45 -44.43 0.41
C MET A 204 -0.69 -44.26 -0.55
N HIS A 205 -1.01 -43.02 -0.89
CA HIS A 205 -2.18 -42.73 -1.74
C HIS A 205 -1.83 -42.07 -3.06
N LEU A 206 -0.55 -41.93 -3.34
CA LEU A 206 -0.07 -41.46 -4.65
C LEU A 206 0.96 -42.42 -5.20
N GLY A 207 0.69 -42.89 -6.41
CA GLY A 207 1.54 -43.86 -7.08
C GLY A 207 2.68 -43.23 -7.85
N GLU A 208 3.56 -44.08 -8.33
CA GLU A 208 4.67 -43.73 -9.21
C GLU A 208 4.17 -42.96 -10.46
N ARG A 209 2.98 -43.28 -10.93
CA ARG A 209 2.52 -42.68 -12.17
C ARG A 209 2.13 -41.21 -11.89
N TRP A 210 1.63 -40.95 -10.69
CA TRP A 210 1.30 -39.58 -10.24
C TRP A 210 2.58 -38.74 -10.25
N TYR A 211 3.66 -39.25 -9.66
CA TYR A 211 4.91 -38.51 -9.55
C TYR A 211 5.56 -38.24 -10.91
N THR A 212 5.47 -39.19 -11.84
CA THR A 212 6.14 -38.94 -13.11
C THR A 212 5.39 -37.87 -13.88
N GLU A 213 4.05 -37.85 -13.79
CA GLU A 213 3.24 -36.82 -14.44
C GLU A 213 3.45 -35.46 -13.75
N PHE A 214 3.57 -35.50 -12.42
CA PHE A 214 3.83 -34.28 -11.66
C PHE A 214 5.14 -33.65 -12.07
N THR A 215 6.22 -34.44 -12.15
CA THR A 215 7.52 -33.93 -12.49
C THR A 215 7.54 -33.45 -13.95
N ARG A 216 6.86 -34.18 -14.82
CA ARG A 216 6.76 -33.73 -16.20
C ARG A 216 6.11 -32.35 -16.34
N LEU A 217 4.96 -32.16 -15.69
CA LEU A 217 4.20 -30.95 -15.78
C LEU A 217 5.02 -29.79 -15.30
N THR A 218 5.67 -29.98 -14.15
CA THR A 218 6.47 -28.90 -13.58
C THR A 218 7.74 -28.60 -14.37
N LYS A 219 8.40 -29.64 -14.90
CA LYS A 219 9.51 -29.38 -15.77
C LYS A 219 9.11 -28.63 -17.06
N GLU A 220 8.00 -29.04 -17.68
CA GLU A 220 7.53 -28.43 -18.93
C GLU A 220 7.25 -26.95 -18.74
N ALA A 221 6.68 -26.61 -17.58
CA ALA A 221 6.37 -25.22 -17.25
C ALA A 221 7.53 -24.41 -16.71
N ASP A 222 8.61 -25.09 -16.40
CA ASP A 222 9.82 -24.53 -15.80
C ASP A 222 9.48 -23.82 -14.49
N VAL A 223 8.60 -24.44 -13.74
CA VAL A 223 8.21 -23.93 -12.43
C VAL A 223 8.91 -24.76 -11.34
N PRO A 224 9.64 -24.10 -10.42
CA PRO A 224 10.35 -24.88 -9.39
C PRO A 224 9.42 -25.58 -8.40
N VAL A 225 9.89 -26.73 -7.92
CA VAL A 225 9.14 -27.53 -6.95
C VAL A 225 9.82 -27.34 -5.59
N ILE A 226 9.00 -27.00 -4.62
CA ILE A 226 9.35 -26.99 -3.19
C ILE A 226 8.77 -28.30 -2.64
N ALA A 227 9.69 -29.21 -2.27
CA ALA A 227 9.29 -30.48 -1.65
C ALA A 227 9.22 -30.31 -0.12
N ASP A 228 7.98 -30.27 0.36
CA ASP A 228 7.71 -30.24 1.80
C ASP A 228 7.85 -31.66 2.33
N GLU A 229 9.07 -31.98 2.72
CA GLU A 229 9.41 -33.32 3.24
C GLU A 229 9.56 -33.31 4.77
N VAL A 230 8.81 -32.40 5.38
CA VAL A 230 8.84 -32.32 6.84
C VAL A 230 8.48 -33.67 7.48
N LYS A 231 7.54 -34.40 6.90
CA LYS A 231 7.15 -35.73 7.41
C LYS A 231 7.99 -36.83 6.80
N VAL A 232 8.20 -36.78 5.49
CA VAL A 232 8.79 -37.89 4.74
C VAL A 232 10.27 -37.86 4.48
N GLY A 233 10.89 -36.72 4.72
CA GLY A 233 12.31 -36.52 4.47
C GLY A 233 13.10 -37.32 5.52
N LEU A 234 13.94 -38.24 5.04
CA LEU A 234 14.71 -39.16 5.90
C LEU A 234 13.84 -40.27 6.55
N ARG A 235 12.57 -40.36 6.18
CA ARG A 235 11.63 -41.29 6.81
C ARG A 235 11.92 -42.71 6.35
N TYR A 236 12.29 -42.86 5.08
CA TYR A 236 12.39 -44.20 4.50
C TYR A 236 13.82 -44.65 4.27
N ARG A 237 14.72 -43.70 4.14
CA ARG A 237 16.11 -43.93 3.76
C ARG A 237 16.88 -42.69 4.14
N ALA A 238 18.21 -42.73 3.99
CA ALA A 238 19.09 -41.59 4.25
C ALA A 238 19.08 -40.56 3.13
N GLY A 239 17.94 -39.90 2.96
CA GLY A 239 17.74 -38.90 1.93
C GLY A 239 16.26 -38.59 1.79
N LEU A 240 15.94 -37.80 0.79
CA LEU A 240 14.56 -37.48 0.52
C LEU A 240 13.75 -38.67 0.00
N SER A 241 12.44 -38.58 0.06
CA SER A 241 11.55 -39.72 -0.08
C SER A 241 11.39 -40.31 -1.48
N THR A 242 11.59 -39.53 -2.52
CA THR A 242 11.55 -40.16 -3.87
C THR A 242 12.45 -39.57 -4.92
N PRO A 243 13.12 -40.46 -5.68
CA PRO A 243 13.93 -39.94 -6.79
C PRO A 243 13.07 -39.44 -7.97
N LEU A 244 11.75 -39.69 -7.92
CA LEU A 244 10.83 -39.29 -9.02
C LEU A 244 10.45 -37.81 -8.91
N LEU A 245 10.97 -37.14 -7.88
CA LEU A 245 10.92 -35.70 -7.79
C LEU A 245 12.31 -35.09 -7.97
N ASP A 246 12.37 -33.88 -8.49
CA ASP A 246 13.62 -33.16 -8.59
C ASP A 246 13.41 -31.78 -7.99
N PRO A 247 13.42 -31.69 -6.66
CA PRO A 247 12.96 -30.39 -6.16
C PRO A 247 14.05 -29.35 -6.20
N ALA A 248 13.64 -28.11 -6.38
CA ALA A 248 14.54 -26.97 -6.34
C ALA A 248 14.86 -26.60 -4.90
N VAL A 249 13.87 -26.81 -4.02
CA VAL A 249 14.02 -26.56 -2.60
C VAL A 249 13.40 -27.70 -1.82
N TRP A 250 14.05 -28.13 -0.74
CA TRP A 250 13.52 -29.14 0.17
C TRP A 250 13.37 -28.57 1.58
N ILE A 251 12.46 -29.17 2.34
CA ILE A 251 12.37 -28.97 3.80
C ILE A 251 12.26 -30.32 4.48
N VAL A 252 13.02 -30.53 5.55
CA VAL A 252 12.88 -31.68 6.40
C VAL A 252 12.75 -31.21 7.84
N ALA A 253 12.22 -32.07 8.71
CA ALA A 253 12.16 -31.66 10.12
C ALA A 253 11.84 -32.82 11.06
N LYS A 254 10.74 -33.53 10.88
CA LYS A 254 10.38 -34.51 11.87
C LYS A 254 11.45 -35.57 12.10
N CYS A 255 12.18 -35.97 11.05
CA CYS A 255 13.18 -37.04 11.20
C CYS A 255 14.56 -36.52 11.64
N LEU A 256 14.67 -35.23 11.97
CA LEU A 256 15.95 -34.55 12.13
C LEU A 256 16.49 -34.56 13.54
N ALA A 257 15.61 -34.52 14.57
CA ALA A 257 16.10 -34.21 15.90
C ALA A 257 15.44 -34.94 17.08
N ASN A 258 14.79 -36.05 16.78
CA ASN A 258 14.12 -36.88 17.76
C ASN A 258 13.14 -36.10 18.64
N GLY A 259 12.48 -35.15 18.01
CA GLY A 259 11.48 -34.37 18.71
C GLY A 259 11.88 -32.95 19.06
N SER A 260 13.19 -32.65 19.17
CA SER A 260 13.66 -31.31 19.48
C SER A 260 13.30 -30.39 18.29
N PRO A 261 13.11 -29.09 18.58
CA PRO A 261 12.48 -28.20 17.60
C PRO A 261 13.45 -27.67 16.59
N VAL A 262 13.65 -28.46 15.55
CA VAL A 262 14.60 -28.07 14.50
C VAL A 262 13.97 -28.48 13.16
N ALA A 263 13.96 -27.57 12.21
CA ALA A 263 13.60 -27.86 10.84
C ALA A 263 14.75 -27.37 9.97
N ALA A 264 14.94 -27.95 8.81
CA ALA A 264 16.00 -27.51 7.91
C ALA A 264 15.46 -27.38 6.49
N VAL A 265 16.09 -26.49 5.74
CA VAL A 265 15.78 -26.29 4.35
C VAL A 265 17.02 -26.25 3.54
N GLY A 266 16.87 -26.49 2.25
CA GLY A 266 17.98 -26.23 1.36
C GLY A 266 17.60 -26.31 -0.09
N GLY A 267 18.59 -25.98 -0.92
CA GLY A 267 18.47 -26.04 -2.38
C GLY A 267 19.09 -24.83 -3.04
N ASP A 268 18.41 -24.33 -4.07
CA ASP A 268 18.99 -23.42 -5.04
C ASP A 268 19.29 -22.06 -4.42
N ALA A 269 20.51 -21.58 -4.61
CA ALA A 269 20.91 -20.35 -3.98
C ALA A 269 20.18 -19.10 -4.43
N HIS A 270 19.89 -18.99 -5.71
CA HIS A 270 19.14 -17.84 -6.22
C HIS A 270 17.73 -17.82 -5.65
N LEU A 271 17.08 -18.98 -5.67
CA LEU A 271 15.70 -19.04 -5.19
C LEU A 271 15.60 -18.75 -3.68
N LEU A 272 16.64 -19.11 -2.92
CA LEU A 272 16.66 -18.90 -1.48
C LEU A 272 17.38 -17.63 -1.06
N ALA A 273 17.67 -16.74 -2.01
CA ALA A 273 18.42 -15.56 -1.66
C ALA A 273 17.83 -14.73 -0.52
N ALA A 274 16.49 -14.64 -0.48
CA ALA A 274 15.86 -13.84 0.57
C ALA A 274 16.02 -14.37 1.98
N LEU A 275 16.50 -15.62 2.10
CA LEU A 275 16.80 -16.13 3.42
C LEU A 275 17.89 -15.36 4.14
N GLU A 276 18.66 -14.54 3.42
CA GLU A 276 19.63 -13.67 4.08
C GLU A 276 18.99 -12.77 5.13
N ASP A 277 17.69 -12.53 5.01
CA ASP A 277 16.95 -11.68 5.95
C ASP A 277 16.47 -12.45 7.18
N VAL A 278 16.76 -13.73 7.29
CA VAL A 278 16.27 -14.49 8.44
C VAL A 278 17.33 -14.60 9.54
N SER A 279 16.93 -14.21 10.74
CA SER A 279 17.67 -14.46 11.95
C SER A 279 16.62 -14.57 13.06
N PHE A 280 16.90 -15.41 14.05
CA PHE A 280 16.07 -15.45 15.26
C PHE A 280 16.96 -15.69 16.47
N THR A 281 16.44 -15.30 17.63
CA THR A 281 17.21 -15.17 18.84
C THR A 281 17.85 -16.48 19.23
N SER A 282 17.11 -17.59 19.10
CA SER A 282 17.56 -18.90 19.56
C SER A 282 18.36 -19.66 18.53
N TYR A 283 18.87 -18.97 17.50
CA TYR A 283 19.45 -19.67 16.37
C TYR A 283 20.55 -20.65 16.79
N PHE A 284 21.34 -20.26 17.78
CA PHE A 284 22.52 -21.07 18.16
C PHE A 284 22.24 -21.88 19.41
N GLU A 285 20.99 -22.03 19.77
CA GLU A 285 20.68 -22.70 21.02
C GLU A 285 21.29 -24.12 21.03
N PRO A 286 22.12 -24.43 22.04
CA PRO A 286 22.95 -25.65 21.93
C PRO A 286 22.26 -26.97 22.13
N THR A 287 21.19 -27.03 22.92
CA THR A 287 20.50 -28.31 23.09
C THR A 287 19.81 -28.78 21.81
N ALA A 288 19.13 -27.88 21.12
CA ALA A 288 18.55 -28.25 19.81
C ALA A 288 19.61 -28.66 18.80
N MET A 289 20.71 -27.93 18.75
CA MET A 289 21.77 -28.26 17.83
C MET A 289 22.34 -29.66 18.19
N ALA A 290 22.43 -29.96 19.47
CA ALA A 290 22.97 -31.26 19.88
C ALA A 290 22.02 -32.38 19.42
N ALA A 291 20.73 -32.17 19.63
CA ALA A 291 19.78 -33.17 19.29
C ALA A 291 19.82 -33.44 17.77
N ALA A 292 19.86 -32.39 16.96
CA ALA A 292 19.81 -32.53 15.52
C ALA A 292 21.10 -33.18 15.01
N THR A 293 22.24 -32.75 15.52
CA THR A 293 23.48 -33.30 15.03
CA THR A 293 23.49 -33.31 15.00
C THR A 293 23.57 -34.79 15.35
N THR A 294 23.20 -35.16 16.58
CA THR A 294 23.27 -36.54 17.04
C THR A 294 22.26 -37.43 16.30
N THR A 295 21.03 -36.95 16.15
CA THR A 295 20.01 -37.70 15.45
C THR A 295 20.34 -37.83 13.97
N LEU A 296 20.71 -36.73 13.33
CA LEU A 296 21.05 -36.77 11.91
C LEU A 296 22.22 -37.74 11.65
N ARG A 297 23.21 -37.77 12.52
CA ARG A 297 24.32 -38.74 12.32
C ARG A 297 23.78 -40.16 12.19
N ARG A 298 22.81 -40.54 13.03
CA ARG A 298 22.19 -41.85 12.94
C ARG A 298 21.28 -42.04 11.74
N MET A 299 20.45 -41.05 11.47
CA MET A 299 19.54 -41.16 10.35
C MET A 299 20.30 -41.17 9.02
N ALA A 300 21.47 -40.54 8.98
CA ALA A 300 22.27 -40.50 7.75
C ALA A 300 22.84 -41.86 7.36
N THR A 301 22.81 -42.82 8.29
CA THR A 301 23.31 -44.18 8.04
C THR A 301 22.26 -45.04 7.37
N GLY A 302 20.99 -44.66 7.48
CA GLY A 302 19.91 -45.50 7.06
C GLY A 302 19.53 -46.62 8.01
N GLU A 303 20.29 -46.81 9.10
CA GLU A 303 20.04 -47.93 9.98
C GLU A 303 18.73 -47.84 10.75
N PRO A 304 18.44 -46.65 11.34
CA PRO A 304 17.15 -46.61 12.00
C PRO A 304 15.94 -46.89 11.12
N GLN A 305 15.95 -46.33 9.91
CA GLN A 305 14.86 -46.50 8.95
C GLN A 305 14.69 -47.97 8.55
N GLN A 306 15.81 -48.65 8.41
CA GLN A 306 15.82 -50.10 8.11
C GLN A 306 15.30 -50.95 9.23
N ALA A 307 15.64 -50.60 10.47
CA ALA A 307 15.12 -51.29 11.64
C ALA A 307 13.64 -51.07 11.80
N ILE A 308 13.18 -49.82 11.63
CA ILE A 308 11.79 -49.50 11.79
C ILE A 308 10.97 -50.21 10.72
N ARG A 309 11.48 -50.20 9.49
CA ARG A 309 10.74 -50.83 8.37
C ARG A 309 10.53 -52.30 8.65
N ALA A 310 11.58 -52.99 9.07
CA ALA A 310 11.43 -54.41 9.37
C ALA A 310 10.44 -54.68 10.48
N ALA A 311 10.60 -53.96 11.61
CA ALA A 311 9.73 -54.20 12.74
C ALA A 311 8.29 -53.78 12.43
N GLY A 312 8.12 -52.58 11.88
CA GLY A 312 6.79 -52.16 11.47
C GLY A 312 6.16 -53.11 10.46
N ASP A 313 6.96 -53.62 9.54
CA ASP A 313 6.43 -54.56 8.51
C ASP A 313 5.94 -55.86 9.16
N ARG A 314 6.66 -56.32 10.20
CA ARG A 314 6.19 -57.47 10.95
C ARG A 314 4.88 -57.17 11.63
N PHE A 315 4.77 -55.99 12.24
CA PHE A 315 3.51 -55.63 12.88
C PHE A 315 2.32 -55.52 11.93
N ILE A 316 2.55 -54.86 10.80
CA ILE A 316 1.57 -54.71 9.71
C ILE A 316 1.14 -56.10 9.24
N ALA A 317 2.09 -56.98 8.99
CA ALA A 317 1.75 -58.37 8.52
C ALA A 317 0.89 -59.08 9.54
N HIS A 318 1.26 -58.96 10.82
CA HIS A 318 0.52 -59.62 11.88
C HIS A 318 -0.88 -59.05 11.99
N THR A 319 -0.98 -57.72 11.93
CA THR A 319 -2.28 -57.06 12.09
C THR A 319 -3.28 -57.37 10.94
N ARG A 320 -2.75 -57.37 9.72
CA ARG A 320 -3.53 -57.76 8.54
C ARG A 320 -4.11 -59.17 8.70
N ALA A 321 -3.26 -60.09 9.14
CA ALA A 321 -3.71 -61.49 9.36
C ALA A 321 -4.72 -61.60 10.50
N ALA A 322 -4.52 -60.84 11.56
CA ALA A 322 -5.43 -60.84 12.68
C ALA A 322 -6.80 -60.30 12.32
N PHE A 323 -6.82 -59.18 11.62
CA PHE A 323 -8.06 -58.58 11.19
C PHE A 323 -8.76 -59.50 10.17
N ALA A 324 -8.00 -60.07 9.24
CA ALA A 324 -8.57 -61.03 8.25
C ALA A 324 -9.18 -62.26 8.95
N ASN A 325 -8.45 -62.80 9.91
CA ASN A 325 -8.94 -63.93 10.72
C ASN A 325 -10.21 -63.59 11.50
N ALA A 326 -10.28 -62.38 12.03
CA ALA A 326 -11.43 -61.96 12.80
C ALA A 326 -12.60 -61.34 12.01
N GLY A 327 -12.45 -61.22 10.69
CA GLY A 327 -13.51 -60.61 9.88
C GLY A 327 -13.68 -59.12 10.20
N VAL A 328 -12.59 -58.42 10.50
CA VAL A 328 -12.63 -56.99 10.84
C VAL A 328 -12.29 -56.17 9.60
N PRO A 329 -13.18 -55.24 9.21
CA PRO A 329 -13.09 -54.55 7.92
C PRO A 329 -12.23 -53.28 8.00
N ILE A 330 -10.95 -53.54 8.16
CA ILE A 330 -9.92 -52.46 8.25
C ILE A 330 -8.72 -52.97 7.45
N ASP A 331 -8.30 -52.17 6.45
CA ASP A 331 -7.14 -52.45 5.64
C ASP A 331 -6.04 -51.57 6.20
N LEU A 332 -4.80 -51.89 5.85
CA LEU A 332 -3.62 -51.09 6.18
C LEU A 332 -2.98 -50.68 4.87
N ALA A 333 -2.59 -49.40 4.82
CA ALA A 333 -1.79 -48.87 3.71
C ALA A 333 -0.44 -48.46 4.23
N GLY A 334 0.55 -48.38 3.33
CA GLY A 334 1.88 -47.92 3.66
C GLY A 334 2.84 -49.04 4.00
N ASN A 335 3.83 -48.74 4.83
CA ASN A 335 4.83 -49.72 5.21
C ASN A 335 5.26 -49.50 6.65
N GLY A 336 6.26 -50.24 7.11
CA GLY A 336 6.63 -50.18 8.51
C GLY A 336 7.13 -48.83 8.98
N ASN A 337 7.71 -48.04 8.08
CA ASN A 337 8.11 -46.66 8.43
C ASN A 337 6.93 -45.70 8.63
N LEU A 338 5.88 -45.86 7.84
CA LEU A 338 4.73 -44.96 7.87
C LEU A 338 3.56 -45.71 7.27
N PHE A 339 2.53 -45.93 8.07
CA PHE A 339 1.37 -46.66 7.61
C PHE A 339 0.09 -46.05 8.12
N GLN A 340 -1.05 -46.51 7.64
CA GLN A 340 -2.34 -45.99 8.00
C GLN A 340 -3.38 -47.08 8.03
N PHE A 341 -4.31 -46.94 8.94
CA PHE A 341 -5.51 -47.77 8.97
C PHE A 341 -6.60 -47.12 8.13
N VAL A 342 -7.20 -47.92 7.28
CA VAL A 342 -8.29 -47.49 6.41
C VAL A 342 -9.51 -48.30 6.85
N CYS A 343 -10.40 -47.69 7.61
CA CYS A 343 -11.56 -48.42 8.14
C CYS A 343 -12.71 -48.36 7.16
N ALA A 344 -13.57 -49.39 7.18
CA ALA A 344 -14.74 -49.37 6.28
C ALA A 344 -15.49 -48.04 6.41
N ASP A 345 -15.67 -47.55 7.64
CA ASP A 345 -16.43 -46.34 7.91
C ASP A 345 -16.10 -45.80 9.29
N ASP A 346 -16.67 -44.66 9.65
CA ASP A 346 -16.34 -43.99 10.91
C ASP A 346 -16.80 -44.73 12.16
N GLU A 347 -17.84 -45.53 12.06
CA GLU A 347 -18.25 -46.32 13.22
C GLU A 347 -17.22 -47.41 13.52
N VAL A 348 -16.72 -48.07 12.48
CA VAL A 348 -15.64 -49.02 12.60
C VAL A 348 -14.43 -48.30 13.18
N ALA A 349 -14.12 -47.10 12.66
CA ALA A 349 -12.92 -46.41 13.13
C ALA A 349 -13.02 -46.05 14.61
N ASP A 350 -14.16 -45.52 15.04
CA ASP A 350 -14.34 -45.17 16.43
C ASP A 350 -14.20 -46.42 17.30
N ALA A 351 -14.86 -47.49 16.90
CA ALA A 351 -14.77 -48.76 17.63
C ALA A 351 -13.34 -49.29 17.72
N PHE A 352 -12.65 -49.25 16.59
CA PHE A 352 -11.23 -49.58 16.56
C PHE A 352 -10.39 -48.74 17.53
N HIS A 353 -10.59 -47.43 17.52
CA HIS A 353 -9.78 -46.57 18.41
C HIS A 353 -10.08 -46.83 19.87
N ALA A 354 -11.35 -47.04 20.20
CA ALA A 354 -11.68 -47.34 21.59
C ALA A 354 -11.06 -48.66 22.06
N ALA A 355 -11.11 -49.68 21.20
CA ALA A 355 -10.48 -51.00 21.46
C ALA A 355 -8.97 -50.91 21.58
N ALA A 356 -8.37 -50.10 20.70
CA ALA A 356 -6.95 -49.94 20.75
C ALA A 356 -6.50 -49.27 22.07
N ALA A 357 -7.14 -48.18 22.45
CA ALA A 357 -6.83 -47.51 23.72
C ALA A 357 -7.02 -48.42 24.91
N ALA A 358 -8.04 -49.26 24.83
CA ALA A 358 -8.23 -50.22 25.92
C ALA A 358 -7.10 -51.22 26.07
N GLU A 359 -6.33 -51.51 25.01
CA GLU A 359 -5.17 -52.37 25.05
C GLU A 359 -3.88 -51.59 25.16
N GLY A 360 -3.98 -50.26 25.31
CA GLY A 360 -2.78 -49.43 25.44
C GLY A 360 -1.98 -49.27 24.17
N LEU A 361 -2.61 -49.43 23.01
CA LEU A 361 -1.97 -49.05 21.75
C LEU A 361 -2.31 -47.58 21.48
N LEU A 362 -1.31 -46.72 21.33
CA LEU A 362 -1.54 -45.30 21.03
C LEU A 362 -1.25 -45.01 19.56
N PHE A 363 -2.32 -44.90 18.82
CA PHE A 363 -2.27 -44.56 17.40
C PHE A 363 -2.62 -43.08 17.22
N PHE A 364 -2.08 -42.48 16.16
CA PHE A 364 -2.47 -41.13 15.75
C PHE A 364 -3.77 -41.25 14.97
N GLU A 365 -4.88 -40.97 15.68
CA GLU A 365 -6.18 -41.32 15.14
C GLU A 365 -6.50 -40.60 13.82
N GLY A 366 -6.82 -41.39 12.79
CA GLY A 366 -7.24 -40.86 11.49
C GLY A 366 -6.08 -40.36 10.65
N ASP A 367 -4.86 -40.65 11.07
CA ASP A 367 -3.70 -40.05 10.43
C ASP A 367 -2.70 -41.17 10.25
N ASN A 368 -1.42 -40.87 10.08
CA ASN A 368 -0.46 -41.94 9.94
C ASN A 368 0.24 -42.39 11.20
N GLN A 369 0.62 -43.65 11.16
CA GLN A 369 1.38 -44.25 12.26
C GLN A 369 2.83 -44.33 11.87
N THR A 370 3.70 -43.96 12.82
CA THR A 370 5.15 -43.82 12.54
C THR A 370 5.94 -44.37 13.72
N PRO A 371 6.28 -45.68 13.68
CA PRO A 371 7.07 -46.22 14.77
C PRO A 371 8.44 -45.58 14.84
N SER A 372 9.09 -45.66 15.99
CA SER A 372 10.47 -45.26 16.16
C SER A 372 11.40 -46.49 16.22
N ALA A 373 12.69 -46.25 16.21
CA ALA A 373 13.65 -47.34 16.16
C ALA A 373 13.66 -48.14 17.45
N ALA A 374 13.04 -47.63 18.51
CA ALA A 374 12.83 -48.42 19.73
C ALA A 374 11.67 -49.43 19.64
N PHE A 375 10.94 -49.42 18.54
CA PHE A 375 9.95 -50.45 18.24
C PHE A 375 10.69 -51.67 17.70
N THR A 376 11.26 -52.40 18.64
CA THR A 376 12.20 -53.50 18.35
C THR A 376 11.41 -54.79 18.54
N ASP A 377 12.05 -55.94 18.33
CA ASP A 377 11.35 -57.21 18.35
C ASP A 377 10.50 -57.50 19.60
N GLU A 378 10.98 -57.33 20.83
CA GLU A 378 10.10 -57.63 21.97
C GLU A 378 8.88 -56.68 22.03
N VAL A 379 9.06 -55.45 21.58
CA VAL A 379 7.95 -54.50 21.59
C VAL A 379 6.94 -54.90 20.51
N VAL A 380 7.45 -55.38 19.40
CA VAL A 380 6.63 -55.84 18.27
C VAL A 380 5.76 -56.99 18.75
N GLU A 381 6.37 -57.93 19.46
CA GLU A 381 5.60 -59.02 20.05
C GLU A 381 4.48 -58.55 20.98
N ASP A 382 4.79 -57.57 21.85
CA ASP A 382 3.81 -57.02 22.74
C ASP A 382 2.64 -56.38 21.95
N ALA A 383 2.98 -55.56 20.97
CA ALA A 383 1.98 -54.89 20.14
C ALA A 383 1.11 -55.86 19.34
N CYS A 384 1.69 -56.97 18.88
CA CYS A 384 0.90 -58.02 18.18
C CYS A 384 -0.11 -58.67 19.10
N GLY A 385 0.30 -58.95 20.34
CA GLY A 385 -0.63 -59.37 21.38
C GLY A 385 -1.78 -58.41 21.60
N ARG A 386 -1.47 -57.12 21.68
CA ARG A 386 -2.50 -56.14 21.91
C ARG A 386 -3.48 -56.09 20.73
N ILE A 387 -2.96 -56.21 19.52
CA ILE A 387 -3.75 -56.23 18.30
C ILE A 387 -4.65 -57.47 18.27
N ASP A 388 -4.15 -58.61 18.75
CA ASP A 388 -5.02 -59.80 18.87
C ASP A 388 -6.21 -59.50 19.74
N ARG A 389 -5.99 -58.83 20.88
CA ARG A 389 -7.08 -58.42 21.74
C ARG A 389 -8.04 -57.39 21.15
N VAL A 390 -7.50 -56.42 20.41
CA VAL A 390 -8.34 -55.54 19.61
C VAL A 390 -9.24 -56.31 18.65
N SER A 391 -8.65 -57.25 17.93
CA SER A 391 -9.37 -58.04 16.92
C SER A 391 -10.53 -58.79 17.60
N ALA A 392 -10.24 -59.42 18.74
CA ALA A 392 -11.27 -60.08 19.56
C ALA A 392 -12.39 -59.15 20.00
N ALA A 393 -12.05 -57.91 20.37
CA ALA A 393 -13.06 -56.94 20.79
C ALA A 393 -13.89 -56.42 19.62
N LEU A 394 -13.36 -56.56 18.40
CA LEU A 394 -14.08 -56.11 17.21
C LEU A 394 -14.81 -57.24 16.49
N THR A 395 -14.49 -58.49 16.84
CA THR A 395 -14.96 -59.65 16.07
C THR A 395 -16.48 -59.66 16.16
N GLY A 396 -17.14 -59.92 15.04
CA GLY A 396 -18.58 -60.19 15.03
C GLY A 396 -19.43 -58.94 15.02
N ARG A 397 -18.77 -57.79 15.08
CA ARG A 397 -19.50 -56.53 15.19
C ARG A 397 -19.68 -55.86 13.83
N PHE A 398 -18.76 -56.09 12.90
CA PHE A 398 -18.74 -55.37 11.62
C PHE A 398 -18.39 -56.29 10.43
N THR A 399 -18.56 -57.61 10.61
CA THR A 399 -18.12 -58.61 9.64
C THR A 399 -18.66 -58.37 8.23
N ASP A 400 -19.89 -57.85 8.19
CA ASP A 400 -20.65 -57.65 6.96
C ASP A 400 -20.12 -56.45 6.13
N ARG A 401 -19.45 -55.51 6.79
CA ARG A 401 -19.07 -54.25 6.14
C ARG A 401 -17.83 -54.41 5.34
N GLU A 402 -17.65 -53.48 4.41
CA GLU A 402 -16.60 -53.57 3.43
C GLU A 402 -16.05 -52.17 3.18
N LEU A 403 -14.76 -52.14 2.91
CA LEU A 403 -14.11 -50.96 2.36
C LEU A 403 -14.77 -50.63 1.02
N THR A 404 -15.04 -49.34 0.81
CA THR A 404 -15.47 -48.83 -0.50
C THR A 404 -14.48 -47.76 -0.96
N GLU A 405 -14.59 -47.30 -2.21
CA GLU A 405 -13.82 -46.13 -2.63
C GLU A 405 -13.96 -44.93 -1.69
N GLU A 406 -15.14 -44.73 -1.10
CA GLU A 406 -15.35 -43.66 -0.13
C GLU A 406 -14.47 -43.81 1.11
N SER A 407 -14.28 -45.06 1.55
CA SER A 407 -13.35 -45.32 2.65
C SER A 407 -11.96 -44.82 2.31
N TRP A 408 -11.50 -45.14 1.12
CA TRP A 408 -10.16 -44.75 0.66
C TRP A 408 -9.98 -43.23 0.53
N TYR A 409 -10.99 -42.57 -0.07
CA TYR A 409 -10.99 -41.11 -0.17
C TYR A 409 -10.97 -40.43 1.18
N ALA A 410 -11.81 -40.90 2.09
CA ALA A 410 -11.88 -40.33 3.44
C ALA A 410 -10.55 -40.46 4.18
N SER A 411 -9.93 -41.64 4.09
CA SER A 411 -8.68 -41.89 4.78
C SER A 411 -7.53 -41.06 4.19
N ALA A 412 -7.46 -40.97 2.86
CA ALA A 412 -6.43 -40.15 2.20
C ALA A 412 -6.58 -38.67 2.55
N TRP A 413 -7.82 -38.20 2.58
CA TRP A 413 -8.12 -36.80 2.93
C TRP A 413 -7.58 -36.42 4.32
N GLY A 414 -7.70 -37.35 5.28
CA GLY A 414 -7.13 -37.16 6.61
C GLY A 414 -5.62 -37.26 6.74
N ALA A 415 -4.99 -38.23 6.10
CA ALA A 415 -3.58 -38.47 6.29
C ALA A 415 -2.72 -37.55 5.43
N MET A 416 -3.21 -37.25 4.22
CA MET A 416 -2.42 -36.51 3.23
C MET A 416 -2.99 -35.14 2.82
N ASP A 417 -4.20 -34.83 3.26
CA ASP A 417 -4.80 -33.52 3.12
C ASP A 417 -5.15 -33.17 1.67
N GLY A 418 -5.55 -34.19 0.92
CA GLY A 418 -5.90 -34.01 -0.47
C GLY A 418 -6.61 -35.22 -1.03
N LEU A 419 -6.72 -35.26 -2.36
CA LEU A 419 -7.44 -36.31 -3.06
C LEU A 419 -6.58 -37.53 -3.38
N ALA A 420 -7.11 -38.69 -2.98
CA ALA A 420 -6.45 -39.93 -3.29
C ALA A 420 -6.34 -40.07 -4.82
N ASP A 421 -5.25 -40.66 -5.26
CA ASP A 421 -4.98 -40.88 -6.67
C ASP A 421 -5.76 -42.06 -7.27
N ARG A 422 -7.01 -41.81 -7.62
CA ARG A 422 -7.91 -42.82 -8.17
C ARG A 422 -8.69 -42.17 -9.32
N PRO A 423 -8.96 -42.92 -10.40
CA PRO A 423 -9.55 -42.30 -11.59
C PRO A 423 -10.83 -41.51 -11.39
N ARG A 424 -10.89 -40.34 -12.01
CA ARG A 424 -12.09 -39.53 -12.00
C ARG A 424 -12.09 -38.58 -13.19
N THR A 425 -13.28 -38.12 -13.56
CA THR A 425 -13.45 -36.99 -14.47
C THR A 425 -13.26 -35.69 -13.70
N ARG A 426 -12.98 -34.62 -14.46
CA ARG A 426 -12.95 -33.29 -13.88
C ARG A 426 -14.29 -32.99 -13.17
N GLU A 427 -15.41 -33.49 -13.70
CA GLU A 427 -16.71 -33.29 -13.06
C GLU A 427 -16.88 -34.05 -11.74
N GLU A 428 -16.33 -35.26 -11.67
CA GLU A 428 -16.37 -36.07 -10.45
C GLU A 428 -15.42 -35.55 -9.34
N THR A 429 -14.26 -35.04 -9.71
CA THR A 429 -13.45 -34.26 -8.76
C THR A 429 -14.31 -33.22 -8.03
N THR A 430 -15.08 -32.42 -8.77
CA THR A 430 -15.90 -31.37 -8.17
C THR A 430 -16.88 -31.92 -7.14
N ALA A 431 -17.64 -32.92 -7.57
CA ALA A 431 -18.55 -33.67 -6.70
C ALA A 431 -17.88 -34.24 -5.46
N ILE A 432 -16.76 -34.96 -5.66
CA ILE A 432 -16.02 -35.57 -4.56
C ILE A 432 -15.51 -34.54 -3.55
N VAL A 433 -15.09 -33.38 -4.06
CA VAL A 433 -14.66 -32.29 -3.20
C VAL A 433 -15.82 -31.70 -2.41
N GLU A 434 -16.98 -31.48 -3.06
CA GLU A 434 -18.14 -30.98 -2.33
C GLU A 434 -18.38 -31.89 -1.13
N ARG A 435 -18.47 -33.20 -1.40
CA ARG A 435 -18.67 -34.18 -0.35
C ARG A 435 -17.69 -34.00 0.81
N LEU A 436 -16.41 -33.89 0.50
CA LEU A 436 -15.37 -33.90 1.52
C LEU A 436 -15.04 -32.54 2.13
N TRP A 437 -15.30 -31.46 1.38
CA TRP A 437 -15.06 -30.11 1.90
C TRP A 437 -16.19 -29.74 2.87
N GLY B 30 29.82 -21.95 6.58
CA GLY B 30 29.26 -20.57 6.37
C GLY B 30 28.90 -20.26 4.92
N LYS B 31 29.78 -20.63 4.00
CA LYS B 31 29.47 -20.67 2.56
C LYS B 31 28.10 -21.31 2.28
N LEU B 32 27.80 -22.31 3.08
CA LEU B 32 26.66 -23.14 2.88
C LEU B 32 25.41 -22.43 3.39
N LEU B 33 25.58 -21.49 4.32
CA LEU B 33 24.40 -20.99 5.04
C LEU B 33 23.70 -19.91 4.24
N ALA B 34 22.43 -20.13 3.90
CA ALA B 34 21.64 -19.13 3.20
C ALA B 34 21.17 -17.94 4.07
N GLN B 35 21.05 -18.20 5.36
CA GLN B 35 20.62 -17.20 6.30
C GLN B 35 21.78 -16.36 6.84
N GLU B 36 21.47 -15.26 7.51
CA GLU B 36 22.50 -14.38 8.12
C GLU B 36 22.14 -14.12 9.58
N PRO B 37 22.42 -15.11 10.43
CA PRO B 37 22.06 -14.97 11.85
C PRO B 37 22.78 -13.83 12.52
N THR B 38 22.05 -13.13 13.36
CA THR B 38 22.67 -12.14 14.23
C THR B 38 23.54 -12.86 15.25
N CYS B 39 24.80 -12.47 15.30
CA CYS B 39 25.73 -13.04 16.25
C CYS B 39 26.93 -12.11 16.33
N PRO B 40 27.79 -12.34 17.34
CA PRO B 40 29.07 -11.61 17.30
C PRO B 40 29.95 -11.92 16.09
N ARG B 41 30.48 -10.86 15.47
CA ARG B 41 31.27 -11.00 14.25
C ARG B 41 32.57 -10.24 14.43
N ASP B 42 33.63 -10.71 13.80
CA ASP B 42 34.89 -9.98 13.84
C ASP B 42 34.88 -8.76 12.94
N ALA B 43 36.04 -8.11 12.85
CA ALA B 43 36.19 -6.93 12.00
C ALA B 43 35.83 -7.19 10.54
N ASP B 44 36.17 -8.39 10.06
CA ASP B 44 35.85 -8.82 8.70
C ASP B 44 34.39 -9.23 8.48
N GLY B 45 33.56 -9.26 9.53
CA GLY B 45 32.19 -9.74 9.35
C GLY B 45 31.98 -11.24 9.52
N ARG B 46 33.00 -11.96 9.95
CA ARG B 46 32.94 -13.41 10.11
C ARG B 46 32.44 -13.73 11.52
N PRO B 47 31.52 -14.70 11.66
CA PRO B 47 31.06 -15.02 13.03
C PRO B 47 32.22 -15.40 13.99
N ARG B 48 32.23 -14.88 15.20
CA ARG B 48 33.20 -15.27 16.25
C ARG B 48 32.82 -16.61 16.77
N VAL B 49 33.78 -17.53 16.86
CA VAL B 49 33.51 -18.89 17.30
C VAL B 49 33.79 -19.02 18.80
N PHE B 50 32.83 -19.58 19.54
CA PHE B 50 33.04 -19.94 20.94
C PHE B 50 32.75 -21.42 21.14
N VAL B 51 33.63 -22.12 21.85
CA VAL B 51 33.55 -23.58 21.88
C VAL B 51 32.94 -24.12 23.16
N GLU B 52 32.81 -23.28 24.17
CA GLU B 52 32.13 -23.64 25.40
C GLU B 52 31.82 -22.40 26.18
N GLY B 53 30.94 -22.54 27.15
CA GLY B 53 30.66 -21.41 28.03
C GLY B 53 30.02 -21.89 29.30
N SER B 54 30.15 -21.03 30.30
CA SER B 54 29.58 -21.29 31.61
C SER B 54 29.41 -20.01 32.38
N GLY B 55 28.22 -19.79 32.92
CA GLY B 55 27.97 -18.59 33.67
C GLY B 55 28.06 -17.36 32.79
N ALA B 56 29.00 -16.49 33.11
CA ALA B 56 29.21 -15.26 32.35
C ALA B 56 30.36 -15.34 31.40
N TYR B 57 31.06 -16.50 31.34
CA TYR B 57 32.31 -16.62 30.60
C TYR B 57 32.19 -17.56 29.41
N LEU B 58 32.74 -17.13 28.30
CA LEU B 58 32.79 -17.92 27.11
C LEU B 58 34.25 -18.24 26.85
N THR B 59 34.51 -19.36 26.23
CA THR B 59 35.90 -19.72 25.85
C THR B 59 36.02 -19.84 24.34
N ASP B 60 37.01 -19.15 23.77
CA ASP B 60 37.27 -19.18 22.34
C ASP B 60 38.18 -20.34 21.96
N PRO B 61 38.43 -20.55 20.65
CA PRO B 61 39.20 -21.75 20.31
C PRO B 61 40.66 -21.70 20.72
N ASP B 62 41.14 -20.51 21.07
CA ASP B 62 42.49 -20.39 21.65
C ASP B 62 42.53 -20.55 23.18
N GLY B 63 41.39 -20.77 23.83
CA GLY B 63 41.37 -20.85 25.29
C GLY B 63 41.20 -19.53 26.03
N ARG B 64 41.03 -18.44 25.29
CA ARG B 64 40.83 -17.17 25.91
C ARG B 64 39.39 -17.05 26.41
N ARG B 65 39.25 -16.43 27.56
CA ARG B 65 37.96 -16.30 28.21
C ARG B 65 37.39 -14.91 28.02
N TRP B 66 36.14 -14.85 27.59
CA TRP B 66 35.47 -13.56 27.39
C TRP B 66 34.24 -13.43 28.29
N ILE B 67 33.90 -12.21 28.64
CA ILE B 67 32.74 -11.95 29.47
C ILE B 67 31.58 -11.62 28.54
N ASP B 68 30.49 -12.37 28.65
CA ASP B 68 29.35 -12.21 27.72
C ASP B 68 28.30 -11.23 28.28
N PHE B 69 28.10 -10.12 27.56
CA PHE B 69 26.99 -9.20 27.77
C PHE B 69 25.88 -9.34 26.72
N ASP B 70 26.08 -10.20 25.73
CA ASP B 70 25.12 -10.42 24.62
C ASP B 70 24.12 -11.50 25.03
N ASN B 71 24.64 -12.63 25.47
CA ASN B 71 23.81 -13.64 26.16
C ASN B 71 22.66 -14.07 25.29
N ALA B 72 23.02 -14.53 24.11
CA ALA B 72 22.04 -14.98 23.09
C ALA B 72 20.93 -13.94 22.87
N ARG B 73 21.37 -12.73 22.56
CA ARG B 73 20.48 -11.58 22.36
C ARG B 73 19.56 -11.37 23.57
N GLY B 74 20.09 -11.61 24.78
CA GLY B 74 19.32 -11.38 26.02
C GLY B 74 18.40 -12.50 26.42
N SER B 75 18.51 -13.66 25.77
CA SER B 75 17.71 -14.78 26.18
C SER B 75 18.33 -15.65 27.28
N VAL B 76 19.64 -15.55 27.49
CA VAL B 76 20.25 -16.24 28.65
C VAL B 76 20.28 -15.23 29.81
N VAL B 77 19.34 -15.41 30.72
CA VAL B 77 19.18 -14.48 31.83
C VAL B 77 19.69 -15.07 33.14
N LEU B 78 19.76 -16.39 33.24
CA LEU B 78 20.29 -17.04 34.43
C LEU B 78 21.78 -17.25 34.35
N GLY B 79 22.28 -17.44 33.13
CA GLY B 79 23.67 -17.81 32.96
C GLY B 79 23.82 -19.04 32.09
N HIS B 80 24.88 -19.09 31.31
CA HIS B 80 25.09 -20.22 30.41
C HIS B 80 25.34 -21.47 31.26
N GLY B 81 24.62 -22.54 30.95
CA GLY B 81 24.83 -23.76 31.68
C GLY B 81 24.24 -23.80 33.08
N ASP B 82 23.30 -22.91 33.40
CA ASP B 82 22.74 -22.84 34.73
C ASP B 82 22.34 -24.25 35.16
N GLU B 83 22.82 -24.68 36.32
CA GLU B 83 22.73 -26.10 36.63
C GLU B 83 21.31 -26.53 36.97
N GLU B 84 20.51 -25.70 37.62
CA GLU B 84 19.14 -26.13 37.89
C GLU B 84 18.33 -26.38 36.61
N VAL B 85 18.48 -25.45 35.66
CA VAL B 85 17.89 -25.63 34.35
C VAL B 85 18.46 -26.86 33.68
N ALA B 86 19.79 -27.02 33.72
CA ALA B 86 20.37 -28.18 33.03
C ALA B 86 19.87 -29.53 33.56
N GLU B 87 19.74 -29.64 34.87
CA GLU B 87 19.29 -30.89 35.48
C GLU B 87 17.87 -31.17 35.00
N ALA B 88 17.06 -30.12 34.90
CA ALA B 88 15.68 -30.29 34.48
C ALA B 88 15.60 -30.72 33.03
N ILE B 89 16.44 -30.11 32.20
CA ILE B 89 16.49 -30.45 30.79
C ILE B 89 16.97 -31.90 30.61
N ALA B 90 17.95 -32.31 31.39
CA ALA B 90 18.51 -33.67 31.26
C ALA B 90 17.50 -34.70 31.67
N ARG B 91 16.78 -34.43 32.76
CA ARG B 91 15.71 -35.34 33.14
C ARG B 91 14.63 -35.44 32.05
N ALA B 92 14.29 -34.32 31.47
CA ALA B 92 13.29 -34.30 30.40
C ALA B 92 13.80 -35.04 29.17
N ALA B 93 15.10 -34.91 28.87
CA ALA B 93 15.71 -35.59 27.74
C ALA B 93 15.69 -37.12 27.90
N ARG B 94 15.57 -37.60 29.13
CA ARG B 94 15.51 -39.02 29.44
C ARG B 94 14.10 -39.52 29.65
N GLY B 95 13.14 -38.69 29.30
CA GLY B 95 11.75 -39.14 29.26
C GLY B 95 11.09 -39.14 30.61
N ARG B 96 11.69 -38.48 31.60
CA ARG B 96 11.15 -38.54 32.97
C ARG B 96 10.08 -37.50 33.33
N SER B 97 9.85 -36.57 32.41
CA SER B 97 9.10 -35.37 32.65
C SER B 97 8.18 -35.09 31.47
N GLY B 98 7.52 -36.14 30.99
CA GLY B 98 6.61 -36.08 29.86
C GLY B 98 7.24 -36.53 28.54
N VAL B 99 6.40 -36.65 27.54
CA VAL B 99 6.80 -37.01 26.19
C VAL B 99 6.24 -36.02 25.20
N GLY B 100 6.92 -35.88 24.06
CA GLY B 100 6.44 -35.04 22.98
C GLY B 100 5.13 -35.43 22.37
N THR B 101 4.70 -36.67 22.59
CA THR B 101 3.42 -37.11 22.08
C THR B 101 2.22 -36.47 22.68
N ALA B 102 2.29 -36.04 23.95
CA ALA B 102 1.08 -35.77 24.69
C ALA B 102 1.20 -34.75 25.78
N TRP B 103 0.04 -34.27 26.20
CA TRP B 103 -0.08 -33.41 27.36
C TRP B 103 0.60 -34.05 28.56
N SER B 104 1.20 -33.20 29.38
CA SER B 104 1.79 -33.63 30.63
C SER B 104 1.53 -32.63 31.72
N PRO B 105 1.71 -33.03 32.99
CA PRO B 105 1.53 -32.09 34.08
C PRO B 105 2.42 -30.87 34.06
N VAL B 106 3.60 -30.97 33.47
CA VAL B 106 4.50 -29.83 33.39
C VAL B 106 3.84 -28.72 32.58
N LEU B 107 3.06 -29.11 31.57
CA LEU B 107 2.38 -28.07 30.78
C LEU B 107 1.37 -27.33 31.62
N ASP B 108 0.60 -28.06 32.43
CA ASP B 108 -0.34 -27.40 33.33
C ASP B 108 0.35 -26.36 34.22
N SER B 109 1.51 -26.76 34.76
CA SER B 109 2.27 -25.89 35.65
CA SER B 109 2.29 -25.91 35.64
C SER B 109 2.72 -24.65 34.88
N LEU B 110 3.28 -24.84 33.70
CA LEU B 110 3.75 -23.70 32.89
C LEU B 110 2.65 -22.68 32.54
N LEU B 111 1.52 -23.15 32.04
CA LEU B 111 0.42 -22.28 31.65
C LEU B 111 -0.10 -21.51 32.88
N GLY B 112 -0.22 -22.21 34.01
CA GLY B 112 -0.57 -21.57 35.28
C GLY B 112 0.37 -20.50 35.75
N GLN B 113 1.66 -20.78 35.66
CA GLN B 113 2.69 -19.84 36.04
C GLN B 113 2.61 -18.62 35.12
N LEU B 114 2.45 -18.84 33.82
CA LEU B 114 2.39 -17.69 32.89
C LEU B 114 1.25 -16.73 33.19
N GLN B 115 0.07 -17.27 33.43
CA GLN B 115 -1.09 -16.44 33.70
C GLN B 115 -0.97 -15.71 35.03
N GLU B 116 -0.38 -16.35 36.06
CA GLU B 116 -0.19 -15.67 37.35
C GLU B 116 0.76 -14.49 37.23
N VAL B 117 1.84 -14.65 36.49
CA VAL B 117 2.83 -13.62 36.39
C VAL B 117 2.46 -12.50 35.44
N CYS B 118 1.91 -12.85 34.27
CA CYS B 118 1.61 -11.86 33.22
C CYS B 118 0.15 -11.45 33.15
N GLY B 119 -0.77 -12.25 33.68
CA GLY B 119 -2.18 -11.91 33.53
C GLY B 119 -2.80 -12.37 32.22
N GLY B 120 -4.11 -12.18 32.10
CA GLY B 120 -4.89 -12.44 30.90
C GLY B 120 -5.89 -13.57 31.04
N ASP B 121 -6.88 -13.59 30.17
CA ASP B 121 -7.93 -14.61 30.15
C ASP B 121 -7.29 -15.94 29.71
N VAL B 122 -6.46 -15.89 28.67
CA VAL B 122 -5.95 -17.10 28.02
C VAL B 122 -4.47 -16.92 27.72
N VAL B 123 -3.79 -18.06 27.49
CA VAL B 123 -2.36 -18.03 27.15
CA VAL B 123 -2.32 -18.14 27.25
C VAL B 123 -2.06 -18.97 25.99
N GLY B 124 -0.93 -18.76 25.32
CA GLY B 124 -0.55 -19.64 24.22
C GLY B 124 0.98 -19.67 24.20
N LEU B 125 1.48 -20.65 23.45
CA LEU B 125 2.94 -20.92 23.41
C LEU B 125 3.40 -21.01 21.97
N TYR B 126 4.64 -20.59 21.72
CA TYR B 126 5.25 -20.64 20.40
C TYR B 126 6.72 -20.97 20.53
N ARG B 127 7.38 -21.24 19.40
CA ARG B 127 8.81 -21.51 19.42
C ARG B 127 9.75 -20.31 19.26
N THR B 128 9.27 -19.19 18.73
CA THR B 128 10.08 -18.01 18.56
C THR B 128 9.15 -16.78 18.80
N GLY B 129 9.77 -15.68 19.13
CA GLY B 129 9.12 -14.40 19.19
C GLY B 129 8.53 -14.02 17.86
N THR B 130 9.23 -14.28 16.75
CA THR B 130 8.72 -14.00 15.42
C THR B 130 7.35 -14.67 15.24
N ALA B 131 7.28 -15.97 15.52
CA ALA B 131 6.07 -16.73 15.35
C ALA B 131 4.94 -16.22 16.21
N ALA B 132 5.25 -15.95 17.46
CA ALA B 132 4.26 -15.43 18.42
C ALA B 132 3.67 -14.10 17.92
N LEU B 133 4.53 -13.20 17.49
CA LEU B 133 4.09 -11.86 17.04
C LEU B 133 3.25 -11.96 15.78
N ARG B 134 3.65 -12.80 14.84
CA ARG B 134 2.85 -12.91 13.65
C ARG B 134 1.46 -13.48 13.99
N SER B 135 1.46 -14.53 14.81
CA SER B 135 0.20 -15.21 15.10
C SER B 135 -0.73 -14.28 15.83
N VAL B 136 -0.24 -13.63 16.89
CA VAL B 136 -1.17 -12.76 17.65
C VAL B 136 -1.62 -11.56 16.82
N THR B 137 -0.75 -10.99 16.01
CA THR B 137 -1.16 -9.84 15.18
C THR B 137 -2.26 -10.23 14.20
N CYS B 138 -2.06 -11.36 13.53
CA CYS B 138 -3.08 -11.90 12.62
C CYS B 138 -4.39 -12.21 13.35
N ALA B 139 -4.32 -12.76 14.57
CA ALA B 139 -5.54 -13.14 15.31
C ALA B 139 -6.28 -11.87 15.73
N VAL B 140 -5.57 -10.88 16.24
CA VAL B 140 -6.24 -9.66 16.72
C VAL B 140 -6.86 -8.93 15.52
N ARG B 141 -6.15 -8.87 14.40
CA ARG B 141 -6.69 -8.24 13.19
C ARG B 141 -7.96 -8.94 12.75
N ASP B 142 -7.96 -10.28 12.77
CA ASP B 142 -9.13 -11.06 12.37
C ASP B 142 -10.30 -10.79 13.28
N ALA B 143 -10.08 -10.80 14.60
CA ALA B 143 -11.15 -10.55 15.56
C ALA B 143 -11.73 -9.14 15.43
N ARG B 144 -10.87 -8.16 15.16
CA ARG B 144 -11.26 -6.75 15.04
C ARG B 144 -11.94 -6.43 13.73
N ASP B 145 -11.76 -7.29 12.72
CA ASP B 145 -12.22 -7.09 11.34
C ASP B 145 -11.85 -5.70 10.80
N ARG B 146 -10.60 -5.30 10.98
CA ARG B 146 -10.14 -3.97 10.59
C ARG B 146 -8.74 -4.17 10.02
N SER B 147 -8.31 -3.31 9.09
CA SER B 147 -7.20 -3.66 8.21
C SER B 147 -5.83 -3.12 8.62
N ILE B 148 -5.80 -2.02 9.36
CA ILE B 148 -4.56 -1.30 9.65
C ILE B 148 -4.01 -1.67 11.05
N VAL B 149 -2.72 -1.92 11.13
CA VAL B 149 -2.01 -2.11 12.41
C VAL B 149 -0.90 -1.07 12.51
N LEU B 150 -0.90 -0.31 13.60
CA LEU B 150 0.17 0.64 13.86
CA LEU B 150 0.14 0.64 13.89
C LEU B 150 1.24 -0.03 14.72
N SER B 151 2.51 0.07 14.32
CA SER B 151 3.60 -0.69 14.94
C SER B 151 4.82 0.18 15.19
N SER B 152 5.43 -0.01 16.36
CA SER B 152 6.81 0.41 16.57
C SER B 152 7.61 -0.70 17.24
N GLY B 153 8.91 -0.71 16.94
CA GLY B 153 9.79 -1.72 17.51
C GLY B 153 9.92 -2.94 16.63
N TYR B 154 10.97 -3.70 16.92
CA TYR B 154 11.23 -4.92 16.20
C TYR B 154 10.29 -6.02 16.68
N HIS B 155 9.74 -6.78 15.74
CA HIS B 155 8.74 -7.84 16.08
C HIS B 155 9.17 -9.19 15.50
N GLY B 156 10.39 -9.29 14.96
CA GLY B 156 10.87 -10.53 14.35
C GLY B 156 11.14 -10.44 12.86
N TYR B 157 11.51 -11.57 12.25
CA TYR B 157 12.05 -11.57 10.91
C TYR B 157 11.01 -11.69 9.80
N ASP B 158 9.73 -11.91 10.15
CA ASP B 158 8.76 -12.25 9.17
C ASP B 158 8.57 -11.11 8.17
N PRO B 159 8.40 -11.44 6.90
CA PRO B 159 8.25 -10.33 5.95
C PRO B 159 7.03 -9.44 6.13
N MET B 160 6.01 -9.84 6.90
CA MET B 160 4.90 -8.96 7.14
C MET B 160 5.26 -7.57 7.66
N TRP B 161 6.40 -7.49 8.36
CA TRP B 161 6.86 -6.22 8.98
C TRP B 161 7.72 -5.40 8.04
N HIS B 162 8.09 -5.95 6.90
CA HIS B 162 9.00 -5.18 6.07
CA HIS B 162 8.99 -5.27 5.97
C HIS B 162 8.28 -4.01 5.42
N CYS B 163 9.01 -2.90 5.36
CA CYS B 163 8.46 -1.77 4.64
C CYS B 163 9.55 -0.92 4.06
N ASP B 164 9.13 -0.18 3.03
CA ASP B 164 10.05 0.60 2.25
C ASP B 164 10.17 1.99 2.83
N GLU B 165 9.16 2.41 3.57
CA GLU B 165 9.27 3.70 4.25
C GLU B 165 8.41 3.68 5.48
N PRO B 166 8.74 4.51 6.47
CA PRO B 166 7.89 4.64 7.62
C PRO B 166 6.66 5.53 7.38
N PHE B 167 5.68 5.38 8.27
CA PHE B 167 4.59 6.32 8.39
C PHE B 167 3.49 6.11 7.33
N THR B 168 3.59 5.05 6.54
CA THR B 168 2.58 4.72 5.54
C THR B 168 2.40 3.23 5.51
N PRO B 169 1.21 2.76 5.11
CA PRO B 169 0.97 1.32 5.19
C PRO B 169 1.82 0.54 4.22
N ASN B 170 2.37 -0.56 4.72
CA ASN B 170 2.94 -1.55 3.80
C ASN B 170 1.85 -2.36 3.13
N GLN B 171 2.27 -3.31 2.27
CA GLN B 171 1.28 -4.15 1.62
C GLN B 171 0.50 -5.08 2.54
N HIS B 172 0.95 -5.25 3.79
CA HIS B 172 0.24 -6.03 4.78
C HIS B 172 -0.56 -5.15 5.76
N GLY B 173 -0.71 -3.85 5.45
CA GLY B 173 -1.55 -3.01 6.27
C GLY B 173 -0.88 -2.50 7.54
N ILE B 174 0.44 -2.67 7.62
CA ILE B 174 1.19 -2.31 8.81
C ILE B 174 1.80 -0.94 8.58
N VAL B 175 1.64 -0.03 9.55
CA VAL B 175 2.25 1.31 9.53
C VAL B 175 3.33 1.44 10.61
N GLU B 176 4.58 1.62 10.22
CA GLU B 176 5.67 1.82 11.20
C GLU B 176 5.62 3.27 11.64
N PHE B 177 5.51 3.52 12.94
CA PHE B 177 5.52 4.91 13.42
C PHE B 177 6.71 5.33 14.24
N LEU B 178 7.70 4.45 14.39
CA LEU B 178 9.00 4.78 14.97
C LEU B 178 8.90 5.45 16.35
N PHE B 179 7.85 5.10 17.10
CA PHE B 179 7.64 5.64 18.46
C PHE B 179 7.39 7.16 18.41
N ASP B 180 7.01 7.68 17.24
CA ASP B 180 6.59 9.07 17.13
C ASP B 180 5.11 9.22 17.44
N LEU B 181 4.78 9.88 18.57
CA LEU B 181 3.39 9.93 18.97
C LEU B 181 2.59 10.93 18.16
N ASP B 182 3.25 11.89 17.49
CA ASP B 182 2.53 12.76 16.58
C ASP B 182 2.04 11.96 15.38
N VAL B 183 2.89 11.10 14.83
CA VAL B 183 2.42 10.21 13.76
C VAL B 183 1.33 9.28 14.26
N LEU B 184 1.54 8.69 15.45
CA LEU B 184 0.51 7.79 16.00
C LEU B 184 -0.82 8.55 16.11
N ALA B 185 -0.78 9.76 16.65
CA ALA B 185 -2.02 10.53 16.79
C ALA B 185 -2.73 10.81 15.46
N GLU B 186 -1.97 11.07 14.40
CA GLU B 186 -2.54 11.21 13.08
C GLU B 186 -3.27 9.95 12.66
N TRP B 187 -2.63 8.80 12.83
CA TRP B 187 -3.31 7.54 12.49
C TRP B 187 -4.51 7.22 13.34
N LEU B 188 -4.45 7.54 14.64
CA LEU B 188 -5.57 7.26 15.51
C LEU B 188 -6.70 8.28 15.35
N SER B 189 -6.52 9.32 14.54
CA SER B 189 -7.58 10.30 14.35
C SER B 189 -8.78 9.73 13.57
N ARG B 190 -8.60 8.62 12.84
CA ARG B 190 -9.70 7.79 12.31
C ARG B 190 -9.53 6.35 12.80
N PRO B 191 -9.95 6.13 14.02
CA PRO B 191 -9.58 4.91 14.73
C PRO B 191 -10.37 3.69 14.28
N GLU B 192 -11.47 3.88 13.55
CA GLU B 192 -12.27 2.72 13.14
C GLU B 192 -11.62 1.81 12.11
N GLN B 193 -10.61 2.26 11.37
CA GLN B 193 -9.88 1.38 10.48
C GLN B 193 -8.69 0.70 11.16
N VAL B 194 -8.38 1.08 12.40
CA VAL B 194 -7.17 0.58 13.07
C VAL B 194 -7.52 -0.62 13.96
N ALA B 195 -6.94 -1.77 13.63
CA ALA B 195 -7.17 -3.00 14.39
C ALA B 195 -6.49 -2.98 15.74
N ALA B 196 -5.23 -2.56 15.75
CA ALA B 196 -4.40 -2.66 16.92
C ALA B 196 -3.20 -1.77 16.79
N VAL B 197 -2.60 -1.47 17.95
CA VAL B 197 -1.30 -0.85 18.00
C VAL B 197 -0.34 -1.81 18.72
N VAL B 198 0.78 -2.11 18.06
CA VAL B 198 1.70 -3.10 18.59
C VAL B 198 3.04 -2.39 18.80
N ILE B 199 3.54 -2.42 20.04
CA ILE B 199 4.80 -1.75 20.35
C ILE B 199 5.70 -2.70 21.15
N SER B 200 6.99 -2.56 20.89
CA SER B 200 8.05 -3.20 21.68
C SER B 200 8.59 -2.17 22.67
N PRO B 201 8.14 -2.26 23.95
CA PRO B 201 8.49 -1.16 24.85
C PRO B 201 9.99 -1.01 25.11
N ASP B 202 10.49 0.21 25.01
CA ASP B 202 11.81 0.55 25.43
C ASP B 202 11.76 1.43 26.68
N HIS B 203 12.76 1.22 27.54
CA HIS B 203 12.86 2.03 28.76
C HIS B 203 14.20 2.72 28.92
N MET B 204 15.06 2.62 27.93
CA MET B 204 16.29 3.43 27.89
C MET B 204 16.04 4.82 27.35
N HIS B 205 15.14 4.92 26.36
CA HIS B 205 14.98 6.20 25.64
C HIS B 205 13.55 6.74 25.61
N LEU B 206 12.61 6.00 26.20
CA LEU B 206 11.22 6.40 26.33
C LEU B 206 10.95 6.42 27.83
N GLY B 207 10.43 7.54 28.30
CA GLY B 207 10.09 7.68 29.73
C GLY B 207 8.62 7.79 30.03
N GLU B 208 8.33 8.18 31.27
CA GLU B 208 6.98 8.11 31.82
C GLU B 208 6.09 9.01 30.96
N ARG B 209 6.60 10.15 30.51
CA ARG B 209 5.80 11.06 29.71
C ARG B 209 5.36 10.39 28.39
N TRP B 210 6.27 9.66 27.77
CA TRP B 210 5.94 8.97 26.51
C TRP B 210 4.82 7.97 26.76
N TYR B 211 5.01 7.07 27.74
CA TYR B 211 4.00 6.08 28.04
C TYR B 211 2.63 6.64 28.42
N THR B 212 2.60 7.68 29.24
CA THR B 212 1.34 8.33 29.60
C THR B 212 0.54 8.82 28.36
N GLU B 213 1.26 9.42 27.43
CA GLU B 213 0.65 9.94 26.19
C GLU B 213 0.27 8.81 25.24
N PHE B 214 1.14 7.80 25.11
CA PHE B 214 0.82 6.61 24.34
C PHE B 214 -0.51 6.01 24.79
N THR B 215 -0.62 5.78 26.10
CA THR B 215 -1.80 5.15 26.62
C THR B 215 -3.04 6.06 26.55
N ARG B 216 -2.82 7.36 26.76
CA ARG B 216 -3.91 8.32 26.59
C ARG B 216 -4.51 8.24 25.17
N LEU B 217 -3.61 8.25 24.20
CA LEU B 217 -4.02 8.19 22.79
C LEU B 217 -4.76 6.93 22.45
N THR B 218 -4.23 5.78 22.88
CA THR B 218 -4.87 4.53 22.52
C THR B 218 -6.19 4.26 23.25
N LYS B 219 -6.29 4.74 24.47
CA LYS B 219 -7.55 4.65 25.20
C LYS B 219 -8.57 5.58 24.56
N GLU B 220 -8.14 6.77 24.18
CA GLU B 220 -9.07 7.69 23.49
C GLU B 220 -9.62 7.05 22.22
N ALA B 221 -8.75 6.42 21.43
CA ALA B 221 -9.18 5.80 20.18
C ALA B 221 -9.99 4.52 20.38
N ASP B 222 -9.86 3.94 21.57
CA ASP B 222 -10.43 2.65 21.92
C ASP B 222 -9.92 1.55 21.00
N VAL B 223 -8.60 1.53 20.83
CA VAL B 223 -7.92 0.55 19.98
C VAL B 223 -7.03 -0.29 20.89
N PRO B 224 -7.10 -1.62 20.73
CA PRO B 224 -6.31 -2.45 21.65
C PRO B 224 -4.80 -2.39 21.41
N VAL B 225 -4.03 -2.57 22.49
CA VAL B 225 -2.58 -2.49 22.47
C VAL B 225 -2.06 -3.94 22.62
N ILE B 226 -1.17 -4.29 21.72
CA ILE B 226 -0.38 -5.53 21.78
C ILE B 226 0.98 -5.11 22.32
N ALA B 227 1.35 -5.61 23.50
CA ALA B 227 2.65 -5.30 24.07
C ALA B 227 3.64 -6.42 23.73
N ASP B 228 4.56 -6.09 22.82
CA ASP B 228 5.59 -7.05 22.44
C ASP B 228 6.70 -6.96 23.46
N GLU B 229 6.57 -7.75 24.51
CA GLU B 229 7.55 -7.79 25.61
C GLU B 229 8.49 -8.97 25.47
N VAL B 230 8.76 -9.38 24.24
CA VAL B 230 9.73 -10.45 23.97
C VAL B 230 11.08 -10.18 24.64
N LYS B 231 11.52 -8.93 24.62
CA LYS B 231 12.78 -8.55 25.22
C LYS B 231 12.64 -8.05 26.66
N VAL B 232 11.58 -7.27 26.92
CA VAL B 232 11.52 -6.62 28.23
C VAL B 232 10.62 -7.30 29.26
N GLY B 233 9.85 -8.28 28.84
CA GLY B 233 8.93 -8.97 29.75
C GLY B 233 9.75 -9.84 30.67
N LEU B 234 9.54 -9.65 31.98
CA LEU B 234 10.32 -10.27 33.04
C LEU B 234 11.77 -9.77 33.15
N ARG B 235 12.18 -8.83 32.33
CA ARG B 235 13.57 -8.37 32.34
C ARG B 235 13.96 -7.53 33.56
N TYR B 236 13.03 -6.67 33.94
CA TYR B 236 13.28 -5.72 35.02
C TYR B 236 12.62 -6.13 36.33
N ARG B 237 11.68 -7.07 36.29
CA ARG B 237 10.82 -7.33 37.41
C ARG B 237 10.05 -8.60 37.13
N ALA B 238 9.42 -9.10 38.17
CA ALA B 238 8.61 -10.28 38.08
C ALA B 238 7.26 -10.01 37.45
N GLY B 239 7.28 -9.66 36.17
CA GLY B 239 6.09 -9.32 35.43
C GLY B 239 6.43 -8.51 34.19
N LEU B 240 5.40 -7.99 33.55
CA LEU B 240 5.56 -7.09 32.42
C LEU B 240 6.24 -5.79 32.83
N SER B 241 6.88 -5.12 31.87
CA SER B 241 7.74 -3.98 32.15
C SER B 241 7.07 -2.69 32.67
N THR B 242 5.83 -2.39 32.30
CA THR B 242 5.28 -1.08 32.79
C THR B 242 3.80 -1.15 33.12
N PRO B 243 3.39 -0.64 34.28
CA PRO B 243 1.96 -0.51 34.55
C PRO B 243 1.37 0.69 33.80
N LEU B 244 2.23 1.45 33.11
CA LEU B 244 1.79 2.57 32.28
C LEU B 244 1.19 2.15 30.92
N LEU B 245 1.31 0.87 30.55
CA LEU B 245 0.58 0.25 29.41
C LEU B 245 -0.54 -0.62 29.94
N ASP B 246 -1.66 -0.67 29.22
CA ASP B 246 -2.76 -1.57 29.56
C ASP B 246 -2.97 -2.54 28.41
N PRO B 247 -2.09 -3.55 28.26
CA PRO B 247 -2.28 -4.26 27.01
C PRO B 247 -3.45 -5.25 26.96
N ALA B 248 -4.08 -5.37 25.79
CA ALA B 248 -5.05 -6.41 25.54
C ALA B 248 -4.37 -7.78 25.35
N VAL B 249 -3.18 -7.75 24.78
CA VAL B 249 -2.38 -8.95 24.48
C VAL B 249 -0.93 -8.65 24.84
N TRP B 250 -0.25 -9.63 25.44
CA TRP B 250 1.21 -9.53 25.71
C TRP B 250 1.91 -10.72 25.07
N ILE B 251 3.21 -10.55 24.81
CA ILE B 251 4.12 -11.61 24.41
C ILE B 251 5.38 -11.47 25.26
N VAL B 252 5.88 -12.59 25.79
CA VAL B 252 7.21 -12.64 26.41
C VAL B 252 7.98 -13.82 25.83
N ALA B 253 9.31 -13.75 25.88
CA ALA B 253 10.09 -14.86 25.37
C ALA B 253 11.52 -14.91 25.89
N LYS B 254 12.28 -13.86 25.66
CA LYS B 254 13.69 -13.98 25.99
C LYS B 254 13.97 -14.30 27.43
N CYS B 255 13.15 -13.80 28.35
CA CYS B 255 13.38 -14.00 29.78
C CYS B 255 12.73 -15.28 30.34
N LEU B 256 12.20 -16.15 29.49
CA LEU B 256 11.28 -17.19 29.91
C LEU B 256 12.02 -18.54 30.15
N ALA B 257 13.13 -18.80 29.44
CA ALA B 257 13.58 -20.19 29.35
C ALA B 257 15.10 -20.32 29.22
N ASN B 258 15.80 -19.29 29.67
CA ASN B 258 17.26 -19.27 29.62
C ASN B 258 17.84 -19.67 28.27
N GLY B 259 17.15 -19.31 27.20
CA GLY B 259 17.65 -19.52 25.83
C GLY B 259 16.97 -20.64 25.07
N SER B 260 16.33 -21.57 25.78
CA SER B 260 15.57 -22.64 25.14
C SER B 260 14.40 -22.00 24.33
N PRO B 261 13.98 -22.60 23.21
CA PRO B 261 13.14 -21.86 22.26
C PRO B 261 11.69 -21.89 22.71
N VAL B 262 11.28 -20.94 23.55
CA VAL B 262 9.90 -20.86 24.03
C VAL B 262 9.49 -19.36 24.09
N ALA B 263 8.30 -19.06 23.55
CA ALA B 263 7.71 -17.73 23.65
C ALA B 263 6.29 -17.97 24.13
N ALA B 264 5.74 -17.03 24.86
CA ALA B 264 4.39 -17.19 25.37
C ALA B 264 3.60 -15.91 25.08
N VAL B 265 2.29 -16.04 25.01
CA VAL B 265 1.43 -14.89 24.75
C VAL B 265 0.23 -15.07 25.69
N GLY B 266 -0.49 -14.00 25.93
CA GLY B 266 -1.76 -14.11 26.65
C GLY B 266 -2.53 -12.81 26.59
N GLY B 267 -3.77 -12.89 27.04
CA GLY B 267 -4.60 -11.71 27.08
C GLY B 267 -6.03 -12.07 26.77
N ASP B 268 -6.67 -11.18 26.03
CA ASP B 268 -8.11 -11.22 25.90
C ASP B 268 -8.61 -12.40 25.08
N ALA B 269 -9.57 -13.16 25.60
CA ALA B 269 -9.98 -14.38 24.94
C ALA B 269 -10.60 -14.20 23.56
N HIS B 270 -11.36 -13.11 23.40
CA HIS B 270 -12.03 -12.85 22.14
C HIS B 270 -11.03 -12.43 21.05
N LEU B 271 -10.12 -11.54 21.43
CA LEU B 271 -9.08 -11.10 20.52
C LEU B 271 -8.18 -12.23 20.06
N LEU B 272 -7.97 -13.22 20.93
CA LEU B 272 -7.09 -14.34 20.62
C LEU B 272 -7.85 -15.60 20.21
N ALA B 273 -9.11 -15.44 19.87
CA ALA B 273 -9.89 -16.58 19.41
C ALA B 273 -9.28 -17.44 18.31
N ALA B 274 -8.66 -16.79 17.32
CA ALA B 274 -8.13 -17.53 16.18
C ALA B 274 -6.93 -18.39 16.57
N LEU B 275 -6.38 -18.18 17.74
CA LEU B 275 -5.34 -19.11 18.23
C LEU B 275 -5.80 -20.55 18.34
N GLU B 276 -7.11 -20.78 18.33
CA GLU B 276 -7.59 -22.17 18.23
C GLU B 276 -7.06 -22.95 17.04
N ASP B 277 -6.65 -22.25 16.00
CA ASP B 277 -6.10 -22.83 14.78
C ASP B 277 -4.59 -23.14 14.90
N VAL B 278 -3.95 -22.80 16.02
CA VAL B 278 -2.51 -22.99 16.10
C VAL B 278 -2.23 -24.34 16.75
N SER B 279 -1.39 -25.10 16.07
CA SER B 279 -0.82 -26.33 16.59
C SER B 279 0.48 -26.56 15.83
N PHE B 280 1.46 -27.10 16.51
CA PHE B 280 2.72 -27.44 15.89
C PHE B 280 3.28 -28.71 16.49
N THR B 281 4.07 -29.41 15.69
CA THR B 281 4.49 -30.76 16.02
C THR B 281 5.22 -30.86 17.36
N SER B 282 6.10 -29.91 17.60
CA SER B 282 6.91 -29.93 18.81
C SER B 282 6.25 -29.31 20.04
N TYR B 283 4.94 -29.10 19.99
CA TYR B 283 4.25 -28.40 21.05
C TYR B 283 4.55 -28.92 22.46
N PHE B 284 4.61 -30.24 22.61
CA PHE B 284 4.77 -30.86 23.93
C PHE B 284 6.20 -31.28 24.23
N GLU B 285 7.15 -30.78 23.45
CA GLU B 285 8.51 -31.20 23.63
C GLU B 285 8.98 -30.93 25.07
N PRO B 286 9.43 -31.98 25.76
CA PRO B 286 9.61 -31.82 27.20
C PRO B 286 10.85 -31.00 27.62
N THR B 287 11.94 -30.96 26.85
CA THR B 287 13.09 -30.18 27.30
C THR B 287 12.78 -28.66 27.35
N ALA B 288 12.09 -28.17 26.33
CA ALA B 288 11.70 -26.78 26.31
C ALA B 288 10.79 -26.47 27.48
N MET B 289 9.83 -27.35 27.75
CA MET B 289 8.97 -27.11 28.87
C MET B 289 9.67 -27.15 30.20
N ALA B 290 10.65 -28.04 30.32
CA ALA B 290 11.47 -28.06 31.53
C ALA B 290 12.26 -26.78 31.71
N ALA B 291 12.87 -26.31 30.63
CA ALA B 291 13.62 -25.06 30.75
C ALA B 291 12.74 -23.84 31.12
N ALA B 292 11.57 -23.77 30.53
CA ALA B 292 10.65 -22.64 30.76
C ALA B 292 10.07 -22.70 32.17
N THR B 293 9.60 -23.85 32.63
CA THR B 293 9.04 -23.96 33.99
CA THR B 293 9.04 -23.92 33.97
C THR B 293 10.09 -23.61 35.02
N THR B 294 11.30 -24.16 34.85
CA THR B 294 12.40 -23.92 35.79
C THR B 294 12.82 -22.46 35.84
N THR B 295 13.03 -21.86 34.66
CA THR B 295 13.42 -20.47 34.56
C THR B 295 12.33 -19.49 35.05
N LEU B 296 11.10 -19.77 34.66
CA LEU B 296 9.99 -18.89 35.08
C LEU B 296 9.83 -18.91 36.58
N ARG B 297 10.00 -20.05 37.23
CA ARG B 297 9.89 -20.15 38.68
CA ARG B 297 9.88 -20.12 38.69
C ARG B 297 10.89 -19.19 39.35
N ARG B 298 12.10 -19.13 38.82
CA ARG B 298 13.07 -18.19 39.33
C ARG B 298 12.81 -16.73 39.02
N MET B 299 12.43 -16.49 37.77
CA MET B 299 12.18 -15.10 37.37
C MET B 299 10.94 -14.54 38.08
N ALA B 300 10.01 -15.40 38.46
CA ALA B 300 8.78 -14.94 39.14
C ALA B 300 9.05 -14.41 40.54
N THR B 301 10.22 -14.69 41.13
CA THR B 301 10.58 -14.18 42.45
C THR B 301 11.07 -12.74 42.41
N GLY B 302 11.48 -12.30 41.22
CA GLY B 302 12.18 -11.03 41.08
C GLY B 302 13.62 -10.98 41.54
N GLU B 303 14.13 -12.06 42.15
CA GLU B 303 15.51 -12.07 42.61
C GLU B 303 16.60 -11.95 41.55
N PRO B 304 16.50 -12.73 40.46
CA PRO B 304 17.56 -12.61 39.48
C PRO B 304 17.64 -11.18 38.91
N GLN B 305 16.47 -10.58 38.64
CA GLN B 305 16.43 -9.24 38.06
C GLN B 305 17.04 -8.21 38.99
N GLN B 306 16.82 -8.38 40.27
CA GLN B 306 17.47 -7.40 41.18
C GLN B 306 18.95 -7.63 41.35
N ALA B 307 19.39 -8.90 41.32
CA ALA B 307 20.81 -9.14 41.31
C ALA B 307 21.57 -8.57 40.09
N ILE B 308 20.96 -8.77 38.92
CA ILE B 308 21.48 -8.30 37.69
C ILE B 308 21.53 -6.76 37.69
N ARG B 309 20.47 -6.13 38.14
CA ARG B 309 20.39 -4.65 38.17
C ARG B 309 21.54 -4.11 39.03
N ALA B 310 21.71 -4.68 40.20
CA ALA B 310 22.77 -4.23 41.08
C ALA B 310 24.16 -4.37 40.48
N ALA B 311 24.47 -5.55 39.94
CA ALA B 311 25.76 -5.79 39.36
C ALA B 311 26.01 -4.98 38.10
N GLY B 312 25.03 -4.98 37.20
CA GLY B 312 25.07 -4.12 36.02
C GLY B 312 25.26 -2.66 36.39
N ASP B 313 24.55 -2.20 37.41
CA ASP B 313 24.66 -0.80 37.86
C ASP B 313 26.10 -0.47 38.32
N ARG B 314 26.74 -1.36 39.10
CA ARG B 314 28.16 -1.17 39.41
C ARG B 314 29.06 -1.03 38.19
N PHE B 315 28.85 -1.86 37.16
CA PHE B 315 29.62 -1.83 35.95
C PHE B 315 29.39 -0.51 35.20
N ILE B 316 28.14 -0.11 35.06
CA ILE B 316 27.80 1.13 34.36
C ILE B 316 28.40 2.35 35.07
N ALA B 317 28.23 2.43 36.39
CA ALA B 317 28.81 3.54 37.17
C ALA B 317 30.32 3.58 37.00
N HIS B 318 30.96 2.41 37.07
CA HIS B 318 32.40 2.36 36.92
C HIS B 318 32.87 2.77 35.54
N THR B 319 32.14 2.29 34.53
CA THR B 319 32.48 2.58 33.18
C THR B 319 32.25 4.04 32.81
N ARG B 320 31.16 4.61 33.29
CA ARG B 320 30.83 5.99 32.95
C ARG B 320 31.96 6.87 33.49
N ALA B 321 32.44 6.55 34.69
CA ALA B 321 33.50 7.34 35.33
C ALA B 321 34.82 7.22 34.59
N ALA B 322 35.22 5.98 34.32
CA ALA B 322 36.45 5.67 33.62
C ALA B 322 36.54 6.50 32.36
N PHE B 323 35.43 6.53 31.62
CA PHE B 323 35.40 7.19 30.33
C PHE B 323 35.42 8.70 30.53
N ALA B 324 34.62 9.21 31.47
CA ALA B 324 34.55 10.64 31.71
C ALA B 324 35.94 11.21 32.02
N ASN B 325 36.74 10.42 32.74
CA ASN B 325 38.00 10.90 33.31
C ASN B 325 39.18 10.78 32.35
N ALA B 326 39.09 9.86 31.40
CA ALA B 326 40.04 9.80 30.29
C ALA B 326 39.65 10.71 29.12
N GLY B 327 38.58 11.49 29.30
CA GLY B 327 37.95 12.24 28.22
C GLY B 327 37.52 11.42 27.01
N VAL B 328 37.05 10.19 27.23
CA VAL B 328 36.59 9.32 26.14
C VAL B 328 35.11 9.67 25.91
N PRO B 329 34.73 10.05 24.67
CA PRO B 329 33.38 10.53 24.35
C PRO B 329 32.41 9.37 24.07
N ILE B 330 32.14 8.64 25.12
CA ILE B 330 31.22 7.49 25.10
C ILE B 330 30.49 7.54 26.40
N ASP B 331 29.16 7.63 26.34
CA ASP B 331 28.30 7.58 27.50
C ASP B 331 27.49 6.29 27.46
N LEU B 332 26.66 6.11 28.49
CA LEU B 332 25.87 4.89 28.66
C LEU B 332 24.45 5.30 28.91
N ALA B 333 23.50 4.53 28.39
CA ALA B 333 22.10 4.71 28.70
C ALA B 333 21.54 3.41 29.30
N GLY B 334 20.43 3.50 30.01
CA GLY B 334 19.75 2.32 30.58
C GLY B 334 20.14 2.04 32.03
N ASN B 335 19.98 0.78 32.46
CA ASN B 335 20.34 0.34 33.80
C ASN B 335 21.03 -1.05 33.74
N GLY B 336 21.39 -1.61 34.90
CA GLY B 336 22.04 -2.89 35.01
C GLY B 336 21.39 -4.04 34.26
N ASN B 337 20.06 -4.04 34.16
CA ASN B 337 19.34 -5.06 33.39
C ASN B 337 19.52 -4.98 31.90
N LEU B 338 19.59 -3.75 31.41
CA LEU B 338 19.56 -3.50 29.97
C LEU B 338 20.09 -2.09 29.74
N PHE B 339 21.24 -2.02 29.11
CA PHE B 339 21.96 -0.75 28.91
C PHE B 339 22.55 -0.67 27.52
N GLN B 340 23.07 0.48 27.14
CA GLN B 340 23.77 0.55 25.86
C GLN B 340 24.82 1.65 25.92
N PHE B 341 25.81 1.49 25.06
CA PHE B 341 26.86 2.50 24.85
C PHE B 341 26.39 3.52 23.82
N VAL B 342 26.67 4.79 24.08
CA VAL B 342 26.36 5.87 23.15
C VAL B 342 27.67 6.54 22.80
N CYS B 343 28.16 6.21 21.61
CA CYS B 343 29.46 6.71 21.14
C CYS B 343 29.25 8.01 20.34
N ALA B 344 30.27 8.86 20.32
CA ALA B 344 30.13 10.14 19.65
C ALA B 344 29.84 9.95 18.18
N ASP B 345 30.54 9.02 17.55
CA ASP B 345 30.37 8.72 16.12
C ASP B 345 30.82 7.30 15.82
N ASP B 346 30.63 6.90 14.57
CA ASP B 346 30.99 5.57 14.13
C ASP B 346 32.49 5.28 14.32
N GLU B 347 33.33 6.30 14.16
CA GLU B 347 34.76 6.12 14.45
C GLU B 347 35.03 5.80 15.92
N VAL B 348 34.40 6.52 16.83
CA VAL B 348 34.56 6.20 18.25
C VAL B 348 34.09 4.77 18.47
N ALA B 349 32.99 4.40 17.83
CA ALA B 349 32.33 3.13 18.08
C ALA B 349 33.18 1.97 17.60
N ASP B 350 33.67 2.09 16.36
CA ASP B 350 34.62 1.16 15.79
C ASP B 350 35.84 0.96 16.70
N ALA B 351 36.36 2.04 17.27
CA ALA B 351 37.58 1.94 18.07
C ALA B 351 37.25 1.26 19.39
N PHE B 352 36.17 1.72 20.02
CA PHE B 352 35.59 1.09 21.21
C PHE B 352 35.40 -0.42 21.04
N HIS B 353 34.80 -0.86 19.95
CA HIS B 353 34.56 -2.29 19.77
C HIS B 353 35.84 -3.10 19.62
N ALA B 354 36.80 -2.54 18.88
CA ALA B 354 38.10 -3.16 18.72
C ALA B 354 38.80 -3.32 20.06
N ALA B 355 38.78 -2.28 20.87
CA ALA B 355 39.44 -2.28 22.16
C ALA B 355 38.74 -3.25 23.10
N ALA B 356 37.40 -3.24 23.09
CA ALA B 356 36.64 -4.16 23.95
C ALA B 356 36.95 -5.61 23.59
N ALA B 357 36.96 -5.94 22.30
CA ALA B 357 37.28 -7.31 21.88
C ALA B 357 38.70 -7.75 22.24
N ALA B 358 39.63 -6.79 22.21
CA ALA B 358 41.01 -7.03 22.64
C ALA B 358 41.11 -7.41 24.11
N GLU B 359 40.17 -6.96 24.93
CA GLU B 359 40.16 -7.28 26.37
C GLU B 359 39.18 -8.41 26.68
N GLY B 360 38.60 -9.03 25.65
CA GLY B 360 37.67 -10.13 25.84
C GLY B 360 36.31 -9.75 26.43
N LEU B 361 35.85 -8.53 26.15
CA LEU B 361 34.51 -8.07 26.53
C LEU B 361 33.63 -8.30 25.32
N LEU B 362 32.60 -9.15 25.45
CA LEU B 362 31.72 -9.46 24.32
C LEU B 362 30.42 -8.68 24.46
N PHE B 363 30.37 -7.53 23.80
CA PHE B 363 29.17 -6.71 23.76
C PHE B 363 28.37 -7.04 22.50
N PHE B 364 27.07 -6.79 22.55
CA PHE B 364 26.20 -6.87 21.37
C PHE B 364 26.40 -5.52 20.66
N GLU B 365 27.20 -5.52 19.60
CA GLU B 365 27.70 -4.28 19.04
C GLU B 365 26.57 -3.43 18.51
N GLY B 366 26.52 -2.17 18.95
CA GLY B 366 25.55 -1.21 18.40
C GLY B 366 24.13 -1.47 18.91
N ASP B 367 24.00 -2.28 19.95
CA ASP B 367 22.66 -2.68 20.41
C ASP B 367 22.70 -2.70 21.93
N ASN B 368 21.74 -3.35 22.56
CA ASN B 368 21.74 -3.36 23.99
C ASN B 368 22.53 -4.49 24.64
N GLN B 369 23.09 -4.18 25.80
CA GLN B 369 23.77 -5.15 26.65
C GLN B 369 22.84 -5.65 27.72
N THR B 370 22.90 -6.96 28.02
CA THR B 370 21.89 -7.59 28.89
C THR B 370 22.63 -8.67 29.69
N PRO B 371 23.25 -8.26 30.83
CA PRO B 371 23.91 -9.23 31.72
C PRO B 371 22.96 -10.31 32.18
N SER B 372 23.49 -11.46 32.58
CA SER B 372 22.72 -12.51 33.22
C SER B 372 23.01 -12.52 34.72
N ALA B 373 22.24 -13.35 35.43
CA ALA B 373 22.44 -13.50 36.86
C ALA B 373 23.80 -14.08 37.21
N ALA B 374 24.53 -14.61 36.23
CA ALA B 374 25.92 -15.07 36.40
C ALA B 374 26.92 -13.92 36.37
N PHE B 375 26.44 -12.70 36.09
CA PHE B 375 27.27 -11.49 36.25
C PHE B 375 27.28 -11.08 37.71
N THR B 376 28.11 -11.79 38.47
CA THR B 376 28.22 -11.65 39.89
C THR B 376 29.32 -10.63 40.25
N ASP B 377 29.50 -10.36 41.54
CA ASP B 377 30.51 -9.38 41.94
C ASP B 377 31.93 -9.64 41.48
N GLU B 378 32.40 -10.89 41.49
CA GLU B 378 33.72 -11.16 40.93
C GLU B 378 33.78 -10.91 39.45
N VAL B 379 32.69 -11.21 38.73
CA VAL B 379 32.69 -10.96 37.30
C VAL B 379 32.66 -9.46 37.08
N VAL B 380 31.89 -8.73 37.89
CA VAL B 380 31.87 -7.27 37.78
C VAL B 380 33.29 -6.73 37.96
N GLU B 381 33.99 -7.19 38.98
CA GLU B 381 35.42 -6.78 39.14
C GLU B 381 36.28 -7.05 37.90
N ASP B 382 36.18 -8.27 37.36
CA ASP B 382 36.88 -8.60 36.16
C ASP B 382 36.52 -7.62 35.03
N ALA B 383 35.22 -7.44 34.79
CA ALA B 383 34.76 -6.63 33.66
C ALA B 383 35.20 -5.18 33.82
N CYS B 384 35.26 -4.73 35.06
CA CYS B 384 35.73 -3.36 35.34
C CYS B 384 37.21 -3.15 35.05
N GLY B 385 38.04 -4.14 35.38
CA GLY B 385 39.42 -4.20 34.90
C GLY B 385 39.54 -4.10 33.40
N ARG B 386 38.72 -4.89 32.70
CA ARG B 386 38.87 -4.95 31.26
C ARG B 386 38.47 -3.58 30.71
N ILE B 387 37.49 -2.93 31.32
CA ILE B 387 37.03 -1.64 30.79
C ILE B 387 38.02 -0.52 31.17
N ASP B 388 38.78 -0.67 32.27
CA ASP B 388 39.94 0.23 32.48
C ASP B 388 40.91 0.13 31.31
N ARG B 389 41.19 -1.10 30.88
CA ARG B 389 42.07 -1.31 29.77
C ARG B 389 41.55 -0.81 28.41
N VAL B 390 40.23 -0.89 28.20
CA VAL B 390 39.64 -0.28 27.02
C VAL B 390 39.83 1.24 27.02
N SER B 391 39.49 1.85 28.16
CA SER B 391 39.56 3.28 28.40
C SER B 391 41.01 3.76 28.19
N ALA B 392 41.99 3.00 28.67
CA ALA B 392 43.39 3.29 28.35
C ALA B 392 43.74 3.17 26.87
N ALA B 393 43.09 2.24 26.17
CA ALA B 393 43.37 2.05 24.77
C ALA B 393 42.76 3.20 23.95
N LEU B 394 41.76 3.89 24.49
CA LEU B 394 41.05 4.96 23.78
C LEU B 394 41.54 6.35 24.14
N THR B 395 42.26 6.49 25.25
CA THR B 395 42.57 7.80 25.80
C THR B 395 43.40 8.60 24.81
N GLY B 396 43.14 9.90 24.78
CA GLY B 396 43.90 10.85 23.95
C GLY B 396 43.54 10.85 22.47
N ARG B 397 42.64 9.97 22.04
CA ARG B 397 42.42 9.75 20.62
C ARG B 397 41.24 10.54 20.06
N PHE B 398 40.22 10.74 20.88
CA PHE B 398 38.95 11.28 20.42
C PHE B 398 38.47 12.37 21.39
N THR B 399 39.39 12.92 22.19
CA THR B 399 39.04 13.90 23.22
C THR B 399 38.38 15.12 22.59
N ASP B 400 38.73 15.37 21.33
CA ASP B 400 38.23 16.52 20.59
C ASP B 400 36.84 16.24 19.99
N ARG B 401 36.11 15.26 20.53
CA ARG B 401 34.82 14.86 19.99
C ARG B 401 33.73 14.87 21.05
N GLU B 402 32.53 15.21 20.58
CA GLU B 402 31.43 15.53 21.47
C GLU B 402 30.27 14.59 21.12
N LEU B 403 29.56 14.14 22.15
CA LEU B 403 28.29 13.46 21.98
C LEU B 403 27.29 14.55 21.61
N THR B 404 26.67 14.40 20.44
CA THR B 404 25.68 15.33 19.94
C THR B 404 24.34 14.60 20.00
N GLU B 405 23.26 15.33 19.71
CA GLU B 405 21.95 14.70 19.54
C GLU B 405 21.92 13.64 18.45
N GLU B 406 22.71 13.84 17.40
CA GLU B 406 22.91 12.81 16.40
C GLU B 406 23.40 11.49 17.00
N SER B 407 24.40 11.56 17.88
CA SER B 407 24.97 10.35 18.49
C SER B 407 23.86 9.56 19.20
N TRP B 408 23.06 10.27 20.00
CA TRP B 408 21.97 9.69 20.80
C TRP B 408 20.93 9.05 19.89
N TYR B 409 20.48 9.76 18.88
CA TYR B 409 19.44 9.18 18.02
C TYR B 409 19.96 7.97 17.27
N ALA B 410 21.19 8.04 16.79
CA ALA B 410 21.77 6.92 16.08
C ALA B 410 21.89 5.70 16.99
N SER B 411 22.37 5.91 18.22
CA SER B 411 22.50 4.80 19.19
C SER B 411 21.14 4.19 19.53
N ALA B 412 20.15 5.03 19.86
CA ALA B 412 18.83 4.54 20.20
C ALA B 412 18.18 3.77 19.06
N TRP B 413 18.37 4.29 17.85
CA TRP B 413 17.82 3.65 16.66
C TRP B 413 18.28 2.18 16.55
N GLY B 414 19.57 1.92 16.75
CA GLY B 414 20.10 0.57 16.79
C GLY B 414 19.48 -0.30 17.87
N ALA B 415 19.34 0.22 19.08
CA ALA B 415 18.97 -0.63 20.21
C ALA B 415 17.46 -0.83 20.34
N MET B 416 16.68 0.22 20.08
CA MET B 416 15.24 0.12 20.27
C MET B 416 14.40 0.34 19.01
N ASP B 417 15.07 0.50 17.86
CA ASP B 417 14.46 0.30 16.56
C ASP B 417 13.46 1.40 16.22
N GLY B 418 13.73 2.59 16.74
CA GLY B 418 12.94 3.76 16.36
C GLY B 418 13.52 5.01 16.99
N LEU B 419 12.68 6.02 17.15
CA LEU B 419 13.12 7.33 17.57
C LEU B 419 13.08 7.48 19.09
N ALA B 420 14.21 7.89 19.66
CA ALA B 420 14.24 8.33 21.04
C ALA B 420 13.21 9.45 21.38
N ASP B 421 12.68 9.47 22.60
CA ASP B 421 11.73 10.52 23.01
C ASP B 421 12.51 11.76 23.44
N ARG B 422 12.90 12.57 22.46
CA ARG B 422 13.66 13.82 22.68
C ARG B 422 12.83 14.86 21.92
N PRO B 423 12.66 16.09 22.44
CA PRO B 423 11.73 17.02 21.80
C PRO B 423 12.11 17.37 20.35
N ARG B 424 11.13 17.30 19.46
CA ARG B 424 11.41 17.64 18.09
C ARG B 424 10.19 18.07 17.29
N THR B 425 10.45 18.80 16.21
CA THR B 425 9.40 19.16 15.26
C THR B 425 9.33 18.07 14.18
N ARG B 426 8.27 18.13 13.40
CA ARG B 426 8.14 17.17 12.30
C ARG B 426 9.29 17.30 11.29
N GLU B 427 9.73 18.52 11.02
CA GLU B 427 10.89 18.72 10.15
C GLU B 427 12.13 17.98 10.65
N GLU B 428 12.35 18.04 11.95
CA GLU B 428 13.45 17.34 12.59
C GLU B 428 13.26 15.83 12.47
N THR B 429 12.05 15.37 12.75
CA THR B 429 11.74 13.93 12.61
C THR B 429 12.07 13.47 11.20
N THR B 430 11.63 14.22 10.21
CA THR B 430 11.91 13.88 8.83
C THR B 430 13.43 13.83 8.54
N ALA B 431 14.19 14.78 9.06
CA ALA B 431 15.63 14.82 8.83
C ALA B 431 16.37 13.64 9.50
N ILE B 432 15.93 13.24 10.69
CA ILE B 432 16.57 12.15 11.43
C ILE B 432 16.29 10.84 10.71
N VAL B 433 15.04 10.61 10.32
CA VAL B 433 14.68 9.46 9.54
C VAL B 433 15.50 9.37 8.23
N GLU B 434 15.65 10.49 7.54
CA GLU B 434 16.45 10.48 6.33
C GLU B 434 17.85 9.96 6.61
N ARG B 435 18.44 10.39 7.73
CA ARG B 435 19.81 9.97 8.08
C ARG B 435 19.90 8.50 8.47
N LEU B 436 18.92 8.02 9.21
CA LEU B 436 19.02 6.68 9.82
C LEU B 436 18.32 5.53 9.09
N TRP B 437 17.35 5.83 8.22
CA TRP B 437 16.63 4.77 7.48
C TRP B 437 17.54 4.05 6.48
N GLY C 28 12.39 34.88 -20.64
CA GLY C 28 10.99 35.12 -20.19
C GLY C 28 10.76 34.77 -18.72
N ALA C 29 9.52 34.42 -18.38
CA ALA C 29 9.08 34.31 -17.00
C ALA C 29 9.18 32.91 -16.37
N GLY C 30 9.94 32.01 -16.99
CA GLY C 30 10.12 30.65 -16.50
C GLY C 30 10.50 30.53 -15.04
N LYS C 31 11.31 31.46 -14.51
CA LYS C 31 11.74 31.33 -13.12
C LYS C 31 10.56 31.54 -12.15
N LEU C 32 9.51 32.18 -12.63
CA LEU C 32 8.32 32.41 -11.83
C LEU C 32 7.44 31.17 -11.82
N LEU C 33 7.61 30.27 -12.78
CA LEU C 33 6.60 29.21 -12.97
C LEU C 33 6.93 28.01 -12.11
N ALA C 34 5.99 27.61 -11.24
CA ALA C 34 6.19 26.46 -10.40
C ALA C 34 6.05 25.11 -11.05
N GLN C 35 5.31 25.11 -12.16
CA GLN C 35 4.99 23.89 -12.90
C GLN C 35 6.04 23.62 -13.96
N GLU C 36 6.01 22.43 -14.54
CA GLU C 36 6.92 22.08 -15.62
CA GLU C 36 6.93 22.09 -15.63
C GLU C 36 6.11 21.54 -16.79
N PRO C 37 5.50 22.45 -17.55
CA PRO C 37 4.63 21.95 -18.61
C PRO C 37 5.40 21.22 -19.71
N THR C 38 4.78 20.20 -20.27
CA THR C 38 5.35 19.49 -21.40
C THR C 38 5.24 20.42 -22.60
N CYS C 39 6.36 20.65 -23.29
CA CYS C 39 6.39 21.49 -24.45
C CYS C 39 7.71 21.25 -25.18
N PRO C 40 7.84 21.76 -26.41
CA PRO C 40 9.15 21.59 -27.06
C PRO C 40 10.19 22.39 -26.32
N ARG C 41 11.35 21.78 -26.09
CA ARG C 41 12.42 22.42 -25.37
C ARG C 41 13.71 22.29 -26.19
N ASP C 42 14.60 23.25 -26.00
CA ASP C 42 15.90 23.14 -26.67
C ASP C 42 16.84 22.17 -25.95
N ALA C 43 18.06 22.03 -26.47
CA ALA C 43 19.08 21.18 -25.87
C ALA C 43 19.42 21.50 -24.41
N ASP C 44 19.26 22.76 -24.00
CA ASP C 44 19.40 23.21 -22.60
C ASP C 44 18.18 22.94 -21.74
N GLY C 45 17.11 22.43 -22.32
CA GLY C 45 15.86 22.25 -21.57
C GLY C 45 14.95 23.47 -21.47
N ARG C 46 15.25 24.55 -22.18
CA ARG C 46 14.43 25.75 -22.14
C ARG C 46 13.33 25.61 -23.18
N PRO C 47 12.12 26.03 -22.81
CA PRO C 47 11.04 26.03 -23.79
C PRO C 47 11.35 26.76 -25.08
N ARG C 48 11.05 26.12 -26.22
CA ARG C 48 11.08 26.82 -27.50
C ARG C 48 9.89 27.76 -27.65
N VAL C 49 10.17 28.99 -28.04
CA VAL C 49 9.14 29.98 -28.18
C VAL C 49 8.66 30.05 -29.63
N PHE C 50 7.34 29.98 -29.81
CA PHE C 50 6.74 30.25 -31.11
C PHE C 50 5.76 31.39 -30.97
N VAL C 51 5.82 32.32 -31.92
CA VAL C 51 5.08 33.53 -31.81
C VAL C 51 3.81 33.61 -32.62
N GLU C 52 3.57 32.63 -33.48
CA GLU C 52 2.42 32.60 -34.36
C GLU C 52 2.34 31.21 -34.95
N GLY C 53 1.14 30.78 -35.33
CA GLY C 53 0.98 29.57 -36.15
C GLY C 53 -0.27 29.57 -36.95
N SER C 54 -0.24 28.77 -38.01
CA SER C 54 -1.41 28.63 -38.86
C SER C 54 -1.27 27.33 -39.63
N GLY C 55 -2.30 26.50 -39.50
CA GLY C 55 -2.32 25.21 -40.17
C GLY C 55 -1.25 24.32 -39.57
N ALA C 56 -0.25 23.92 -40.36
CA ALA C 56 0.83 23.03 -39.93
C ALA C 56 2.11 23.77 -39.62
N TYR C 57 2.09 25.10 -39.80
CA TYR C 57 3.33 25.88 -39.69
C TYR C 57 3.32 26.76 -38.47
N LEU C 58 4.47 26.81 -37.80
CA LEU C 58 4.68 27.75 -36.69
C LEU C 58 5.79 28.73 -37.08
N THR C 59 5.73 29.92 -36.51
CA THR C 59 6.80 30.89 -36.72
C THR C 59 7.54 31.18 -35.42
N ASP C 60 8.87 31.12 -35.47
CA ASP C 60 9.72 31.36 -34.30
C ASP C 60 10.09 32.84 -34.24
N PRO C 61 10.83 33.24 -33.19
CA PRO C 61 11.12 34.65 -33.03
C PRO C 61 12.05 35.19 -34.12
N ASP C 62 12.80 34.33 -34.79
CA ASP C 62 13.67 34.75 -35.90
C ASP C 62 12.86 34.90 -37.19
N GLY C 63 11.57 34.55 -37.19
CA GLY C 63 10.79 34.44 -38.41
C GLY C 63 10.87 33.12 -39.19
N ARG C 64 11.60 32.13 -38.69
CA ARG C 64 11.77 30.86 -39.40
C ARG C 64 10.46 30.05 -39.21
N ARG C 65 10.12 29.26 -40.22
CA ARG C 65 8.87 28.47 -40.22
C ARG C 65 9.19 27.01 -39.97
N TRP C 66 8.44 26.43 -39.02
CA TRP C 66 8.64 25.06 -38.62
C TRP C 66 7.33 24.33 -38.92
N ILE C 67 7.48 23.04 -39.22
CA ILE C 67 6.33 22.16 -39.39
C ILE C 67 6.04 21.42 -38.08
N ASP C 68 4.80 21.52 -37.65
CA ASP C 68 4.42 20.99 -36.31
C ASP C 68 3.82 19.56 -36.43
N PHE C 69 4.47 18.58 -35.81
CA PHE C 69 3.95 17.22 -35.66
C PHE C 69 3.49 16.97 -34.23
N ASP C 70 3.69 17.94 -33.32
CA ASP C 70 3.32 17.82 -31.90
C ASP C 70 1.88 18.24 -31.74
N ASN C 71 1.54 19.45 -32.17
CA ASN C 71 0.17 19.87 -32.33
C ASN C 71 -0.54 19.88 -30.97
N ALA C 72 0.10 20.51 -30.00
CA ALA C 72 -0.42 20.59 -28.64
C ALA C 72 -0.70 19.18 -28.11
N ARG C 73 0.32 18.34 -28.15
CA ARG C 73 0.23 16.97 -27.63
C ARG C 73 -0.91 16.19 -28.31
N GLY C 74 -1.13 16.47 -29.59
CA GLY C 74 -2.14 15.85 -30.43
C GLY C 74 -3.55 16.34 -30.21
N SER C 75 -3.74 17.49 -29.56
CA SER C 75 -5.06 18.11 -29.44
C SER C 75 -5.50 19.01 -30.61
N VAL C 76 -4.57 19.45 -31.43
CA VAL C 76 -4.88 20.24 -32.60
C VAL C 76 -4.92 19.27 -33.78
N VAL C 77 -6.13 18.84 -34.10
CA VAL C 77 -6.32 17.80 -35.12
C VAL C 77 -6.77 18.38 -36.44
N LEU C 78 -7.36 19.58 -36.42
CA LEU C 78 -7.79 20.24 -37.64
C LEU C 78 -6.70 21.17 -38.18
N GLY C 79 -5.89 21.74 -37.31
CA GLY C 79 -4.89 22.70 -37.75
C GLY C 79 -4.95 23.95 -36.88
N HIS C 80 -3.80 24.56 -36.62
CA HIS C 80 -3.75 25.77 -35.84
C HIS C 80 -4.57 26.85 -36.53
N GLY C 81 -5.41 27.53 -35.77
CA GLY C 81 -6.22 28.61 -36.30
C GLY C 81 -7.31 28.22 -37.26
N ASP C 82 -7.79 26.97 -37.21
CA ASP C 82 -8.82 26.50 -38.12
C ASP C 82 -9.96 27.51 -38.23
N GLU C 83 -10.29 27.93 -39.44
CA GLU C 83 -11.18 29.07 -39.58
C GLU C 83 -12.64 28.84 -39.16
N GLU C 84 -13.14 27.66 -39.44
CA GLU C 84 -14.49 27.37 -39.03
C GLU C 84 -14.61 27.37 -37.52
N VAL C 85 -13.64 26.74 -36.87
CA VAL C 85 -13.60 26.77 -35.43
C VAL C 85 -13.46 28.21 -34.91
N ALA C 86 -12.53 28.95 -35.50
CA ALA C 86 -12.33 30.31 -35.04
C ALA C 86 -13.60 31.15 -35.14
N GLU C 87 -14.35 30.99 -36.23
CA GLU C 87 -15.57 31.75 -36.44
C GLU C 87 -16.57 31.40 -35.37
N ALA C 88 -16.66 30.13 -35.02
CA ALA C 88 -17.58 29.73 -33.98
C ALA C 88 -17.18 30.23 -32.59
N ILE C 89 -15.87 30.18 -32.32
CA ILE C 89 -15.32 30.69 -31.08
C ILE C 89 -15.63 32.18 -30.97
N ALA C 90 -15.42 32.91 -32.06
CA ALA C 90 -15.57 34.39 -32.00
C ALA C 90 -17.02 34.78 -31.76
N ARG C 91 -17.93 34.10 -32.43
CA ARG C 91 -19.35 34.28 -32.22
C ARG C 91 -19.75 34.02 -30.77
N ALA C 92 -19.22 32.92 -30.23
CA ALA C 92 -19.50 32.57 -28.87
C ALA C 92 -18.93 33.61 -27.90
N ALA C 93 -17.72 34.10 -28.20
CA ALA C 93 -17.11 35.12 -27.37
C ALA C 93 -17.87 36.43 -27.31
N ARG C 94 -18.70 36.68 -28.31
CA ARG C 94 -19.52 37.87 -28.38
C ARG C 94 -20.93 37.62 -27.86
N GLY C 95 -21.12 36.46 -27.25
CA GLY C 95 -22.34 36.21 -26.52
C GLY C 95 -23.46 35.72 -27.40
N ARG C 96 -23.15 35.36 -28.66
CA ARG C 96 -24.22 35.05 -29.59
C ARG C 96 -24.73 33.62 -29.57
N SER C 97 -24.03 32.77 -28.81
CA SER C 97 -24.25 31.32 -28.80
C SER C 97 -24.35 30.78 -27.39
N GLY C 98 -25.01 31.54 -26.51
CA GLY C 98 -25.15 31.11 -25.11
C GLY C 98 -24.32 31.95 -24.17
N VAL C 99 -24.59 31.79 -22.89
CA VAL C 99 -23.81 32.47 -21.86
C VAL C 99 -23.36 31.42 -20.84
N GLY C 100 -22.28 31.71 -20.12
CA GLY C 100 -21.76 30.79 -19.14
C GLY C 100 -22.65 30.59 -17.94
N THR C 101 -23.64 31.49 -17.79
CA THR C 101 -24.58 31.36 -16.71
C THR C 101 -25.50 30.16 -16.84
N ALA C 102 -25.79 29.71 -18.06
CA ALA C 102 -26.95 28.85 -18.19
C ALA C 102 -26.88 27.88 -19.32
N TRP C 103 -27.72 26.84 -19.21
CA TRP C 103 -27.94 25.87 -20.30
C TRP C 103 -28.27 26.61 -21.59
N SER C 104 -27.73 26.15 -22.71
CA SER C 104 -28.03 26.66 -24.06
C SER C 104 -28.29 25.47 -24.99
N PRO C 105 -28.87 25.75 -26.16
CA PRO C 105 -29.10 24.68 -27.11
C PRO C 105 -27.83 24.03 -27.66
N VAL C 106 -26.69 24.74 -27.61
CA VAL C 106 -25.43 24.19 -28.11
C VAL C 106 -25.06 22.99 -27.22
N LEU C 107 -25.34 23.07 -25.93
CA LEU C 107 -25.04 21.95 -25.04
C LEU C 107 -25.85 20.72 -25.44
N ASP C 108 -27.13 20.91 -25.77
CA ASP C 108 -27.93 19.78 -26.20
C ASP C 108 -27.34 19.10 -27.46
N SER C 109 -26.90 19.92 -28.40
CA SER C 109 -26.29 19.40 -29.62
C SER C 109 -25.01 18.59 -29.30
N LEU C 110 -24.12 19.17 -28.49
CA LEU C 110 -22.89 18.51 -28.14
C LEU C 110 -23.08 17.16 -27.44
N LEU C 111 -23.98 17.11 -26.46
CA LEU C 111 -24.23 15.88 -25.73
C LEU C 111 -24.79 14.84 -26.69
N GLY C 112 -25.68 15.26 -27.57
CA GLY C 112 -26.23 14.35 -28.56
C GLY C 112 -25.22 13.73 -29.49
N GLN C 113 -24.34 14.58 -30.01
CA GLN C 113 -23.29 14.21 -30.97
C GLN C 113 -22.34 13.23 -30.25
N LEU C 114 -21.97 13.55 -29.01
CA LEU C 114 -21.10 12.65 -28.24
C LEU C 114 -21.67 11.24 -28.09
N GLN C 115 -22.93 11.16 -27.68
CA GLN C 115 -23.52 9.85 -27.43
C GLN C 115 -23.64 9.08 -28.78
N GLU C 116 -23.95 9.79 -29.87
CA GLU C 116 -24.05 9.15 -31.18
C GLU C 116 -22.77 8.55 -31.68
N VAL C 117 -21.67 9.28 -31.48
CA VAL C 117 -20.38 8.88 -31.99
C VAL C 117 -19.72 7.83 -31.12
N CYS C 118 -19.81 7.95 -29.79
CA CYS C 118 -19.07 7.07 -28.84
C CYS C 118 -19.94 6.05 -28.12
N GLY C 119 -21.23 6.34 -28.06
CA GLY C 119 -22.22 5.45 -27.47
C GLY C 119 -22.30 5.64 -25.98
N GLY C 120 -23.08 4.77 -25.34
CA GLY C 120 -23.24 4.82 -23.90
C GLY C 120 -24.59 5.34 -23.42
N ASP C 121 -24.94 5.02 -22.17
CA ASP C 121 -26.23 5.43 -21.57
C ASP C 121 -26.22 6.95 -21.32
N VAL C 122 -25.11 7.43 -20.76
CA VAL C 122 -25.05 8.80 -20.26
C VAL C 122 -23.68 9.35 -20.65
N VAL C 123 -23.58 10.67 -20.58
CA VAL C 123 -22.33 11.33 -20.95
C VAL C 123 -22.01 12.44 -19.92
N GLY C 124 -20.78 12.93 -19.89
CA GLY C 124 -20.40 13.99 -18.99
C GLY C 124 -19.23 14.76 -19.63
N LEU C 125 -18.99 15.95 -19.11
CA LEU C 125 -17.96 16.88 -19.63
C LEU C 125 -17.02 17.33 -18.52
N TYR C 126 -15.77 17.55 -18.90
CA TYR C 126 -14.67 17.99 -18.04
C TYR C 126 -13.77 18.99 -18.78
N ARG C 127 -12.90 19.66 -18.04
CA ARG C 127 -11.96 20.59 -18.68
C ARG C 127 -10.62 20.00 -19.09
N THR C 128 -10.23 18.84 -18.58
CA THR C 128 -8.95 18.20 -18.91
C THR C 128 -9.19 16.68 -18.87
N GLY C 129 -8.35 15.96 -19.58
CA GLY C 129 -8.31 14.53 -19.46
C GLY C 129 -8.01 14.10 -18.06
N THR C 130 -7.12 14.81 -17.38
CA THR C 130 -6.78 14.47 -15.99
C THR C 130 -8.01 14.45 -15.11
N ALA C 131 -8.79 15.51 -15.22
CA ALA C 131 -9.98 15.63 -14.37
C ALA C 131 -10.98 14.54 -14.73
N ALA C 132 -11.18 14.29 -16.01
CA ALA C 132 -12.14 13.26 -16.43
C ALA C 132 -11.72 11.90 -15.86
N LEU C 133 -10.44 11.55 -15.96
CA LEU C 133 -10.00 10.18 -15.58
C LEU C 133 -10.14 10.04 -14.08
N ARG C 134 -9.78 11.07 -13.30
CA ARG C 134 -9.91 10.92 -11.86
C ARG C 134 -11.38 10.77 -11.49
N SER C 135 -12.22 11.59 -12.10
CA SER C 135 -13.64 11.56 -11.74
C SER C 135 -14.30 10.25 -12.06
N VAL C 136 -14.10 9.73 -13.26
CA VAL C 136 -14.74 8.46 -13.61
C VAL C 136 -14.15 7.30 -12.83
N THR C 137 -12.84 7.31 -12.59
CA THR C 137 -12.26 6.19 -11.83
C THR C 137 -12.86 6.16 -10.42
N CYS C 138 -12.93 7.31 -9.77
CA CYS C 138 -13.53 7.37 -8.41
C CYS C 138 -15.01 6.93 -8.46
N ALA C 139 -15.74 7.35 -9.49
CA ALA C 139 -17.13 7.03 -9.59
C ALA C 139 -17.33 5.52 -9.77
N VAL C 140 -16.56 4.91 -10.65
CA VAL C 140 -16.69 3.47 -10.91
C VAL C 140 -16.34 2.67 -9.65
N ARG C 141 -15.27 3.08 -8.96
CA ARG C 141 -14.83 2.36 -7.76
C ARG C 141 -15.95 2.50 -6.72
N ASP C 142 -16.58 3.66 -6.62
CA ASP C 142 -17.65 3.87 -5.64
C ASP C 142 -18.82 2.95 -5.96
N ALA C 143 -19.22 2.91 -7.22
CA ALA C 143 -20.40 2.13 -7.65
C ALA C 143 -20.14 0.64 -7.40
N ARG C 144 -18.91 0.21 -7.69
CA ARG C 144 -18.51 -1.21 -7.54
C ARG C 144 -18.25 -1.63 -6.08
N ASP C 145 -18.02 -0.67 -5.19
CA ASP C 145 -17.69 -0.93 -3.79
C ASP C 145 -16.53 -1.91 -3.66
N ARG C 146 -15.45 -1.68 -4.40
CA ARG C 146 -14.30 -2.57 -4.41
C ARG C 146 -13.07 -1.67 -4.50
N SER C 147 -11.93 -2.10 -3.97
CA SER C 147 -10.85 -1.22 -3.60
C SER C 147 -9.77 -1.11 -4.67
N ILE C 148 -9.60 -2.13 -5.51
CA ILE C 148 -8.43 -2.20 -6.42
C ILE C 148 -8.79 -1.79 -7.87
N VAL C 149 -7.97 -0.94 -8.48
CA VAL C 149 -8.07 -0.61 -9.89
C VAL C 149 -6.80 -1.03 -10.59
N LEU C 150 -6.94 -1.79 -11.66
CA LEU C 150 -5.79 -2.18 -12.45
CA LEU C 150 -5.80 -2.20 -12.45
C LEU C 150 -5.65 -1.19 -13.61
N SER C 151 -4.45 -0.65 -13.82
CA SER C 151 -4.25 0.42 -14.82
C SER C 151 -3.03 0.21 -15.70
N SER C 152 -3.16 0.56 -16.97
CA SER C 152 -2.01 0.79 -17.86
C SER C 152 -2.25 2.04 -18.68
N GLY C 153 -1.16 2.68 -19.03
CA GLY C 153 -1.19 3.91 -19.80
C GLY C 153 -1.19 5.15 -18.91
N TYR C 154 -0.88 6.27 -19.53
CA TYR C 154 -0.95 7.55 -18.84
C TYR C 154 -2.40 8.00 -18.71
N HIS C 155 -2.78 8.56 -17.55
CA HIS C 155 -4.15 8.99 -17.26
C HIS C 155 -4.18 10.43 -16.79
N GLY C 156 -3.06 11.13 -16.84
CA GLY C 156 -3.03 12.53 -16.37
C GLY C 156 -2.15 12.74 -15.15
N TYR C 157 -2.09 14.00 -14.72
CA TYR C 157 -1.07 14.43 -13.76
C TYR C 157 -1.40 14.16 -12.29
N ASP C 158 -2.62 13.70 -12.02
CA ASP C 158 -3.10 13.69 -10.66
C ASP C 158 -2.28 12.70 -9.83
N PRO C 159 -1.97 13.05 -8.59
CA PRO C 159 -1.18 12.10 -7.77
C PRO C 159 -1.77 10.75 -7.51
N MET C 160 -3.07 10.57 -7.71
CA MET C 160 -3.64 9.23 -7.49
C MET C 160 -2.94 8.11 -8.27
N TRP C 161 -2.29 8.48 -9.40
CA TRP C 161 -1.68 7.51 -10.32
C TRP C 161 -0.18 7.30 -9.99
N HIS C 162 0.37 8.10 -9.09
CA HIS C 162 1.79 8.00 -8.74
C HIS C 162 2.06 6.64 -8.11
N CYS C 163 3.17 6.02 -8.48
CA CYS C 163 3.58 4.84 -7.76
C CYS C 163 5.08 4.70 -7.81
N ASP C 164 5.54 4.01 -6.77
CA ASP C 164 6.94 3.72 -6.58
C ASP C 164 7.42 2.51 -7.34
N GLU C 165 6.52 1.57 -7.61
CA GLU C 165 6.92 0.39 -8.41
C GLU C 165 5.69 -0.09 -9.13
N PRO C 166 5.85 -0.77 -10.26
CA PRO C 166 4.73 -1.41 -10.91
C PRO C 166 4.32 -2.71 -10.21
N PHE C 167 3.13 -3.16 -10.57
CA PHE C 167 2.64 -4.50 -10.27
C PHE C 167 2.18 -4.71 -8.82
N THR C 168 2.13 -3.62 -8.05
CA THR C 168 1.72 -3.71 -6.65
C THR C 168 0.87 -2.47 -6.40
N PRO C 169 -0.09 -2.52 -5.46
CA PRO C 169 -0.97 -1.38 -5.27
C PRO C 169 -0.28 -0.19 -4.66
N ASN C 170 -0.59 0.98 -5.21
CA ASN C 170 -0.19 2.20 -4.55
C ASN C 170 -1.09 2.51 -3.38
N GLN C 171 -0.86 3.64 -2.71
CA GLN C 171 -1.69 4.00 -1.61
C GLN C 171 -3.15 4.34 -1.95
N HIS C 172 -3.45 4.50 -3.24
CA HIS C 172 -4.81 4.74 -3.70
C HIS C 172 -5.48 3.48 -4.29
N GLY C 173 -4.86 2.32 -4.10
CA GLY C 173 -5.40 1.07 -4.55
C GLY C 173 -5.21 0.85 -6.04
N ILE C 174 -4.30 1.60 -6.67
CA ILE C 174 -4.07 1.43 -8.12
C ILE C 174 -2.87 0.55 -8.37
N VAL C 175 -3.05 -0.44 -9.23
CA VAL C 175 -1.96 -1.31 -9.67
C VAL C 175 -1.62 -0.99 -11.11
N GLU C 176 -0.39 -0.51 -11.34
CA GLU C 176 0.16 -0.33 -12.69
C GLU C 176 0.58 -1.68 -13.25
N PHE C 177 0.03 -2.11 -14.40
CA PHE C 177 0.49 -3.36 -14.98
C PHE C 177 1.24 -3.29 -16.30
N LEU C 178 1.45 -2.07 -16.82
CA LEU C 178 2.38 -1.84 -17.92
C LEU C 178 2.01 -2.62 -19.20
N PHE C 179 0.71 -2.91 -19.38
CA PHE C 179 0.19 -3.66 -20.53
C PHE C 179 0.69 -5.10 -20.54
N ASP C 180 1.15 -5.61 -19.39
CA ASP C 180 1.58 -7.01 -19.29
C ASP C 180 0.36 -7.84 -18.89
N LEU C 181 -0.08 -8.69 -19.80
CA LEU C 181 -1.29 -9.44 -19.59
C LEU C 181 -1.09 -10.59 -18.60
N ASP C 182 0.15 -11.06 -18.42
CA ASP C 182 0.36 -12.05 -17.37
C ASP C 182 0.18 -11.41 -15.97
N VAL C 183 0.68 -10.20 -15.76
CA VAL C 183 0.44 -9.51 -14.49
C VAL C 183 -1.07 -9.26 -14.38
N LEU C 184 -1.72 -8.82 -15.46
CA LEU C 184 -3.16 -8.56 -15.37
C LEU C 184 -3.90 -9.85 -14.96
N ALA C 185 -3.55 -10.96 -15.60
CA ALA C 185 -4.18 -12.23 -15.26
C ALA C 185 -4.00 -12.63 -13.78
N GLU C 186 -2.83 -12.35 -13.24
CA GLU C 186 -2.56 -12.59 -11.82
C GLU C 186 -3.56 -11.81 -10.96
N TRP C 187 -3.69 -10.53 -11.24
CA TRP C 187 -4.61 -9.69 -10.49
C TRP C 187 -6.08 -10.03 -10.70
N LEU C 188 -6.44 -10.47 -11.90
CA LEU C 188 -7.81 -10.86 -12.14
C LEU C 188 -8.13 -12.28 -11.59
N SER C 189 -7.14 -13.02 -11.10
CA SER C 189 -7.41 -14.36 -10.56
C SER C 189 -8.24 -14.32 -9.27
N ARG C 190 -8.25 -13.17 -8.57
CA ARG C 190 -9.24 -12.89 -7.51
C ARG C 190 -10.07 -11.66 -7.85
N PRO C 191 -11.01 -11.85 -8.77
CA PRO C 191 -11.60 -10.67 -9.38
C PRO C 191 -12.55 -9.92 -8.45
N GLU C 192 -12.95 -10.52 -7.32
CA GLU C 192 -14.02 -9.88 -6.56
C GLU C 192 -13.50 -8.62 -5.86
N GLN C 193 -12.19 -8.46 -5.68
CA GLN C 193 -11.62 -7.24 -5.11
C GLN C 193 -11.27 -6.13 -6.14
N VAL C 194 -11.45 -6.44 -7.42
CA VAL C 194 -11.09 -5.51 -8.50
C VAL C 194 -12.29 -4.70 -8.98
N ALA C 195 -12.23 -3.38 -8.78
CA ALA C 195 -13.31 -2.49 -9.22
C ALA C 195 -13.37 -2.34 -10.73
N ALA C 196 -12.22 -2.17 -11.35
CA ALA C 196 -12.20 -1.85 -12.75
C ALA C 196 -10.79 -1.99 -13.31
N VAL C 197 -10.71 -2.12 -14.62
CA VAL C 197 -9.44 -2.07 -15.36
C VAL C 197 -9.48 -0.86 -16.25
N VAL C 198 -8.48 0.04 -16.14
CA VAL C 198 -8.47 1.27 -16.94
C VAL C 198 -7.23 1.23 -17.81
N ILE C 199 -7.42 1.29 -19.13
CA ILE C 199 -6.29 1.29 -20.04
C ILE C 199 -6.35 2.44 -21.01
N SER C 200 -5.19 2.96 -21.36
CA SER C 200 -5.05 3.92 -22.46
C SER C 200 -4.59 3.14 -23.70
N PRO C 201 -5.52 2.89 -24.62
CA PRO C 201 -5.15 1.94 -25.67
C PRO C 201 -4.10 2.46 -26.64
N ASP C 202 -3.10 1.63 -26.94
CA ASP C 202 -2.08 1.94 -27.93
C ASP C 202 -2.25 0.99 -29.11
N HIS C 203 -1.97 1.51 -30.29
CA HIS C 203 -2.08 0.77 -31.55
C HIS C 203 -0.79 0.74 -32.36
N MET C 204 0.28 1.29 -31.84
CA MET C 204 1.57 1.17 -32.48
C MET C 204 2.25 -0.10 -32.08
N HIS C 205 2.14 -0.47 -30.80
CA HIS C 205 2.86 -1.63 -30.25
C HIS C 205 2.05 -2.74 -29.62
N LEU C 206 0.75 -2.56 -29.58
CA LEU C 206 -0.21 -3.58 -29.18
C LEU C 206 -1.11 -3.93 -30.35
N GLY C 207 -1.20 -5.20 -30.69
CA GLY C 207 -1.97 -5.65 -31.85
C GLY C 207 -3.25 -6.41 -31.52
N GLU C 208 -3.86 -7.02 -32.52
CA GLU C 208 -5.15 -7.66 -32.34
C GLU C 208 -5.04 -8.79 -31.29
N ARG C 209 -3.92 -9.47 -31.23
CA ARG C 209 -3.86 -10.61 -30.32
C ARG C 209 -3.84 -10.10 -28.84
N TRP C 210 -3.21 -8.96 -28.65
CA TRP C 210 -3.20 -8.33 -27.30
C TRP C 210 -4.63 -7.96 -26.88
N TYR C 211 -5.35 -7.24 -27.77
CA TYR C 211 -6.70 -6.84 -27.44
C TYR C 211 -7.65 -8.02 -27.22
N THR C 212 -7.50 -9.05 -28.05
CA THR C 212 -8.34 -10.23 -27.90
C THR C 212 -8.13 -10.87 -26.51
N GLU C 213 -6.89 -10.97 -26.07
CA GLU C 213 -6.57 -11.57 -24.76
C GLU C 213 -7.00 -10.68 -23.59
N PHE C 214 -6.74 -9.37 -23.73
CA PHE C 214 -7.21 -8.42 -22.75
C PHE C 214 -8.70 -8.49 -22.50
N THR C 215 -9.48 -8.47 -23.58
CA THR C 215 -10.91 -8.53 -23.41
C THR C 215 -11.36 -9.90 -22.91
N ARG C 216 -10.68 -10.97 -23.34
CA ARG C 216 -11.06 -12.32 -22.84
C ARG C 216 -10.90 -12.38 -21.30
N LEU C 217 -9.79 -11.84 -20.81
CA LEU C 217 -9.49 -11.87 -19.39
C LEU C 217 -10.48 -11.05 -18.56
N THR C 218 -10.81 -9.84 -19.04
CA THR C 218 -11.68 -8.97 -18.32
C THR C 218 -13.12 -9.48 -18.38
N LYS C 219 -13.55 -10.08 -19.49
CA LYS C 219 -14.86 -10.72 -19.54
C LYS C 219 -14.95 -11.92 -18.61
N GLU C 220 -13.89 -12.72 -18.54
CA GLU C 220 -13.86 -13.89 -17.64
C GLU C 220 -13.97 -13.48 -16.18
N ALA C 221 -13.23 -12.43 -15.81
CA ALA C 221 -13.29 -11.86 -14.48
C ALA C 221 -14.58 -11.13 -14.17
N ASP C 222 -15.30 -10.72 -15.21
CA ASP C 222 -16.50 -9.90 -15.11
C ASP C 222 -16.21 -8.56 -14.42
N VAL C 223 -15.12 -7.91 -14.83
CA VAL C 223 -14.75 -6.63 -14.27
C VAL C 223 -14.87 -5.59 -15.37
N PRO C 224 -15.43 -4.43 -15.04
CA PRO C 224 -15.65 -3.42 -16.10
C PRO C 224 -14.37 -2.77 -16.57
N VAL C 225 -14.37 -2.41 -17.85
CA VAL C 225 -13.21 -1.77 -18.48
C VAL C 225 -13.50 -0.28 -18.68
N ILE C 226 -12.56 0.57 -18.29
CA ILE C 226 -12.60 2.01 -18.54
C ILE C 226 -11.59 2.26 -19.67
N ALA C 227 -12.04 2.70 -20.84
CA ALA C 227 -11.16 2.98 -21.97
C ALA C 227 -10.78 4.46 -21.97
N ASP C 228 -9.53 4.72 -21.62
CA ASP C 228 -9.00 6.08 -21.62
C ASP C 228 -8.59 6.36 -23.04
N GLU C 229 -9.51 6.91 -23.80
CA GLU C 229 -9.31 7.24 -25.22
C GLU C 229 -9.07 8.76 -25.41
N VAL C 230 -8.53 9.37 -24.36
CA VAL C 230 -8.15 10.77 -24.43
C VAL C 230 -7.30 11.06 -25.66
N LYS C 231 -6.35 10.21 -25.96
CA LYS C 231 -5.45 10.35 -27.14
C LYS C 231 -5.97 9.72 -28.41
N VAL C 232 -6.56 8.54 -28.30
CA VAL C 232 -6.86 7.75 -29.50
C VAL C 232 -8.35 7.80 -29.86
N GLY C 233 -9.22 8.35 -29.03
CA GLY C 233 -10.62 8.42 -29.35
C GLY C 233 -10.85 9.46 -30.45
N LEU C 234 -11.52 9.06 -31.52
CA LEU C 234 -11.65 9.85 -32.74
C LEU C 234 -10.38 10.09 -33.54
N ARG C 235 -9.25 9.53 -33.11
CA ARG C 235 -7.95 9.77 -33.77
C ARG C 235 -7.88 9.08 -35.10
N TYR C 236 -8.41 7.86 -35.15
CA TYR C 236 -8.19 6.99 -36.30
C TYR C 236 -9.45 6.90 -37.15
N ARG C 237 -10.58 7.20 -36.55
CA ARG C 237 -11.89 6.95 -37.18
C ARG C 237 -12.95 7.73 -36.47
N ALA C 238 -14.14 7.81 -37.08
CA ALA C 238 -15.27 8.48 -36.48
C ALA C 238 -15.87 7.70 -35.32
N GLY C 239 -15.09 7.50 -34.27
CA GLY C 239 -15.51 6.73 -33.11
C GLY C 239 -14.33 6.34 -32.22
N LEU C 240 -14.59 5.47 -31.25
CA LEU C 240 -13.52 4.97 -30.41
C LEU C 240 -12.57 4.10 -31.26
N SER C 241 -11.38 3.82 -30.75
CA SER C 241 -10.32 3.25 -31.54
C SER C 241 -10.44 1.77 -31.84
N THR C 242 -11.15 0.99 -31.05
CA THR C 242 -11.16 -0.43 -31.51
C THR C 242 -12.39 -1.17 -31.02
N PRO C 243 -12.98 -2.00 -31.90
CA PRO C 243 -14.16 -2.77 -31.50
C PRO C 243 -13.75 -4.03 -30.71
N LEU C 244 -12.45 -4.29 -30.58
CA LEU C 244 -11.93 -5.40 -29.77
C LEU C 244 -11.99 -5.14 -28.26
N LEU C 245 -12.29 -3.90 -27.86
CA LEU C 245 -12.55 -3.54 -26.45
C LEU C 245 -14.03 -3.35 -26.29
N ASP C 246 -14.54 -3.65 -25.11
CA ASP C 246 -15.95 -3.55 -24.83
C ASP C 246 -16.13 -2.65 -23.60
N PRO C 247 -15.83 -1.34 -23.71
CA PRO C 247 -15.76 -0.64 -22.44
C PRO C 247 -17.09 -0.27 -21.81
N ALA C 248 -17.09 -0.28 -20.48
CA ALA C 248 -18.21 0.15 -19.68
C ALA C 248 -18.22 1.67 -19.63
N VAL C 249 -17.04 2.27 -19.69
CA VAL C 249 -16.93 3.73 -19.67
C VAL C 249 -15.81 4.11 -20.66
N TRP C 250 -16.04 5.18 -21.40
CA TRP C 250 -14.98 5.75 -22.25
C TRP C 250 -14.73 7.21 -21.85
N ILE C 251 -13.55 7.70 -22.27
CA ILE C 251 -13.18 9.12 -22.16
C ILE C 251 -12.51 9.50 -23.49
N VAL C 252 -12.87 10.67 -24.01
CA VAL C 252 -12.17 11.25 -25.17
C VAL C 252 -11.87 12.71 -24.87
N ALA C 253 -10.88 13.26 -25.55
CA ALA C 253 -10.60 14.69 -25.34
C ALA C 253 -9.73 15.33 -26.42
N LYS C 254 -8.57 14.75 -26.70
CA LYS C 254 -7.65 15.47 -27.61
C LYS C 254 -8.23 15.73 -29.00
N CYS C 255 -9.07 14.82 -29.49
CA CYS C 255 -9.64 14.93 -30.82
C CYS C 255 -10.97 15.66 -30.84
N LEU C 256 -11.37 16.24 -29.72
CA LEU C 256 -12.73 16.75 -29.53
C LEU C 256 -12.91 18.23 -29.91
N ALA C 257 -11.90 19.08 -29.71
CA ALA C 257 -12.12 20.50 -29.71
C ALA C 257 -11.00 21.34 -30.33
N ASN C 258 -10.16 20.72 -31.16
CA ASN C 258 -8.99 21.40 -31.77
C ASN C 258 -8.14 22.19 -30.77
N GLY C 259 -8.02 21.66 -29.56
CA GLY C 259 -7.13 22.20 -28.54
C GLY C 259 -7.84 22.97 -27.44
N SER C 260 -9.09 23.38 -27.67
CA SER C 260 -9.89 24.03 -26.64
C SER C 260 -10.14 23.03 -25.49
N PRO C 261 -10.27 23.51 -24.23
CA PRO C 261 -10.16 22.59 -23.13
C PRO C 261 -11.45 21.90 -22.81
N VAL C 262 -11.66 20.80 -23.51
CA VAL C 262 -12.88 20.01 -23.32
C VAL C 262 -12.50 18.51 -23.32
N ALA C 263 -13.04 17.77 -22.35
CA ALA C 263 -12.92 16.32 -22.33
C ALA C 263 -14.34 15.78 -22.15
N ALA C 264 -14.63 14.61 -22.68
CA ALA C 264 -15.97 14.01 -22.53
C ALA C 264 -15.86 12.57 -22.05
N VAL C 265 -16.88 12.10 -21.36
CA VAL C 265 -16.88 10.72 -20.84
C VAL C 265 -18.26 10.20 -21.12
N GLY C 266 -18.42 8.90 -21.17
CA GLY C 266 -19.76 8.31 -21.25
C GLY C 266 -19.73 6.84 -20.98
N GLY C 267 -20.93 6.27 -20.80
CA GLY C 267 -21.05 4.84 -20.61
C GLY C 267 -22.15 4.53 -19.65
N ASP C 268 -21.91 3.48 -18.84
CA ASP C 268 -22.96 2.84 -18.08
C ASP C 268 -23.50 3.77 -17.02
N ALA C 269 -24.83 3.94 -17.00
CA ALA C 269 -25.45 4.90 -16.10
C ALA C 269 -25.24 4.56 -14.62
N HIS C 270 -25.26 3.28 -14.25
CA HIS C 270 -25.09 2.95 -12.85
C HIS C 270 -23.64 3.13 -12.40
N LEU C 271 -22.69 2.73 -13.23
CA LEU C 271 -21.29 2.94 -12.89
C LEU C 271 -20.92 4.42 -12.77
N LEU C 272 -21.62 5.27 -13.52
CA LEU C 272 -21.35 6.71 -13.48
C LEU C 272 -22.31 7.52 -12.61
N ALA C 273 -23.09 6.85 -11.75
CA ALA C 273 -24.03 7.57 -10.94
C ALA C 273 -23.43 8.68 -10.10
N ALA C 274 -22.24 8.49 -9.58
CA ALA C 274 -21.60 9.51 -8.75
C ALA C 274 -21.26 10.80 -9.52
N LEU C 275 -21.28 10.72 -10.85
CA LEU C 275 -21.14 11.98 -11.63
C LEU C 275 -22.16 13.06 -11.30
N GLU C 276 -23.27 12.71 -10.66
CA GLU C 276 -24.27 13.69 -10.29
C GLU C 276 -23.72 14.74 -9.34
N ASP C 277 -22.58 14.42 -8.70
CA ASP C 277 -21.92 15.31 -7.75
C ASP C 277 -20.96 16.28 -8.44
N VAL C 278 -20.80 16.17 -9.76
CA VAL C 278 -19.84 17.00 -10.49
C VAL C 278 -20.55 18.22 -11.03
N SER C 279 -20.00 19.38 -10.68
CA SER C 279 -20.31 20.66 -11.27
C SER C 279 -19.05 21.51 -11.11
N PHE C 280 -18.81 22.36 -12.09
CA PHE C 280 -17.76 23.36 -12.07
C PHE C 280 -18.20 24.64 -12.73
N THR C 281 -17.55 25.73 -12.33
CA THR C 281 -18.04 27.08 -12.58
C THR C 281 -18.13 27.32 -14.06
N SER C 282 -17.13 26.91 -14.84
CA SER C 282 -17.12 27.17 -16.27
C SER C 282 -17.89 26.17 -17.11
N TYR C 283 -18.76 25.36 -16.47
CA TYR C 283 -19.43 24.32 -17.21
C TYR C 283 -20.04 24.75 -18.54
N PHE C 284 -20.72 25.88 -18.54
CA PHE C 284 -21.47 26.34 -19.72
C PHE C 284 -20.70 27.34 -20.56
N GLU C 285 -19.40 27.46 -20.34
CA GLU C 285 -18.62 28.46 -21.06
C GLU C 285 -18.77 28.27 -22.56
N PRO C 286 -19.21 29.30 -23.28
CA PRO C 286 -19.63 29.06 -24.67
C PRO C 286 -18.49 28.90 -25.71
N THR C 287 -17.32 29.47 -25.47
CA THR C 287 -16.28 29.29 -26.46
C THR C 287 -15.81 27.83 -26.53
N ALA C 288 -15.67 27.17 -25.38
CA ALA C 288 -15.29 25.76 -25.37
C ALA C 288 -16.33 24.88 -26.05
N MET C 289 -17.60 25.13 -25.74
CA MET C 289 -18.63 24.38 -26.42
C MET C 289 -18.73 24.63 -27.91
N ALA C 290 -18.46 25.87 -28.34
CA ALA C 290 -18.38 26.15 -29.76
C ALA C 290 -17.27 25.36 -30.45
N ALA C 291 -16.09 25.34 -29.86
CA ALA C 291 -14.95 24.61 -30.38
C ALA C 291 -15.26 23.10 -30.47
N ALA C 292 -15.88 22.54 -29.43
CA ALA C 292 -16.15 21.10 -29.37
C ALA C 292 -17.23 20.71 -30.37
N THR C 293 -18.34 21.45 -30.44
CA THR C 293 -19.40 21.10 -31.39
CA THR C 293 -19.39 21.11 -31.38
C THR C 293 -18.91 21.20 -32.82
N THR C 294 -18.16 22.27 -33.13
CA THR C 294 -17.66 22.44 -34.49
C THR C 294 -16.66 21.37 -34.91
N THR C 295 -15.73 21.06 -34.01
CA THR C 295 -14.71 20.04 -34.30
C THR C 295 -15.32 18.65 -34.39
N LEU C 296 -16.22 18.36 -33.45
CA LEU C 296 -16.84 17.04 -33.42
C LEU C 296 -17.62 16.77 -34.71
N ARG C 297 -18.31 17.78 -35.21
CA ARG C 297 -19.04 17.66 -36.45
C ARG C 297 -18.14 17.24 -37.61
N ARG C 298 -16.94 17.79 -37.68
CA ARG C 298 -16.01 17.38 -38.69
C ARG C 298 -15.42 16.01 -38.41
N MET C 299 -15.06 15.77 -37.16
CA MET C 299 -14.44 14.49 -36.86
C MET C 299 -15.41 13.31 -36.99
N ALA C 300 -16.69 13.56 -36.79
CA ALA C 300 -17.70 12.49 -36.95
C ALA C 300 -17.92 12.00 -38.38
N THR C 301 -17.42 12.72 -39.39
CA THR C 301 -17.52 12.24 -40.76
C THR C 301 -16.43 11.22 -41.12
N GLY C 302 -15.37 11.14 -40.32
CA GLY C 302 -14.19 10.36 -40.66
C GLY C 302 -13.26 10.95 -41.69
N GLU C 303 -13.65 12.07 -42.32
CA GLU C 303 -12.82 12.66 -43.37
C GLU C 303 -11.48 13.27 -42.91
N PRO C 304 -11.45 14.03 -41.80
CA PRO C 304 -10.11 14.49 -41.40
C PRO C 304 -9.13 13.35 -41.12
N GLN C 305 -9.66 12.28 -40.51
CA GLN C 305 -8.77 11.20 -40.08
C GLN C 305 -8.20 10.47 -41.30
N GLN C 306 -9.00 10.33 -42.33
CA GLN C 306 -8.48 9.69 -43.55
C GLN C 306 -7.51 10.53 -44.36
N ALA C 307 -7.71 11.85 -44.36
CA ALA C 307 -6.78 12.78 -44.95
C ALA C 307 -5.47 12.82 -44.21
N ILE C 308 -5.51 12.79 -42.86
CA ILE C 308 -4.29 12.73 -42.07
C ILE C 308 -3.56 11.42 -42.30
N ARG C 309 -4.32 10.32 -42.27
CA ARG C 309 -3.69 9.01 -42.43
C ARG C 309 -2.89 8.98 -43.75
N ALA C 310 -3.53 9.41 -44.83
CA ALA C 310 -2.87 9.34 -46.16
C ALA C 310 -1.61 10.19 -46.23
N ALA C 311 -1.75 11.43 -45.74
CA ALA C 311 -0.62 12.37 -45.75
C ALA C 311 0.51 11.90 -44.84
N GLY C 312 0.20 11.54 -43.60
CA GLY C 312 1.18 10.94 -42.74
C GLY C 312 1.83 9.70 -43.26
N ASP C 313 1.06 8.81 -43.88
CA ASP C 313 1.63 7.59 -44.44
C ASP C 313 2.68 7.94 -45.52
N ARG C 314 2.41 8.96 -46.32
CA ARG C 314 3.41 9.37 -47.36
C ARG C 314 4.70 9.83 -46.71
N PHE C 315 4.61 10.57 -45.60
CA PHE C 315 5.79 11.04 -44.88
C PHE C 315 6.55 9.88 -44.26
N ILE C 316 5.83 8.94 -43.66
CA ILE C 316 6.45 7.81 -42.99
C ILE C 316 7.23 6.95 -44.00
N ALA C 317 6.61 6.64 -45.12
CA ALA C 317 7.23 5.75 -46.11
C ALA C 317 8.49 6.43 -46.64
N HIS C 318 8.38 7.71 -46.94
CA HIS C 318 9.54 8.47 -47.42
C HIS C 318 10.67 8.48 -46.42
N THR C 319 10.34 8.72 -45.15
CA THR C 319 11.34 8.79 -44.12
C THR C 319 11.99 7.45 -43.82
N ARG C 320 11.20 6.37 -43.73
CA ARG C 320 11.74 5.06 -43.43
C ARG C 320 12.78 4.72 -44.49
N ALA C 321 12.43 5.01 -45.74
CA ALA C 321 13.31 4.66 -46.87
C ALA C 321 14.57 5.50 -46.88
N ALA C 322 14.42 6.80 -46.64
CA ALA C 322 15.57 7.70 -46.57
C ALA C 322 16.62 7.22 -45.57
N PHE C 323 16.18 6.92 -44.35
CA PHE C 323 17.06 6.43 -43.32
C PHE C 323 17.71 5.08 -43.61
N ALA C 324 16.93 4.18 -44.17
CA ALA C 324 17.40 2.83 -44.50
C ALA C 324 18.46 2.95 -45.60
N ASN C 325 18.19 3.75 -46.63
CA ASN C 325 19.13 3.87 -47.76
C ASN C 325 20.46 4.46 -47.28
N ALA C 326 20.40 5.28 -46.24
CA ALA C 326 21.55 5.98 -45.69
C ALA C 326 22.28 5.25 -44.57
N GLY C 327 21.74 4.11 -44.12
CA GLY C 327 22.33 3.36 -43.01
C GLY C 327 22.12 4.02 -41.66
N VAL C 328 21.13 4.89 -41.58
CA VAL C 328 20.79 5.61 -40.33
C VAL C 328 19.85 4.71 -39.52
N PRO C 329 20.26 4.33 -38.30
CA PRO C 329 19.53 3.31 -37.54
C PRO C 329 18.33 3.89 -36.77
N ILE C 330 17.35 4.31 -37.56
CA ILE C 330 16.09 4.85 -37.06
C ILE C 330 14.99 4.24 -37.89
N ASP C 331 14.02 3.61 -37.22
CA ASP C 331 12.81 3.12 -37.85
C ASP C 331 11.61 3.89 -37.36
N LEU C 332 10.45 3.59 -37.93
CA LEU C 332 9.21 4.24 -37.49
C LEU C 332 8.17 3.18 -37.22
N ALA C 333 7.29 3.49 -36.26
CA ALA C 333 6.15 2.62 -35.91
C ALA C 333 4.84 3.43 -36.00
N GLY C 334 3.72 2.76 -36.21
CA GLY C 334 2.45 3.45 -36.27
C GLY C 334 1.99 3.74 -37.68
N ASN C 335 1.19 4.78 -37.84
CA ASN C 335 0.61 5.10 -39.13
C ASN C 335 0.47 6.60 -39.24
N GLY C 336 -0.08 7.13 -40.32
CA GLY C 336 -0.13 8.55 -40.49
C GLY C 336 -0.86 9.35 -39.43
N ASN C 337 -1.84 8.74 -38.77
CA ASN C 337 -2.56 9.42 -37.70
C ASN C 337 -1.72 9.61 -36.46
N LEU C 338 -0.90 8.62 -36.16
CA LEU C 338 -0.13 8.63 -34.93
C LEU C 338 1.05 7.65 -35.14
N PHE C 339 2.27 8.20 -35.05
CA PHE C 339 3.48 7.43 -35.31
C PHE C 339 4.60 7.84 -34.37
N GLN C 340 5.68 7.06 -34.36
CA GLN C 340 6.85 7.42 -33.57
C GLN C 340 8.11 6.98 -34.28
N PHE C 341 9.19 7.69 -33.95
CA PHE C 341 10.53 7.24 -34.33
C PHE C 341 11.07 6.27 -33.30
N VAL C 342 11.76 5.23 -33.78
CA VAL C 342 12.41 4.24 -32.93
C VAL C 342 13.91 4.34 -33.25
N CYS C 343 14.69 4.97 -32.37
CA CYS C 343 16.12 5.17 -32.61
C CYS C 343 16.92 4.00 -32.00
N ALA C 344 18.05 3.61 -32.59
CA ALA C 344 18.90 2.61 -31.95
C ALA C 344 19.19 2.82 -30.47
N ASP C 345 19.53 4.05 -30.08
CA ASP C 345 19.89 4.40 -28.72
C ASP C 345 19.72 5.90 -28.45
N ASP C 346 19.94 6.31 -27.22
CA ASP C 346 19.76 7.69 -26.82
C ASP C 346 20.68 8.68 -27.55
N GLU C 347 21.93 8.29 -27.83
CA GLU C 347 22.81 9.16 -28.60
C GLU C 347 22.29 9.39 -30.02
N VAL C 348 21.83 8.34 -30.67
CA VAL C 348 21.19 8.49 -31.97
C VAL C 348 19.96 9.42 -31.88
N ALA C 349 19.09 9.19 -30.89
CA ALA C 349 17.92 10.05 -30.68
C ALA C 349 18.27 11.53 -30.47
N ASP C 350 19.28 11.77 -29.64
CA ASP C 350 19.69 13.14 -29.38
C ASP C 350 20.17 13.77 -30.70
N ALA C 351 20.97 13.00 -31.46
CA ALA C 351 21.49 13.52 -32.73
C ALA C 351 20.36 13.81 -33.73
N PHE C 352 19.38 12.91 -33.76
CA PHE C 352 18.22 13.07 -34.63
C PHE C 352 17.39 14.31 -34.26
N HIS C 353 17.09 14.50 -32.98
CA HIS C 353 16.33 15.66 -32.56
C HIS C 353 17.04 16.97 -32.90
N ALA C 354 18.35 16.99 -32.74
CA ALA C 354 19.12 18.18 -33.05
C ALA C 354 19.06 18.46 -34.54
N ALA C 355 19.24 17.41 -35.33
CA ALA C 355 19.16 17.53 -36.77
C ALA C 355 17.78 17.98 -37.25
N ALA C 356 16.72 17.43 -36.64
CA ALA C 356 15.36 17.82 -37.04
C ALA C 356 15.09 19.26 -36.71
N ALA C 357 15.45 19.68 -35.51
CA ALA C 357 15.23 21.05 -35.12
C ALA C 357 15.99 21.98 -36.07
N ALA C 358 17.17 21.56 -36.51
CA ALA C 358 17.91 22.41 -37.44
C ALA C 358 17.17 22.64 -38.75
N GLU C 359 16.37 21.66 -39.18
CA GLU C 359 15.57 21.79 -40.39
C GLU C 359 14.16 22.34 -40.17
N GLY C 360 13.83 22.68 -38.93
CA GLY C 360 12.52 23.25 -38.66
C GLY C 360 11.40 22.20 -38.58
N LEU C 361 11.75 20.95 -38.29
CA LEU C 361 10.74 19.90 -38.02
C LEU C 361 10.49 19.94 -36.51
N LEU C 362 9.25 20.14 -36.08
CA LEU C 362 8.95 20.10 -34.65
C LEU C 362 8.22 18.81 -34.28
N PHE C 363 8.99 17.88 -33.73
CA PHE C 363 8.54 16.56 -33.31
C PHE C 363 8.34 16.64 -31.80
N PHE C 364 7.37 15.87 -31.29
CA PHE C 364 7.21 15.63 -29.85
C PHE C 364 8.30 14.65 -29.47
N GLU C 365 9.37 15.14 -28.85
CA GLU C 365 10.61 14.36 -28.67
C GLU C 365 10.39 13.14 -27.80
N GLY C 366 10.70 11.96 -28.32
CA GLY C 366 10.65 10.77 -27.50
C GLY C 366 9.27 10.19 -27.35
N ASP C 367 8.33 10.78 -28.08
CA ASP C 367 6.92 10.44 -27.88
C ASP C 367 6.25 10.26 -29.25
N ASN C 368 4.93 10.39 -29.35
CA ASN C 368 4.29 10.16 -30.64
C ASN C 368 4.03 11.43 -31.42
N GLN C 369 4.09 11.30 -32.73
CA GLN C 369 3.83 12.39 -33.65
C GLN C 369 2.39 12.24 -34.15
N THR C 370 1.69 13.36 -34.25
CA THR C 370 0.24 13.37 -34.52
C THR C 370 -0.02 14.52 -35.46
N PRO C 371 0.07 14.28 -36.78
CA PRO C 371 -0.22 15.33 -37.73
C PRO C 371 -1.68 15.79 -37.62
N SER C 372 -1.93 17.01 -38.09
CA SER C 372 -3.27 17.55 -38.22
C SER C 372 -3.77 17.50 -39.66
N ALA C 373 -5.03 17.86 -39.86
CA ALA C 373 -5.62 17.90 -41.18
C ALA C 373 -4.97 18.96 -42.06
N ALA C 374 -4.28 19.91 -41.46
CA ALA C 374 -3.46 20.88 -42.22
C ALA C 374 -2.20 20.29 -42.79
N PHE C 375 -1.81 19.05 -42.42
CA PHE C 375 -0.63 18.37 -43.01
C PHE C 375 -1.08 17.80 -44.35
N THR C 376 -1.14 18.68 -45.36
CA THR C 376 -1.60 18.36 -46.71
C THR C 376 -0.43 17.90 -47.60
N ASP C 377 -0.72 17.51 -48.84
CA ASP C 377 0.39 17.07 -49.72
C ASP C 377 1.52 18.10 -49.88
N GLU C 378 1.19 19.38 -49.96
CA GLU C 378 2.24 20.39 -50.03
C GLU C 378 3.14 20.44 -48.77
N VAL C 379 2.55 20.25 -47.60
CA VAL C 379 3.35 20.14 -46.39
C VAL C 379 4.17 18.86 -46.37
N VAL C 380 3.59 17.76 -46.86
CA VAL C 380 4.30 16.49 -46.93
C VAL C 380 5.56 16.74 -47.76
N GLU C 381 5.43 17.41 -48.90
CA GLU C 381 6.64 17.62 -49.75
C GLU C 381 7.71 18.39 -49.00
N ASP C 382 7.31 19.46 -48.34
CA ASP C 382 8.22 20.27 -47.52
C ASP C 382 8.88 19.41 -46.44
N ALA C 383 8.06 18.71 -45.66
CA ALA C 383 8.60 17.83 -44.62
C ALA C 383 9.54 16.73 -45.10
N CYS C 384 9.24 16.18 -46.26
CA CYS C 384 10.11 15.16 -46.85
C CYS C 384 11.48 15.73 -47.23
N GLY C 385 11.51 16.95 -47.75
CA GLY C 385 12.80 17.64 -47.99
C GLY C 385 13.60 17.91 -46.74
N ARG C 386 12.90 18.35 -45.70
CA ARG C 386 13.52 18.49 -44.40
C ARG C 386 14.09 17.19 -43.85
N ILE C 387 13.37 16.08 -43.97
CA ILE C 387 13.84 14.78 -43.55
C ILE C 387 15.01 14.33 -44.42
N ASP C 388 14.99 14.67 -45.71
CA ASP C 388 16.19 14.41 -46.53
C ASP C 388 17.43 15.01 -45.93
N ARG C 389 17.31 16.27 -45.53
CA ARG C 389 18.43 16.97 -44.89
C ARG C 389 18.82 16.42 -43.52
N VAL C 390 17.84 16.01 -42.72
CA VAL C 390 18.14 15.25 -41.49
C VAL C 390 18.91 13.99 -41.75
N SER C 391 18.44 13.21 -42.71
CA SER C 391 19.07 11.94 -43.05
C SER C 391 20.53 12.20 -43.46
N ALA C 392 20.75 13.24 -44.24
CA ALA C 392 22.10 13.54 -44.70
C ALA C 392 22.99 13.94 -43.54
N ALA C 393 22.48 14.76 -42.63
CA ALA C 393 23.25 15.17 -41.46
C ALA C 393 23.60 14.01 -40.52
N LEU C 394 22.82 12.93 -40.56
CA LEU C 394 23.06 11.77 -39.69
C LEU C 394 23.89 10.66 -40.36
N THR C 395 24.03 10.72 -41.67
CA THR C 395 24.71 9.67 -42.42
CA THR C 395 24.70 9.66 -42.44
C THR C 395 26.16 9.50 -42.00
N GLY C 396 26.59 8.25 -41.83
CA GLY C 396 27.99 7.96 -41.52
C GLY C 396 28.35 8.02 -40.05
N ARG C 397 27.45 8.53 -39.23
CA ARG C 397 27.76 8.73 -37.83
C ARG C 397 27.36 7.51 -36.98
N PHE C 398 26.38 6.72 -37.43
CA PHE C 398 25.83 5.62 -36.62
C PHE C 398 25.61 4.33 -37.38
N THR C 399 26.31 4.17 -38.51
CA THR C 399 26.08 3.05 -39.42
C THR C 399 26.31 1.71 -38.75
N ASP C 400 27.24 1.70 -37.78
CA ASP C 400 27.55 0.51 -37.00
C ASP C 400 26.38 0.02 -36.15
N ARG C 401 25.61 0.96 -35.61
CA ARG C 401 24.58 0.63 -34.63
C ARG C 401 23.34 0.06 -35.26
N GLU C 402 22.64 -0.75 -34.47
CA GLU C 402 21.50 -1.49 -34.97
C GLU C 402 20.36 -1.24 -34.02
N LEU C 403 19.16 -1.25 -34.57
CA LEU C 403 17.95 -1.36 -33.77
C LEU C 403 17.92 -2.73 -33.11
N THR C 404 17.78 -2.74 -31.79
CA THR C 404 17.65 -3.98 -31.03
C THR C 404 16.28 -4.02 -30.35
N GLU C 405 15.98 -5.17 -29.77
CA GLU C 405 14.84 -5.30 -28.87
C GLU C 405 14.77 -4.18 -27.85
N GLU C 406 15.92 -3.83 -27.29
CA GLU C 406 16.05 -2.77 -26.32
C GLU C 406 15.59 -1.44 -26.93
N SER C 407 15.99 -1.14 -28.17
CA SER C 407 15.54 0.09 -28.86
C SER C 407 14.02 0.19 -28.89
N TRP C 408 13.39 -0.90 -29.28
CA TRP C 408 11.94 -0.97 -29.46
C TRP C 408 11.22 -0.81 -28.13
N TYR C 409 11.66 -1.53 -27.12
CA TYR C 409 11.06 -1.36 -25.80
C TYR C 409 11.25 0.04 -25.23
N ALA C 410 12.44 0.62 -25.32
CA ALA C 410 12.64 2.00 -24.83
C ALA C 410 11.74 3.02 -25.56
N SER C 411 11.64 2.86 -26.88
CA SER C 411 10.86 3.82 -27.66
C SER C 411 9.40 3.71 -27.31
N ALA C 412 8.90 2.49 -27.22
CA ALA C 412 7.48 2.30 -26.96
C ALA C 412 7.13 2.81 -25.56
N TRP C 413 8.02 2.57 -24.61
CA TRP C 413 7.81 2.99 -23.23
C TRP C 413 7.54 4.50 -23.16
N GLY C 414 8.29 5.28 -23.95
CA GLY C 414 8.08 6.72 -23.98
C GLY C 414 6.75 7.17 -24.55
N ALA C 415 6.29 6.51 -25.61
CA ALA C 415 5.15 6.95 -26.35
C ALA C 415 3.87 6.41 -25.78
N MET C 416 3.89 5.15 -25.34
CA MET C 416 2.64 4.55 -24.86
C MET C 416 2.66 4.16 -23.40
N ASP C 417 3.78 4.41 -22.71
CA ASP C 417 3.81 4.43 -21.24
C ASP C 417 3.73 3.04 -20.62
N GLY C 418 4.17 2.04 -21.36
CA GLY C 418 4.21 0.66 -20.84
C GLY C 418 5.04 -0.22 -21.74
N LEU C 419 4.82 -1.52 -21.64
CA LEU C 419 5.58 -2.53 -22.35
C LEU C 419 4.97 -2.88 -23.68
N ALA C 420 5.77 -2.77 -24.76
CA ALA C 420 5.32 -3.27 -26.07
C ALA C 420 4.90 -4.73 -26.02
N ASP C 421 3.98 -5.17 -26.90
CA ASP C 421 3.56 -6.56 -26.98
C ASP C 421 4.54 -7.34 -27.85
N ARG C 422 5.62 -7.80 -27.23
CA ARG C 422 6.64 -8.60 -27.88
C ARG C 422 6.83 -9.77 -26.93
N PRO C 423 7.02 -10.98 -27.46
CA PRO C 423 7.02 -12.19 -26.62
C PRO C 423 8.14 -12.14 -25.57
N ARG C 424 7.83 -12.47 -24.32
CA ARG C 424 8.84 -12.46 -23.27
C ARG C 424 8.42 -13.27 -22.04
N THR C 425 9.44 -13.66 -21.30
CA THR C 425 9.27 -14.34 -20.03
C THR C 425 9.18 -13.32 -18.93
N ARG C 426 8.74 -13.75 -17.76
CA ARG C 426 8.67 -12.84 -16.62
C ARG C 426 10.07 -12.33 -16.27
N GLU C 427 11.11 -13.17 -16.39
CA GLU C 427 12.46 -12.70 -16.10
C GLU C 427 12.79 -11.53 -17.02
N GLU C 428 12.39 -11.67 -18.28
CA GLU C 428 12.63 -10.58 -19.25
C GLU C 428 11.80 -9.34 -18.93
N THR C 429 10.54 -9.50 -18.56
CA THR C 429 9.75 -8.36 -18.10
C THR C 429 10.45 -7.60 -16.99
N THR C 430 10.96 -8.36 -16.03
CA THR C 430 11.55 -7.77 -14.84
C THR C 430 12.77 -6.98 -15.25
N ALA C 431 13.56 -7.57 -16.14
CA ALA C 431 14.78 -6.89 -16.60
C ALA C 431 14.52 -5.60 -17.39
N ILE C 432 13.49 -5.63 -18.24
CA ILE C 432 13.10 -4.45 -19.03
C ILE C 432 12.63 -3.34 -18.09
N VAL C 433 11.75 -3.68 -17.16
CA VAL C 433 11.28 -2.71 -16.17
C VAL C 433 12.46 -2.11 -15.39
N GLU C 434 13.40 -2.95 -14.99
CA GLU C 434 14.56 -2.43 -14.24
C GLU C 434 15.32 -1.40 -15.06
N ARG C 435 15.46 -1.63 -16.36
CA ARG C 435 16.16 -0.66 -17.22
C ARG C 435 15.37 0.63 -17.39
N LEU C 436 14.06 0.53 -17.56
CA LEU C 436 13.29 1.69 -18.00
C LEU C 436 12.53 2.47 -16.93
N TRP C 437 12.27 1.84 -15.81
CA TRP C 437 11.54 2.51 -14.75
C TRP C 437 12.38 3.66 -14.20
N GLU C 438 11.80 4.85 -14.12
CA GLU C 438 12.53 6.00 -13.56
C GLU C 438 12.06 6.35 -12.17
N ALA D 29 -31.20 17.48 -24.08
CA ALA D 29 -30.30 16.33 -23.80
C ALA D 29 -30.11 16.03 -22.30
N GLY D 30 -31.03 16.48 -21.44
CA GLY D 30 -30.85 16.34 -20.01
C GLY D 30 -30.85 14.89 -19.54
N LYS D 31 -31.61 14.04 -20.22
CA LYS D 31 -31.61 12.65 -19.79
C LYS D 31 -30.28 11.96 -20.10
N LEU D 32 -29.57 12.47 -21.09
CA LEU D 32 -28.26 11.92 -21.47
C LEU D 32 -27.19 12.35 -20.45
N LEU D 33 -27.41 13.42 -19.72
CA LEU D 33 -26.33 14.01 -18.90
C LEU D 33 -26.18 13.33 -17.56
N ALA D 34 -24.99 12.79 -17.30
CA ALA D 34 -24.71 12.11 -16.04
C ALA D 34 -24.47 13.04 -14.87
N GLN D 35 -24.08 14.27 -15.20
CA GLN D 35 -23.74 15.27 -14.20
C GLN D 35 -24.97 16.13 -13.86
N GLU D 36 -24.88 16.87 -12.75
CA GLU D 36 -25.94 17.80 -12.38
CA GLU D 36 -25.94 17.81 -12.37
C GLU D 36 -25.30 19.17 -12.18
N PRO D 37 -25.06 19.89 -13.30
CA PRO D 37 -24.41 21.18 -13.16
C PRO D 37 -25.28 22.18 -12.42
N THR D 38 -24.61 23.03 -11.65
CA THR D 38 -25.27 24.14 -10.99
C THR D 38 -25.61 25.15 -12.06
N CYS D 39 -26.87 25.55 -12.11
CA CYS D 39 -27.30 26.52 -13.13
C CYS D 39 -28.69 27.03 -12.72
N PRO D 40 -29.17 28.10 -13.37
CA PRO D 40 -30.51 28.54 -12.96
C PRO D 40 -31.53 27.50 -13.37
N ARG D 41 -32.46 27.23 -12.47
CA ARG D 41 -33.51 26.26 -12.74
C ARG D 41 -34.84 26.86 -12.33
N ASP D 42 -35.89 26.36 -12.95
CA ASP D 42 -37.23 26.77 -12.57
C ASP D 42 -37.69 26.06 -11.32
N ALA D 43 -38.94 26.34 -10.92
CA ALA D 43 -39.46 25.82 -9.66
C ALA D 43 -39.56 24.29 -9.63
N ASP D 44 -39.55 23.65 -10.80
CA ASP D 44 -39.50 22.18 -10.87
C ASP D 44 -38.11 21.56 -11.05
N GLY D 45 -37.06 22.37 -10.96
CA GLY D 45 -35.72 21.84 -11.15
C GLY D 45 -35.26 21.77 -12.59
N ARG D 46 -36.02 22.30 -13.56
CA ARG D 46 -35.61 22.26 -14.96
C ARG D 46 -34.65 23.44 -15.29
N PRO D 47 -33.51 23.16 -15.94
CA PRO D 47 -32.65 24.30 -16.28
C PRO D 47 -33.32 25.34 -17.16
N ARG D 48 -33.12 26.62 -16.81
CA ARG D 48 -33.50 27.72 -17.65
C ARG D 48 -32.59 27.83 -18.86
N VAL D 49 -33.17 28.03 -20.05
CA VAL D 49 -32.39 28.10 -21.27
C VAL D 49 -32.21 29.54 -21.67
N PHE D 50 -30.97 29.94 -21.94
CA PHE D 50 -30.72 31.24 -22.53
C PHE D 50 -29.88 31.08 -23.78
N VAL D 51 -30.18 31.89 -24.78
CA VAL D 51 -29.59 31.74 -26.09
C VAL D 51 -28.51 32.78 -26.43
N GLU D 52 -28.52 33.92 -25.75
CA GLU D 52 -27.55 34.96 -26.01
C GLU D 52 -27.39 35.81 -24.80
N GLY D 53 -26.27 36.51 -24.75
CA GLY D 53 -26.12 37.55 -23.74
C GLY D 53 -25.28 38.70 -24.20
N SER D 54 -25.47 39.84 -23.53
CA SER D 54 -24.71 41.01 -23.86
C SER D 54 -24.63 41.89 -22.62
N GLY D 55 -23.43 42.08 -22.08
CA GLY D 55 -23.25 42.89 -20.88
C GLY D 55 -23.95 42.26 -19.68
N ALA D 56 -24.96 42.96 -19.15
CA ALA D 56 -25.70 42.50 -18.01
C ALA D 56 -26.95 41.76 -18.37
N TYR D 57 -27.26 41.62 -19.65
CA TYR D 57 -28.58 41.10 -20.05
C TYR D 57 -28.41 39.74 -20.70
N LEU D 58 -29.28 38.81 -20.33
CA LEU D 58 -29.38 37.55 -21.05
C LEU D 58 -30.69 37.51 -21.80
N THR D 59 -30.71 36.84 -22.94
CA THR D 59 -31.92 36.76 -23.74
C THR D 59 -32.36 35.30 -23.76
N ASP D 60 -33.62 35.09 -23.43
CA ASP D 60 -34.23 33.76 -23.52
C ASP D 60 -34.79 33.47 -24.92
N PRO D 61 -35.24 32.23 -25.16
CA PRO D 61 -35.67 31.89 -26.50
C PRO D 61 -36.83 32.71 -27.07
N ASP D 62 -37.58 33.33 -26.18
CA ASP D 62 -38.68 34.25 -26.58
C ASP D 62 -38.27 35.70 -26.67
N GLY D 63 -36.96 36.00 -26.56
CA GLY D 63 -36.52 37.36 -26.68
C GLY D 63 -36.59 38.21 -25.43
N ARG D 64 -37.00 37.65 -24.30
CA ARG D 64 -37.04 38.43 -23.05
C ARG D 64 -35.62 38.68 -22.51
N ARG D 65 -35.33 39.92 -22.09
CA ARG D 65 -34.05 40.28 -21.48
C ARG D 65 -34.14 40.10 -19.96
N TRP D 66 -33.26 39.28 -19.42
CA TRP D 66 -33.13 39.11 -17.98
C TRP D 66 -31.88 39.79 -17.52
N ILE D 67 -31.90 40.31 -16.28
CA ILE D 67 -30.69 40.91 -15.74
C ILE D 67 -29.94 39.84 -14.93
N ASP D 68 -28.71 39.59 -15.32
CA ASP D 68 -27.90 38.53 -14.70
C ASP D 68 -27.13 39.06 -13.47
N PHE D 69 -27.43 38.49 -12.31
CA PHE D 69 -26.65 38.66 -11.10
C PHE D 69 -25.83 37.42 -10.71
N ASP D 70 -25.99 36.34 -11.48
CA ASP D 70 -25.32 35.04 -11.30
C ASP D 70 -23.98 35.14 -12.04
N ASN D 71 -24.04 35.44 -13.34
CA ASN D 71 -22.81 35.74 -14.11
C ASN D 71 -21.80 34.57 -14.05
N ALA D 72 -22.30 33.40 -14.39
CA ALA D 72 -21.52 32.14 -14.43
C ALA D 72 -20.85 31.98 -13.06
N ARG D 73 -21.69 32.01 -12.03
CA ARG D 73 -21.26 31.86 -10.62
C ARG D 73 -20.18 32.89 -10.23
N GLY D 74 -20.26 34.10 -10.79
CA GLY D 74 -19.34 35.21 -10.50
C GLY D 74 -18.06 35.23 -11.31
N SER D 75 -17.98 34.44 -12.38
CA SER D 75 -16.80 34.45 -13.22
C SER D 75 -16.89 35.43 -14.39
N VAL D 76 -18.09 35.88 -14.72
CA VAL D 76 -18.24 36.93 -15.71
C VAL D 76 -18.26 38.25 -14.94
N VAL D 77 -17.10 38.90 -14.88
CA VAL D 77 -16.94 40.10 -14.08
C VAL D 77 -16.92 41.35 -14.95
N LEU D 78 -16.60 41.21 -16.24
CA LEU D 78 -16.64 42.35 -17.19
C LEU D 78 -17.96 42.52 -17.90
N GLY D 79 -18.66 41.42 -18.12
CA GLY D 79 -19.91 41.45 -18.89
C GLY D 79 -19.90 40.39 -19.98
N HIS D 80 -21.05 39.81 -20.29
CA HIS D 80 -21.15 38.82 -21.36
C HIS D 80 -20.79 39.47 -22.68
N GLY D 81 -19.96 38.76 -23.40
CA GLY D 81 -19.56 39.22 -24.73
C GLY D 81 -18.70 40.43 -24.74
N ASP D 82 -18.02 40.75 -23.64
CA ASP D 82 -17.15 41.91 -23.58
C ASP D 82 -16.30 42.01 -24.84
N GLU D 83 -16.33 43.17 -25.51
CA GLU D 83 -15.79 43.22 -26.87
C GLU D 83 -14.25 43.18 -26.90
N GLU D 84 -13.59 43.83 -25.94
CA GLU D 84 -12.12 43.77 -25.90
C GLU D 84 -11.62 42.32 -25.68
N VAL D 85 -12.26 41.60 -24.78
CA VAL D 85 -11.92 40.19 -24.60
C VAL D 85 -12.28 39.40 -25.87
N ALA D 86 -13.44 39.69 -26.47
CA ALA D 86 -13.85 38.96 -27.67
C ALA D 86 -12.84 39.07 -28.82
N GLU D 87 -12.37 40.29 -29.08
CA GLU D 87 -11.40 40.52 -30.13
C GLU D 87 -10.11 39.80 -29.77
N ALA D 88 -9.65 39.86 -28.51
CA ALA D 88 -8.46 39.10 -28.12
C ALA D 88 -8.58 37.59 -28.33
N ILE D 89 -9.75 37.07 -28.00
CA ILE D 89 -9.97 35.63 -28.12
C ILE D 89 -10.04 35.27 -29.61
N ALA D 90 -10.67 36.12 -30.42
CA ALA D 90 -10.82 35.84 -31.87
C ALA D 90 -9.44 35.82 -32.56
N ARG D 91 -8.60 36.78 -32.24
CA ARG D 91 -7.24 36.79 -32.80
C ARG D 91 -6.46 35.56 -32.33
N ALA D 92 -6.57 35.21 -31.04
CA ALA D 92 -5.83 34.09 -30.52
C ALA D 92 -6.30 32.77 -31.11
N ALA D 93 -7.61 32.66 -31.35
CA ALA D 93 -8.17 31.51 -32.02
C ALA D 93 -7.64 31.33 -33.42
N ARG D 94 -7.05 32.40 -34.01
CA ARG D 94 -6.49 32.29 -35.35
C ARG D 94 -5.00 32.08 -35.33
N GLY D 95 -4.45 31.84 -34.13
CA GLY D 95 -3.01 31.57 -34.01
C GLY D 95 -2.15 32.81 -34.10
N ARG D 96 -2.76 33.97 -34.01
CA ARG D 96 -1.98 35.19 -34.31
C ARG D 96 -0.90 35.59 -33.31
N SER D 97 -0.92 35.08 -32.08
CA SER D 97 0.20 35.41 -31.20
C SER D 97 0.76 34.17 -30.49
N GLY D 98 0.48 32.98 -31.03
CA GLY D 98 1.03 31.75 -30.49
C GLY D 98 0.06 30.59 -30.71
N VAL D 99 0.53 29.42 -30.35
CA VAL D 99 -0.22 28.18 -30.56
C VAL D 99 -0.18 27.35 -29.27
N GLY D 100 -1.09 26.37 -29.20
CA GLY D 100 -1.14 25.44 -28.07
C GLY D 100 0.07 24.54 -27.93
N THR D 101 0.89 24.44 -28.98
CA THR D 101 2.04 23.61 -28.89
C THR D 101 3.12 24.11 -27.95
N ALA D 102 3.23 25.44 -27.83
CA ALA D 102 4.47 26.00 -27.29
C ALA D 102 4.29 27.24 -26.47
N TRP D 103 5.30 27.48 -25.65
CA TRP D 103 5.54 28.76 -24.99
C TRP D 103 5.46 29.93 -25.97
N SER D 104 4.83 31.01 -25.53
CA SER D 104 4.75 32.28 -26.28
C SER D 104 4.93 33.46 -25.34
N PRO D 105 5.22 34.65 -25.90
CA PRO D 105 5.37 35.80 -25.02
C PRO D 105 4.15 36.18 -24.24
N VAL D 106 2.98 35.79 -24.73
CA VAL D 106 1.73 36.00 -23.98
C VAL D 106 1.76 35.32 -22.61
N LEU D 107 2.33 34.13 -22.53
CA LEU D 107 2.45 33.44 -21.24
C LEU D 107 3.38 34.21 -20.28
N ASP D 108 4.52 34.68 -20.77
CA ASP D 108 5.37 35.48 -19.92
C ASP D 108 4.62 36.67 -19.34
N SER D 109 3.76 37.31 -20.14
CA SER D 109 3.00 38.47 -19.69
CA SER D 109 3.00 38.47 -19.70
C SER D 109 1.99 38.12 -18.62
N LEU D 110 1.23 37.05 -18.84
CA LEU D 110 0.24 36.60 -17.85
C LEU D 110 0.92 36.19 -16.51
N LEU D 111 2.01 35.44 -16.57
CA LEU D 111 2.67 35.01 -15.34
C LEU D 111 3.20 36.20 -14.56
N GLY D 112 3.79 37.16 -15.28
CA GLY D 112 4.27 38.39 -14.63
C GLY D 112 3.16 39.18 -13.98
N GLN D 113 2.03 39.31 -14.69
CA GLN D 113 0.83 40.02 -14.23
CA GLN D 113 0.96 40.08 -14.09
C GLN D 113 0.32 39.39 -12.90
N LEU D 114 0.23 38.06 -12.92
CA LEU D 114 -0.33 37.35 -11.76
C LEU D 114 0.54 37.59 -10.53
N GLN D 115 1.86 37.50 -10.72
CA GLN D 115 2.78 37.66 -9.63
C GLN D 115 2.73 39.10 -9.12
N GLU D 116 2.65 40.07 -10.02
CA GLU D 116 2.58 41.49 -9.63
C GLU D 116 1.36 41.80 -8.76
N VAL D 117 0.20 41.25 -9.11
CA VAL D 117 -1.05 41.61 -8.45
C VAL D 117 -1.25 40.81 -7.15
N CYS D 118 -0.92 39.53 -7.16
CA CYS D 118 -1.19 38.67 -6.00
C CYS D 118 -0.01 38.39 -5.12
N GLY D 119 1.21 38.55 -5.64
CA GLY D 119 2.42 38.26 -4.88
C GLY D 119 2.84 36.80 -4.93
N GLY D 120 3.99 36.51 -4.32
CA GLY D 120 4.44 35.14 -4.15
C GLY D 120 5.73 34.88 -4.90
N ASP D 121 6.42 33.82 -4.53
CA ASP D 121 7.68 33.43 -5.16
C ASP D 121 7.43 32.91 -6.57
N VAL D 122 6.39 32.08 -6.67
CA VAL D 122 6.11 31.31 -7.88
C VAL D 122 4.61 31.30 -8.10
N VAL D 123 4.25 30.98 -9.35
CA VAL D 123 2.86 30.91 -9.77
C VAL D 123 2.62 29.66 -10.62
N GLY D 124 1.34 29.30 -10.75
CA GLY D 124 0.95 28.15 -11.57
C GLY D 124 -0.47 28.35 -12.10
N LEU D 125 -0.84 27.59 -13.12
CA LEU D 125 -2.09 27.72 -13.83
C LEU D 125 -2.81 26.37 -13.89
N TYR D 126 -4.13 26.46 -13.89
CA TYR D 126 -5.02 25.30 -13.93
C TYR D 126 -6.24 25.65 -14.77
N ARG D 127 -7.08 24.65 -15.08
CA ARG D 127 -8.30 24.86 -15.86
C ARG D 127 -9.57 25.06 -15.06
N THR D 128 -9.58 24.69 -13.78
CA THR D 128 -10.72 24.91 -12.86
C THR D 128 -10.19 25.22 -11.47
N GLY D 129 -10.99 25.87 -10.65
CA GLY D 129 -10.68 26.05 -9.25
C GLY D 129 -10.59 24.69 -8.56
N THR D 130 -11.46 23.71 -8.91
CA THR D 130 -11.38 22.39 -8.33
C THR D 130 -9.99 21.80 -8.51
N ALA D 131 -9.47 21.90 -9.74
CA ALA D 131 -8.18 21.26 -10.00
C ALA D 131 -7.06 22.02 -9.24
N ALA D 132 -7.13 23.34 -9.20
CA ALA D 132 -6.10 24.12 -8.52
C ALA D 132 -6.09 23.80 -7.03
N LEU D 133 -7.28 23.70 -6.43
CA LEU D 133 -7.38 23.46 -5.00
C LEU D 133 -6.86 22.08 -4.64
N ARG D 134 -7.19 21.06 -5.45
CA ARG D 134 -6.67 19.74 -5.14
C ARG D 134 -5.17 19.70 -5.29
N SER D 135 -4.69 20.28 -6.38
CA SER D 135 -3.22 20.22 -6.65
C SER D 135 -2.42 20.92 -5.53
N VAL D 136 -2.79 22.13 -5.17
CA VAL D 136 -2.03 22.86 -4.14
C VAL D 136 -2.19 22.22 -2.77
N THR D 137 -3.36 21.68 -2.42
CA THR D 137 -3.52 21.03 -1.14
C THR D 137 -2.62 19.82 -1.05
N CYS D 138 -2.59 19.03 -2.12
CA CYS D 138 -1.72 17.86 -2.14
C CYS D 138 -0.24 18.24 -2.08
N ALA D 139 0.13 19.30 -2.80
CA ALA D 139 1.54 19.75 -2.84
C ALA D 139 1.97 20.23 -1.46
N VAL D 140 1.16 21.06 -0.84
CA VAL D 140 1.55 21.59 0.47
C VAL D 140 1.63 20.47 1.52
N ARG D 141 0.66 19.57 1.50
CA ARG D 141 0.70 18.44 2.42
C ARG D 141 2.00 17.64 2.21
N ASP D 142 2.39 17.42 0.96
CA ASP D 142 3.59 16.67 0.68
C ASP D 142 4.81 17.39 1.24
N ALA D 143 4.89 18.69 1.01
CA ALA D 143 6.06 19.49 1.47
C ALA D 143 6.15 19.54 3.00
N ARG D 144 5.01 19.47 3.68
CA ARG D 144 4.94 19.61 5.14
C ARG D 144 5.16 18.28 5.90
N ASP D 145 5.13 17.13 5.20
CA ASP D 145 5.33 15.83 5.83
C ASP D 145 4.34 15.60 7.00
N ARG D 146 3.10 16.08 6.86
CA ARG D 146 2.05 16.00 7.89
C ARG D 146 0.77 15.72 7.14
N SER D 147 -0.11 14.90 7.72
CA SER D 147 -1.25 14.35 6.96
C SER D 147 -2.58 15.09 7.10
N ILE D 148 -2.72 15.94 8.11
CA ILE D 148 -4.03 16.46 8.43
C ILE D 148 -4.13 17.87 7.85
N VAL D 149 -5.24 18.14 7.20
CA VAL D 149 -5.52 19.48 6.64
C VAL D 149 -6.80 19.98 7.26
N LEU D 150 -6.81 21.22 7.76
CA LEU D 150 -7.99 21.83 8.33
C LEU D 150 -8.60 22.73 7.25
N SER D 151 -9.91 22.61 7.06
CA SER D 151 -10.59 23.22 5.91
C SER D 151 -11.86 23.90 6.29
N SER D 152 -12.09 25.11 5.76
CA SER D 152 -13.43 25.69 5.76
C SER D 152 -13.75 26.29 4.42
N GLY D 153 -15.02 26.20 4.01
CA GLY D 153 -15.46 26.76 2.73
C GLY D 153 -15.41 25.77 1.59
N TYR D 154 -16.11 26.10 0.50
CA TYR D 154 -16.18 25.23 -0.66
C TYR D 154 -14.84 25.30 -1.39
N HIS D 155 -14.35 24.17 -1.86
CA HIS D 155 -13.07 24.11 -2.62
C HIS D 155 -13.17 23.37 -3.93
N GLY D 156 -14.41 23.06 -4.35
CA GLY D 156 -14.65 22.40 -5.63
C GLY D 156 -15.24 21.02 -5.45
N TYR D 157 -15.42 20.36 -6.59
CA TYR D 157 -16.28 19.15 -6.61
C TYR D 157 -15.53 17.85 -6.25
N ASP D 158 -14.21 17.88 -6.16
CA ASP D 158 -13.45 16.67 -5.97
C ASP D 158 -13.85 15.91 -4.71
N PRO D 159 -13.89 14.58 -4.82
CA PRO D 159 -14.27 13.82 -3.63
C PRO D 159 -13.38 13.92 -2.40
N MET D 160 -12.15 14.43 -2.56
CA MET D 160 -11.31 14.61 -1.39
C MET D 160 -11.91 15.43 -0.26
N TRP D 161 -12.87 16.30 -0.61
CA TRP D 161 -13.52 17.21 0.32
C TRP D 161 -14.77 16.61 0.98
N HIS D 162 -15.26 15.49 0.46
CA HIS D 162 -16.48 14.85 0.98
C HIS D 162 -16.27 14.38 2.41
N CYS D 163 -17.27 14.61 3.26
CA CYS D 163 -17.17 14.04 4.60
C CYS D 163 -18.53 13.72 5.19
N ASP D 164 -18.55 12.81 6.15
CA ASP D 164 -19.82 12.35 6.74
C ASP D 164 -20.14 13.25 7.94
N GLU D 165 -19.13 13.89 8.49
CA GLU D 165 -19.35 14.71 9.69
C GLU D 165 -18.26 15.74 9.79
N PRO D 166 -18.58 16.89 10.39
CA PRO D 166 -17.59 17.93 10.59
C PRO D 166 -16.71 17.67 11.78
N PHE D 167 -15.57 18.34 11.89
CA PHE D 167 -14.74 18.37 13.09
C PHE D 167 -13.88 17.15 13.37
N THR D 168 -13.88 16.15 12.49
CA THR D 168 -12.97 15.00 12.57
C THR D 168 -12.54 14.67 11.15
N PRO D 169 -11.39 13.99 10.99
CA PRO D 169 -10.89 13.82 9.63
C PRO D 169 -11.71 12.85 8.78
N ASN D 170 -11.87 13.21 7.51
CA ASN D 170 -12.37 12.31 6.51
C ASN D 170 -11.32 11.29 6.12
N GLN D 171 -11.65 10.45 5.14
CA GLN D 171 -10.73 9.43 4.67
C GLN D 171 -9.50 9.97 4.00
N HIS D 172 -9.48 11.28 3.70
CA HIS D 172 -8.36 11.91 3.03
C HIS D 172 -7.57 12.86 3.98
N GLY D 173 -7.87 12.80 5.27
CA GLY D 173 -7.19 13.56 6.32
C GLY D 173 -7.65 14.99 6.42
N ILE D 174 -8.76 15.34 5.78
CA ILE D 174 -9.27 16.69 5.80
C ILE D 174 -10.28 16.80 6.93
N VAL D 175 -10.09 17.82 7.76
CA VAL D 175 -11.04 18.13 8.86
C VAL D 175 -11.82 19.40 8.51
N GLU D 176 -13.12 19.27 8.32
CA GLU D 176 -14.01 20.42 8.06
C GLU D 176 -14.28 21.11 9.40
N PHE D 177 -13.90 22.37 9.57
CA PHE D 177 -14.16 23.14 10.79
C PHE D 177 -15.22 24.23 10.73
N LEU D 178 -15.85 24.43 9.56
CA LEU D 178 -17.04 25.25 9.41
C LEU D 178 -16.85 26.68 9.89
N PHE D 179 -15.63 27.20 9.75
CA PHE D 179 -15.29 28.52 10.25
C PHE D 179 -15.40 28.69 11.78
N ASP D 180 -15.43 27.57 12.50
CA ASP D 180 -15.44 27.62 13.96
C ASP D 180 -14.03 27.67 14.51
N LEU D 181 -13.71 28.79 15.17
CA LEU D 181 -12.33 28.97 15.64
C LEU D 181 -12.01 28.18 16.95
N ASP D 182 -13.00 27.80 17.73
CA ASP D 182 -12.77 26.92 18.86
C ASP D 182 -12.31 25.54 18.40
N VAL D 183 -12.95 25.02 17.36
CA VAL D 183 -12.52 23.77 16.79
C VAL D 183 -11.15 23.91 16.12
N LEU D 184 -10.97 24.98 15.36
CA LEU D 184 -9.64 25.23 14.76
C LEU D 184 -8.55 25.24 15.82
N ALA D 185 -8.77 26.01 16.89
CA ALA D 185 -7.76 26.09 17.94
C ALA D 185 -7.38 24.72 18.54
N GLU D 186 -8.38 23.86 18.71
CA GLU D 186 -8.08 22.52 19.20
C GLU D 186 -7.18 21.76 18.25
N TRP D 187 -7.51 21.76 16.95
CA TRP D 187 -6.64 21.10 16.01
C TRP D 187 -5.28 21.73 15.92
N LEU D 188 -5.20 23.05 16.04
CA LEU D 188 -3.91 23.71 15.88
C LEU D 188 -3.01 23.53 17.12
N SER D 189 -3.52 22.92 18.19
CA SER D 189 -2.69 22.40 19.29
C SER D 189 -1.88 21.18 18.91
N ARG D 190 -2.02 20.73 17.67
CA ARG D 190 -1.24 19.63 17.11
C ARG D 190 -0.38 20.09 15.92
N PRO D 191 0.56 21.00 16.17
CA PRO D 191 1.28 21.62 15.08
C PRO D 191 2.20 20.70 14.32
N GLU D 192 2.60 19.58 14.92
CA GLU D 192 3.43 18.64 14.19
C GLU D 192 2.64 17.68 13.32
N GLN D 193 1.31 17.77 13.35
CA GLN D 193 0.38 16.90 12.61
C GLN D 193 -0.40 17.62 11.51
N VAL D 194 -0.51 18.94 11.56
CA VAL D 194 -1.41 19.67 10.68
C VAL D 194 -0.58 20.36 9.61
N ALA D 195 -0.81 19.92 8.37
CA ALA D 195 -0.07 20.47 7.21
C ALA D 195 -0.41 21.90 6.88
N ALA D 196 -1.70 22.25 6.91
CA ALA D 196 -2.12 23.52 6.35
C ALA D 196 -3.53 23.75 6.82
N VAL D 197 -3.95 25.01 6.76
CA VAL D 197 -5.36 25.39 6.91
C VAL D 197 -5.77 26.03 5.59
N VAL D 198 -6.82 25.49 4.97
CA VAL D 198 -7.33 26.02 3.68
C VAL D 198 -8.71 26.62 3.93
N ILE D 199 -8.84 27.90 3.65
CA ILE D 199 -10.09 28.63 3.82
C ILE D 199 -10.52 29.36 2.57
N SER D 200 -11.84 29.39 2.37
CA SER D 200 -12.48 30.21 1.36
C SER D 200 -13.03 31.46 2.04
N PRO D 201 -12.27 32.57 1.98
CA PRO D 201 -12.68 33.71 2.79
C PRO D 201 -14.05 34.25 2.45
N ASP D 202 -14.81 34.57 3.49
CA ASP D 202 -16.09 35.22 3.31
C ASP D 202 -16.00 36.58 4.01
N HIS D 203 -16.63 37.57 3.40
CA HIS D 203 -16.69 38.87 4.03
C HIS D 203 -18.10 39.36 4.28
N MET D 204 -19.10 38.51 4.08
CA MET D 204 -20.47 38.87 4.48
C MET D 204 -20.78 38.59 5.90
N HIS D 205 -20.32 37.44 6.37
CA HIS D 205 -20.61 36.95 7.71
C HIS D 205 -19.41 36.74 8.62
N LEU D 206 -18.20 36.98 8.09
CA LEU D 206 -17.02 36.98 8.95
C LEU D 206 -16.40 38.38 8.87
N GLY D 207 -16.06 38.92 10.03
CA GLY D 207 -15.49 40.25 10.08
C GLY D 207 -14.10 40.26 10.66
N GLU D 208 -13.65 41.46 11.00
CA GLU D 208 -12.28 41.71 11.35
C GLU D 208 -11.82 40.84 12.51
N ARG D 209 -12.66 40.70 13.53
CA ARG D 209 -12.31 39.96 14.72
C ARG D 209 -12.06 38.51 14.37
N TRP D 210 -12.84 37.97 13.44
CA TRP D 210 -12.66 36.58 13.04
C TRP D 210 -11.29 36.43 12.36
N TYR D 211 -11.01 37.26 11.38
CA TYR D 211 -9.70 37.19 10.68
C TYR D 211 -8.50 37.39 11.57
N THR D 212 -8.57 38.33 12.51
CA THR D 212 -7.40 38.58 13.38
C THR D 212 -7.15 37.34 14.24
N GLU D 213 -8.20 36.70 14.73
CA GLU D 213 -8.02 35.52 15.56
C GLU D 213 -7.57 34.31 14.73
N PHE D 214 -8.08 34.19 13.50
CA PHE D 214 -7.68 33.10 12.59
C PHE D 214 -6.18 33.24 12.27
N THR D 215 -5.76 34.45 11.93
CA THR D 215 -4.34 34.66 11.57
C THR D 215 -3.43 34.46 12.82
N ARG D 216 -3.87 34.94 13.98
CA ARG D 216 -3.15 34.63 15.20
C ARG D 216 -2.93 33.15 15.48
N LEU D 217 -4.01 32.40 15.42
CA LEU D 217 -3.95 30.97 15.68
C LEU D 217 -3.01 30.25 14.72
N THR D 218 -3.10 30.58 13.42
CA THR D 218 -2.27 29.88 12.42
C THR D 218 -0.82 30.31 12.56
N LYS D 219 -0.59 31.59 12.85
CA LYS D 219 0.79 32.04 13.09
C LYS D 219 1.43 31.36 14.29
N GLU D 220 0.68 31.30 15.39
CA GLU D 220 1.16 30.69 16.62
C GLU D 220 1.50 29.22 16.46
N ALA D 221 0.68 28.53 15.65
CA ALA D 221 0.90 27.12 15.31
C ALA D 221 1.93 26.88 14.21
N ASP D 222 2.33 27.95 13.54
CA ASP D 222 3.25 27.90 12.40
C ASP D 222 2.76 26.95 11.32
N VAL D 223 1.45 27.00 11.09
CA VAL D 223 0.76 26.22 10.05
C VAL D 223 0.43 27.16 8.90
N PRO D 224 0.89 26.84 7.69
CA PRO D 224 0.62 27.71 6.53
C PRO D 224 -0.85 27.74 6.15
N VAL D 225 -1.28 28.93 5.69
CA VAL D 225 -2.62 29.19 5.24
C VAL D 225 -2.66 29.17 3.72
N ILE D 226 -3.60 28.37 3.21
CA ILE D 226 -3.95 28.34 1.79
C ILE D 226 -5.25 29.15 1.67
N ALA D 227 -5.14 30.29 1.01
CA ALA D 227 -6.27 31.16 0.79
C ALA D 227 -6.94 30.81 -0.51
N ASP D 228 -8.09 30.13 -0.40
CA ASP D 228 -8.85 29.77 -1.58
C ASP D 228 -9.68 31.01 -1.95
N GLU D 229 -9.06 31.85 -2.77
CA GLU D 229 -9.69 33.08 -3.24
C GLU D 229 -10.25 32.92 -4.66
N VAL D 230 -10.68 31.71 -4.98
CA VAL D 230 -11.32 31.49 -6.28
C VAL D 230 -12.45 32.48 -6.53
N LYS D 231 -13.27 32.73 -5.50
CA LYS D 231 -14.41 33.63 -5.60
C LYS D 231 -14.04 35.06 -5.28
N VAL D 232 -13.23 35.27 -4.22
CA VAL D 232 -13.05 36.62 -3.70
C VAL D 232 -11.75 37.29 -4.12
N GLY D 233 -10.87 36.55 -4.79
CA GLY D 233 -9.59 37.08 -5.27
C GLY D 233 -9.86 38.04 -6.41
N LEU D 234 -9.40 39.27 -6.26
CA LEU D 234 -9.65 40.35 -7.22
C LEU D 234 -11.10 40.83 -7.25
N ARG D 235 -11.93 40.35 -6.35
CA ARG D 235 -13.35 40.68 -6.39
C ARG D 235 -13.64 42.11 -5.93
N TYR D 236 -12.92 42.56 -4.91
CA TYR D 236 -13.21 43.81 -4.25
C TYR D 236 -12.20 44.90 -4.58
N ARG D 237 -11.03 44.50 -5.05
CA ARG D 237 -9.89 45.38 -5.30
C ARG D 237 -8.91 44.64 -6.18
N ALA D 238 -7.85 45.33 -6.58
CA ALA D 238 -6.75 44.76 -7.37
C ALA D 238 -5.78 43.98 -6.48
N GLY D 239 -6.29 42.91 -5.89
CA GLY D 239 -5.50 42.00 -5.09
C GLY D 239 -6.41 41.08 -4.34
N LEU D 240 -5.80 40.34 -3.43
CA LEU D 240 -6.58 39.44 -2.57
C LEU D 240 -7.53 40.19 -1.63
N SER D 241 -8.52 39.46 -1.11
CA SER D 241 -9.65 40.03 -0.42
C SER D 241 -9.46 40.67 0.95
N THR D 242 -8.43 40.28 1.70
CA THR D 242 -8.17 41.01 2.98
C THR D 242 -6.72 41.03 3.42
N PRO D 243 -6.24 42.19 3.94
CA PRO D 243 -4.88 42.21 4.44
C PRO D 243 -4.77 41.63 5.83
N LEU D 244 -5.89 41.23 6.42
CA LEU D 244 -5.84 40.53 7.71
C LEU D 244 -5.43 39.06 7.56
N LEU D 245 -5.33 38.57 6.33
CA LEU D 245 -4.83 37.23 6.08
C LEU D 245 -3.40 37.33 5.59
N ASP D 246 -2.58 36.36 5.99
CA ASP D 246 -1.22 36.29 5.49
C ASP D 246 -0.96 34.92 4.85
N PRO D 247 -1.46 34.74 3.61
CA PRO D 247 -1.41 33.35 3.15
C PRO D 247 -0.08 32.94 2.56
N ALA D 248 0.28 31.68 2.79
CA ALA D 248 1.45 31.11 2.17
C ALA D 248 1.23 30.77 0.69
N VAL D 249 -0.02 30.42 0.36
CA VAL D 249 -0.43 30.04 -1.00
C VAL D 249 -1.80 30.65 -1.23
N TRP D 250 -1.96 31.20 -2.42
CA TRP D 250 -3.26 31.71 -2.87
C TRP D 250 -3.71 30.99 -4.14
N ILE D 251 -5.03 31.01 -4.34
CA ILE D 251 -5.66 30.62 -5.58
C ILE D 251 -6.72 31.66 -5.95
N VAL D 252 -6.74 32.10 -7.20
CA VAL D 252 -7.75 32.93 -7.78
C VAL D 252 -8.27 32.29 -9.07
N ALA D 253 -9.46 32.68 -9.52
CA ALA D 253 -10.00 32.09 -10.76
C ALA D 253 -11.21 32.86 -11.30
N LYS D 254 -12.29 32.98 -10.54
CA LYS D 254 -13.49 33.56 -11.12
C LYS D 254 -13.26 34.97 -11.67
N CYS D 255 -12.43 35.76 -10.99
CA CYS D 255 -12.23 37.15 -11.47
C CYS D 255 -11.15 37.31 -12.54
N LEU D 256 -10.56 36.22 -12.98
CA LEU D 256 -9.37 36.27 -13.80
C LEU D 256 -9.62 36.40 -15.32
N ALA D 257 -10.67 35.80 -15.87
CA ALA D 257 -10.74 35.55 -17.31
C ALA D 257 -12.12 35.72 -17.96
N ASN D 258 -12.99 36.40 -17.25
CA ASN D 258 -14.35 36.69 -17.72
C ASN D 258 -15.11 35.45 -18.12
N GLY D 259 -14.87 34.37 -17.38
CA GLY D 259 -15.58 33.14 -17.64
C GLY D 259 -14.81 32.08 -18.37
N SER D 260 -13.72 32.44 -19.05
CA SER D 260 -12.88 31.46 -19.70
C SER D 260 -12.19 30.61 -18.61
N PRO D 261 -11.90 29.35 -18.94
CA PRO D 261 -11.52 28.35 -17.91
C PRO D 261 -10.05 28.48 -17.51
N VAL D 262 -9.73 29.36 -16.56
CA VAL D 262 -8.37 29.63 -16.09
C VAL D 262 -8.46 29.84 -14.58
N ALA D 263 -7.58 29.18 -13.86
CA ALA D 263 -7.39 29.40 -12.42
C ALA D 263 -5.87 29.55 -12.26
N ALA D 264 -5.48 30.34 -11.27
CA ALA D 264 -4.07 30.58 -11.02
C ALA D 264 -3.79 30.41 -9.55
N VAL D 265 -2.58 29.96 -9.24
CA VAL D 265 -2.13 29.83 -7.87
C VAL D 265 -0.78 30.51 -7.71
N GLY D 266 -0.37 30.81 -6.47
CA GLY D 266 1.01 31.26 -6.29
C GLY D 266 1.32 31.30 -4.83
N GLY D 267 2.60 31.58 -4.55
CA GLY D 267 3.06 31.60 -3.17
C GLY D 267 4.39 30.96 -3.00
N ASP D 268 4.58 30.35 -1.84
CA ASP D 268 5.89 29.92 -1.42
C ASP D 268 6.48 28.81 -2.30
N ALA D 269 7.72 28.99 -2.77
CA ALA D 269 8.33 28.03 -3.65
C ALA D 269 8.50 26.66 -3.05
N HIS D 270 8.88 26.61 -1.78
CA HIS D 270 9.15 25.31 -1.17
C HIS D 270 7.82 24.57 -0.97
N LEU D 271 6.79 25.28 -0.52
CA LEU D 271 5.54 24.57 -0.31
C LEU D 271 4.88 24.10 -1.58
N LEU D 272 5.12 24.81 -2.66
CA LEU D 272 4.61 24.45 -3.98
C LEU D 272 5.61 23.66 -4.83
N ALA D 273 6.66 23.09 -4.23
CA ALA D 273 7.65 22.37 -5.00
C ALA D 273 7.05 21.25 -5.86
N ALA D 274 6.10 20.50 -5.31
CA ALA D 274 5.50 19.39 -6.07
C ALA D 274 4.71 19.81 -7.34
N LEU D 275 4.42 21.10 -7.51
CA LEU D 275 3.82 21.55 -8.75
C LEU D 275 4.71 21.28 -9.94
N GLU D 276 6.00 21.02 -9.73
CA GLU D 276 6.84 20.68 -10.87
C GLU D 276 6.31 19.45 -11.61
N ASP D 277 5.47 18.63 -10.97
CA ASP D 277 4.88 17.39 -11.53
C ASP D 277 3.62 17.67 -12.35
N VAL D 278 3.20 18.91 -12.43
CA VAL D 278 1.95 19.25 -13.12
C VAL D 278 2.20 19.72 -14.54
N SER D 279 1.54 19.06 -15.47
CA SER D 279 1.39 19.46 -16.85
C SER D 279 0.05 18.95 -17.35
N PHE D 280 -0.55 19.66 -18.29
CA PHE D 280 -1.75 19.19 -18.94
C PHE D 280 -1.75 19.65 -20.40
N THR D 281 -2.44 18.89 -21.22
CA THR D 281 -2.37 19.06 -22.69
C THR D 281 -2.68 20.47 -23.15
N SER D 282 -3.71 21.07 -22.59
CA SER D 282 -4.16 22.38 -23.03
C SER D 282 -3.42 23.54 -22.36
N TYR D 283 -2.25 23.27 -21.76
CA TYR D 283 -1.60 24.30 -20.91
C TYR D 283 -1.42 25.64 -21.68
N PHE D 284 -1.06 25.54 -22.96
CA PHE D 284 -0.72 26.73 -23.76
C PHE D 284 -1.85 27.19 -24.65
N GLU D 285 -3.07 26.72 -24.35
CA GLU D 285 -4.19 27.02 -25.21
C GLU D 285 -4.35 28.54 -25.33
N PRO D 286 -4.30 29.08 -26.56
CA PRO D 286 -4.21 30.55 -26.67
C PRO D 286 -5.45 31.38 -26.34
N THR D 287 -6.66 30.86 -26.56
CA THR D 287 -7.84 31.61 -26.21
C THR D 287 -8.02 31.88 -24.71
N ALA D 288 -7.78 30.84 -23.91
CA ALA D 288 -7.83 31.01 -22.49
C ALA D 288 -6.80 32.05 -22.02
N MET D 289 -5.63 32.01 -22.62
CA MET D 289 -4.56 32.93 -22.27
C MET D 289 -4.90 34.38 -22.66
N ALA D 290 -5.50 34.51 -23.83
CA ALA D 290 -6.02 35.81 -24.26
C ALA D 290 -7.08 36.39 -23.32
N ALA D 291 -8.06 35.60 -22.95
CA ALA D 291 -9.06 36.07 -22.04
C ALA D 291 -8.52 36.49 -20.68
N ALA D 292 -7.65 35.68 -20.12
CA ALA D 292 -7.02 36.01 -18.87
C ALA D 292 -6.11 37.22 -18.92
N THR D 293 -5.23 37.29 -19.89
CA THR D 293 -4.37 38.46 -19.95
CA THR D 293 -4.35 38.47 -19.98
C THR D 293 -5.17 39.76 -20.13
N THR D 294 -6.20 39.72 -20.95
CA THR D 294 -7.04 40.89 -21.22
C THR D 294 -7.87 41.28 -19.99
N THR D 295 -8.48 40.29 -19.34
CA THR D 295 -9.27 40.55 -18.15
C THR D 295 -8.40 41.02 -16.99
N LEU D 296 -7.29 40.33 -16.75
CA LEU D 296 -6.42 40.68 -15.62
C LEU D 296 -5.87 42.09 -15.78
N ARG D 297 -5.56 42.51 -16.99
CA ARG D 297 -5.10 43.89 -17.20
C ARG D 297 -6.13 44.90 -16.70
N ARG D 298 -7.43 44.63 -16.94
CA ARG D 298 -8.46 45.50 -16.42
C ARG D 298 -8.65 45.38 -14.93
N MET D 299 -8.67 44.15 -14.46
CA MET D 299 -8.88 43.94 -13.01
C MET D 299 -7.75 44.47 -12.15
N ALA D 300 -6.54 44.53 -12.71
CA ALA D 300 -5.39 45.02 -12.00
C ALA D 300 -5.42 46.53 -11.75
N THR D 301 -6.26 47.24 -12.49
CA THR D 301 -6.42 48.68 -12.28
C THR D 301 -7.36 48.97 -11.12
N GLY D 302 -8.18 48.01 -10.69
CA GLY D 302 -9.19 48.29 -9.71
C GLY D 302 -10.48 48.95 -10.20
N GLU D 303 -10.50 49.38 -11.48
CA GLU D 303 -11.63 50.13 -11.98
C GLU D 303 -12.94 49.33 -12.10
N PRO D 304 -12.88 48.09 -12.63
CA PRO D 304 -14.16 47.38 -12.69
C PRO D 304 -14.73 47.15 -11.32
N GLN D 305 -13.89 46.85 -10.34
CA GLN D 305 -14.38 46.54 -9.01
C GLN D 305 -15.01 47.77 -8.41
N GLN D 306 -14.38 48.93 -8.64
CA GLN D 306 -14.93 50.17 -8.08
C GLN D 306 -16.29 50.47 -8.74
N ALA D 307 -16.39 50.27 -10.04
CA ALA D 307 -17.63 50.55 -10.75
C ALA D 307 -18.72 49.59 -10.31
N ILE D 308 -18.38 48.31 -10.21
CA ILE D 308 -19.36 47.31 -9.73
C ILE D 308 -19.83 47.64 -8.32
N ARG D 309 -18.90 47.99 -7.45
CA ARG D 309 -19.27 48.24 -6.07
C ARG D 309 -20.25 49.40 -6.00
N ALA D 310 -19.99 50.46 -6.77
CA ALA D 310 -20.91 51.61 -6.76
C ALA D 310 -22.30 51.22 -7.28
N ALA D 311 -22.32 50.46 -8.38
CA ALA D 311 -23.61 50.09 -9.00
C ALA D 311 -24.40 49.16 -8.09
N GLY D 312 -23.73 48.10 -7.63
CA GLY D 312 -24.35 47.15 -6.73
C GLY D 312 -24.83 47.80 -5.43
N ASP D 313 -24.04 48.72 -4.87
CA ASP D 313 -24.43 49.39 -3.64
C ASP D 313 -25.72 50.14 -3.86
N ARG D 314 -25.88 50.79 -5.02
CA ARG D 314 -27.10 51.54 -5.29
C ARG D 314 -28.30 50.58 -5.38
N PHE D 315 -28.06 49.44 -6.04
CA PHE D 315 -29.09 48.41 -6.08
C PHE D 315 -29.48 47.91 -4.68
N ILE D 316 -28.45 47.60 -3.87
CA ILE D 316 -28.66 47.13 -2.53
C ILE D 316 -29.45 48.16 -1.72
N ALA D 317 -29.08 49.45 -1.79
CA ALA D 317 -29.79 50.46 -0.95
C ALA D 317 -31.26 50.55 -1.37
N HIS D 318 -31.47 50.51 -2.68
CA HIS D 318 -32.83 50.59 -3.22
C HIS D 318 -33.66 49.43 -2.76
N THR D 319 -33.10 48.22 -2.81
CA THR D 319 -33.84 47.04 -2.53
C THR D 319 -34.14 46.92 -1.03
N ARG D 320 -33.18 47.28 -0.19
CA ARG D 320 -33.43 47.41 1.25
C ARG D 320 -34.62 48.34 1.49
N ALA D 321 -34.63 49.50 0.86
CA ALA D 321 -35.68 50.51 1.10
C ALA D 321 -37.04 50.02 0.58
N ALA D 322 -37.07 49.38 -0.60
CA ALA D 322 -38.29 48.80 -1.13
C ALA D 322 -38.82 47.68 -0.27
N PHE D 323 -37.96 46.75 0.15
CA PHE D 323 -38.43 45.75 1.06
C PHE D 323 -38.91 46.33 2.41
N ALA D 324 -38.23 47.34 2.94
CA ALA D 324 -38.65 47.95 4.21
C ALA D 324 -40.02 48.58 4.07
N ASN D 325 -40.18 49.37 3.01
CA ASN D 325 -41.46 50.02 2.75
C ASN D 325 -42.59 49.02 2.57
N ALA D 326 -42.30 47.89 1.94
CA ALA D 326 -43.33 46.92 1.61
C ALA D 326 -43.57 45.87 2.70
N GLY D 327 -42.78 45.97 3.79
CA GLY D 327 -42.86 45.01 4.87
C GLY D 327 -42.39 43.61 4.55
N VAL D 328 -41.47 43.50 3.60
CA VAL D 328 -40.98 42.22 3.16
C VAL D 328 -39.80 41.74 4.03
N PRO D 329 -39.91 40.55 4.64
CA PRO D 329 -38.92 40.09 5.61
C PRO D 329 -37.70 39.44 4.94
N ILE D 330 -36.96 40.26 4.21
CA ILE D 330 -35.72 39.83 3.54
C ILE D 330 -34.68 40.94 3.78
N ASP D 331 -33.53 40.59 4.35
CA ASP D 331 -32.43 41.56 4.39
C ASP D 331 -31.39 41.19 3.36
N LEU D 332 -30.41 42.08 3.26
CA LEU D 332 -29.29 41.87 2.38
C LEU D 332 -28.02 41.91 3.21
N ALA D 333 -27.11 41.01 2.87
CA ALA D 333 -25.76 41.07 3.43
C ALA D 333 -24.74 41.29 2.32
N GLY D 334 -23.57 41.80 2.68
CA GLY D 334 -22.55 42.02 1.67
C GLY D 334 -22.50 43.43 1.15
N ASN D 335 -21.96 43.56 -0.06
CA ASN D 335 -21.82 44.85 -0.72
C ASN D 335 -22.01 44.72 -2.23
N GLY D 336 -21.80 45.81 -2.96
CA GLY D 336 -22.06 45.81 -4.39
C GLY D 336 -21.31 44.79 -5.24
N ASN D 337 -20.10 44.44 -4.80
CA ASN D 337 -19.33 43.41 -5.46
C ASN D 337 -19.86 42.01 -5.26
N LEU D 338 -20.43 41.75 -4.08
CA LEU D 338 -20.84 40.39 -3.69
C LEU D 338 -21.78 40.51 -2.51
N PHE D 339 -23.03 40.11 -2.74
CA PHE D 339 -24.07 40.26 -1.72
C PHE D 339 -25.02 39.08 -1.72
N GLN D 340 -25.86 39.00 -0.71
CA GLN D 340 -26.81 37.94 -0.70
C GLN D 340 -28.08 38.41 -0.02
N PHE D 341 -29.16 37.73 -0.38
CA PHE D 341 -30.45 37.86 0.30
C PHE D 341 -30.53 36.93 1.48
N VAL D 342 -31.03 37.45 2.59
CA VAL D 342 -31.26 36.64 3.78
C VAL D 342 -32.76 36.69 4.05
N CYS D 343 -33.45 35.60 3.78
CA CYS D 343 -34.91 35.56 3.88
C CYS D 343 -35.31 34.95 5.19
N ALA D 344 -36.48 35.34 5.71
CA ALA D 344 -36.87 34.87 7.03
C ALA D 344 -36.92 33.35 7.10
N ASP D 345 -37.44 32.70 6.06
CA ASP D 345 -37.51 31.23 6.02
C ASP D 345 -37.61 30.75 4.56
N ASP D 346 -37.66 29.44 4.34
CA ASP D 346 -37.63 28.88 2.99
C ASP D 346 -38.87 29.22 2.15
N GLU D 347 -40.02 29.31 2.80
CA GLU D 347 -41.24 29.75 2.13
C GLU D 347 -41.11 31.15 1.52
N VAL D 348 -40.55 32.06 2.30
CA VAL D 348 -40.28 33.42 1.83
C VAL D 348 -39.30 33.36 0.66
N ALA D 349 -38.24 32.60 0.84
CA ALA D 349 -37.24 32.40 -0.22
C ALA D 349 -37.86 31.90 -1.52
N ASP D 350 -38.67 30.86 -1.42
CA ASP D 350 -39.31 30.32 -2.62
C ASP D 350 -40.16 31.41 -3.32
N ALA D 351 -40.92 32.16 -2.53
CA ALA D 351 -41.80 33.16 -3.12
C ALA D 351 -41.02 34.31 -3.73
N PHE D 352 -39.98 34.75 -3.04
CA PHE D 352 -39.07 35.77 -3.58
C PHE D 352 -38.47 35.30 -4.91
N HIS D 353 -37.96 34.08 -4.97
CA HIS D 353 -37.36 33.59 -6.23
C HIS D 353 -38.39 33.50 -7.35
N ALA D 354 -39.61 33.07 -7.06
CA ALA D 354 -40.62 33.09 -8.11
C ALA D 354 -40.97 34.49 -8.60
N ALA D 355 -41.08 35.44 -7.67
CA ALA D 355 -41.39 36.81 -8.02
C ALA D 355 -40.25 37.45 -8.81
N ALA D 356 -39.03 37.15 -8.42
CA ALA D 356 -37.86 37.63 -9.17
C ALA D 356 -37.84 37.11 -10.60
N ALA D 357 -38.02 35.81 -10.78
CA ALA D 357 -38.07 35.20 -12.11
C ALA D 357 -39.18 35.83 -12.94
N ALA D 358 -40.32 36.13 -12.31
CA ALA D 358 -41.39 36.79 -13.04
C ALA D 358 -41.06 38.15 -13.60
N GLU D 359 -40.11 38.85 -12.98
CA GLU D 359 -39.60 40.13 -13.44
CA GLU D 359 -39.59 40.13 -13.42
C GLU D 359 -38.29 40.03 -14.20
N GLY D 360 -37.83 38.81 -14.46
CA GLY D 360 -36.63 38.63 -15.29
C GLY D 360 -35.38 39.02 -14.56
N LEU D 361 -35.40 38.94 -13.23
CA LEU D 361 -34.17 39.07 -12.46
C LEU D 361 -33.61 37.68 -12.31
N LEU D 362 -32.34 37.50 -12.67
CA LEU D 362 -31.71 36.22 -12.59
C LEU D 362 -30.71 36.23 -11.43
N PHE D 363 -31.15 35.73 -10.31
CA PHE D 363 -30.29 35.61 -9.11
C PHE D 363 -29.75 34.18 -8.99
N PHE D 364 -28.58 34.03 -8.35
CA PHE D 364 -28.06 32.71 -7.98
C PHE D 364 -28.76 32.35 -6.67
N GLU D 365 -29.80 31.53 -6.84
CA GLU D 365 -30.78 31.20 -5.79
C GLU D 365 -30.07 30.56 -4.58
N GLY D 366 -30.25 31.17 -3.42
CA GLY D 366 -29.75 30.71 -2.15
C GLY D 366 -28.26 30.89 -1.98
N ASP D 367 -27.65 31.69 -2.84
CA ASP D 367 -26.19 31.85 -2.84
C ASP D 367 -25.84 33.32 -3.01
N ASN D 368 -24.67 33.64 -3.52
CA ASN D 368 -24.34 35.05 -3.59
C ASN D 368 -24.55 35.63 -4.99
N GLN D 369 -24.89 36.90 -5.00
CA GLN D 369 -25.09 37.67 -6.21
C GLN D 369 -23.82 38.48 -6.50
N THR D 370 -23.40 38.50 -7.76
CA THR D 370 -22.12 39.10 -8.14
C THR D 370 -22.30 39.84 -9.47
N PRO D 371 -22.58 41.15 -9.41
CA PRO D 371 -22.78 41.92 -10.64
C PRO D 371 -21.46 42.02 -11.39
N SER D 372 -21.55 42.35 -12.69
CA SER D 372 -20.39 42.59 -13.54
C SER D 372 -20.27 44.08 -13.85
N ALA D 373 -19.15 44.44 -14.47
CA ALA D 373 -18.92 45.85 -14.81
C ALA D 373 -19.90 46.35 -15.86
N ALA D 374 -20.63 45.45 -16.52
CA ALA D 374 -21.70 45.91 -17.42
C ALA D 374 -22.98 46.36 -16.72
N PHE D 375 -23.03 46.27 -15.38
CA PHE D 375 -24.17 46.78 -14.60
CA PHE D 375 -24.12 46.86 -14.61
C PHE D 375 -23.99 48.34 -14.55
N THR D 376 -24.38 48.98 -15.65
CA THR D 376 -24.32 50.44 -15.86
C THR D 376 -25.48 51.11 -15.10
N ASP D 377 -25.47 52.44 -15.03
CA ASP D 377 -26.56 53.14 -14.35
C ASP D 377 -27.90 52.77 -14.96
N GLU D 378 -27.97 52.62 -16.29
CA GLU D 378 -29.23 52.22 -16.92
C GLU D 378 -29.69 50.85 -16.44
N VAL D 379 -28.75 49.88 -16.38
CA VAL D 379 -29.14 48.55 -15.89
C VAL D 379 -29.61 48.60 -14.43
N VAL D 380 -28.91 49.39 -13.62
CA VAL D 380 -29.31 49.58 -12.23
C VAL D 380 -30.73 50.10 -12.08
N GLU D 381 -31.08 51.11 -12.87
CA GLU D 381 -32.44 51.64 -12.89
CA GLU D 381 -32.44 51.62 -12.86
C GLU D 381 -33.46 50.57 -13.28
N ASP D 382 -33.13 49.82 -14.34
CA ASP D 382 -33.97 48.69 -14.75
C ASP D 382 -34.18 47.67 -13.60
N ALA D 383 -33.07 47.27 -12.97
CA ALA D 383 -33.12 46.33 -11.90
C ALA D 383 -33.92 46.83 -10.71
N CYS D 384 -33.76 48.11 -10.42
CA CYS D 384 -34.52 48.72 -9.34
C CYS D 384 -36.02 48.70 -9.61
N GLY D 385 -36.44 49.00 -10.83
CA GLY D 385 -37.88 48.87 -11.16
C GLY D 385 -38.41 47.46 -11.04
N ARG D 386 -37.59 46.48 -11.45
CA ARG D 386 -37.97 45.08 -11.30
C ARG D 386 -38.16 44.69 -9.84
N ILE D 387 -37.23 45.14 -8.99
CA ILE D 387 -37.30 44.86 -7.56
C ILE D 387 -38.51 45.59 -6.93
N ASP D 388 -38.90 46.77 -7.44
CA ASP D 388 -40.16 47.39 -7.01
C ASP D 388 -41.34 46.47 -7.27
N ARG D 389 -41.37 45.83 -8.44
CA ARG D 389 -42.45 44.93 -8.77
C ARG D 389 -42.39 43.62 -7.97
N VAL D 390 -41.18 43.11 -7.70
CA VAL D 390 -41.02 41.97 -6.76
C VAL D 390 -41.62 42.32 -5.41
N SER D 391 -41.28 43.52 -4.91
CA SER D 391 -41.77 43.97 -3.60
C SER D 391 -43.30 44.01 -3.57
N ALA D 392 -43.89 44.60 -4.59
CA ALA D 392 -45.35 44.59 -4.72
C ALA D 392 -45.93 43.18 -4.76
N ALA D 393 -45.27 42.23 -5.43
CA ALA D 393 -45.79 40.86 -5.49
C ALA D 393 -45.70 40.11 -4.15
N LEU D 394 -44.79 40.55 -3.29
CA LEU D 394 -44.58 39.95 -1.98
C LEU D 394 -45.36 40.62 -0.85
N THR D 395 -45.78 41.88 -1.07
CA THR D 395 -46.41 42.69 -0.01
C THR D 395 -47.60 41.97 0.57
N GLY D 396 -47.75 42.07 1.88
CA GLY D 396 -48.90 41.48 2.58
C GLY D 396 -48.89 39.97 2.78
N ARG D 397 -47.92 39.24 2.25
CA ARG D 397 -47.95 37.80 2.33
C ARG D 397 -47.17 37.23 3.51
N PHE D 398 -46.14 37.93 3.96
CA PHE D 398 -45.21 37.42 4.99
C PHE D 398 -44.77 38.45 6.03
N THR D 399 -45.50 39.56 6.19
CA THR D 399 -45.10 40.65 7.10
C THR D 399 -44.84 40.13 8.51
N ASP D 400 -45.61 39.11 8.93
CA ASP D 400 -45.48 38.51 10.25
C ASP D 400 -44.25 37.61 10.42
N ARG D 401 -43.68 37.10 9.33
CA ARG D 401 -42.43 36.34 9.41
C ARG D 401 -41.30 37.20 9.94
N GLU D 402 -40.43 36.61 10.75
CA GLU D 402 -39.37 37.36 11.42
C GLU D 402 -38.03 36.84 10.90
N LEU D 403 -37.12 37.73 10.55
CA LEU D 403 -35.73 37.34 10.47
C LEU D 403 -35.21 37.01 11.88
N THR D 404 -34.74 35.77 12.04
CA THR D 404 -34.18 35.30 13.30
C THR D 404 -32.70 34.92 13.14
N GLU D 405 -32.07 34.55 14.24
CA GLU D 405 -30.73 33.94 14.24
C GLU D 405 -30.66 32.75 13.31
N GLU D 406 -31.69 31.95 13.38
CA GLU D 406 -31.81 30.79 12.52
C GLU D 406 -31.73 31.24 11.04
N SER D 407 -32.43 32.32 10.67
CA SER D 407 -32.46 32.80 9.29
C SER D 407 -31.03 33.09 8.81
N TRP D 408 -30.32 33.82 9.65
CA TRP D 408 -28.97 34.28 9.31
C TRP D 408 -28.03 33.09 9.16
N TYR D 409 -28.11 32.15 10.10
CA TYR D 409 -27.28 30.98 10.01
C TYR D 409 -27.59 30.13 8.79
N ALA D 410 -28.85 29.93 8.46
CA ALA D 410 -29.17 29.12 7.30
C ALA D 410 -28.72 29.83 6.03
N SER D 411 -28.85 31.15 5.98
CA SER D 411 -28.48 31.87 4.76
C SER D 411 -26.98 31.82 4.58
N ALA D 412 -26.23 32.12 5.64
CA ALA D 412 -24.77 32.05 5.54
C ALA D 412 -24.31 30.66 5.15
N TRP D 413 -24.92 29.63 5.72
CA TRP D 413 -24.52 28.26 5.46
C TRP D 413 -24.59 28.00 3.93
N GLY D 414 -25.62 28.51 3.26
CA GLY D 414 -25.70 28.29 1.81
C GLY D 414 -24.73 29.06 0.96
N ALA D 415 -24.42 30.29 1.34
CA ALA D 415 -23.64 31.18 0.51
C ALA D 415 -22.15 31.01 0.75
N MET D 416 -21.77 30.73 2.00
CA MET D 416 -20.36 30.68 2.33
C MET D 416 -19.91 29.37 2.97
N ASP D 417 -20.84 28.43 3.13
CA ASP D 417 -20.54 27.03 3.33
C ASP D 417 -20.02 26.67 4.73
N GLY D 418 -20.40 27.47 5.70
CA GLY D 418 -20.08 27.17 7.09
C GLY D 418 -20.87 28.07 8.02
N LEU D 419 -20.38 28.25 9.25
CA LEU D 419 -21.08 28.97 10.32
C LEU D 419 -20.76 30.46 10.28
N ALA D 420 -21.78 31.29 10.21
CA ALA D 420 -21.57 32.72 10.37
C ALA D 420 -20.91 33.04 11.71
N ASP D 421 -20.19 34.16 11.75
CA ASP D 421 -19.47 34.58 12.94
C ASP D 421 -20.44 35.35 13.82
N ARG D 422 -21.21 34.60 14.60
CA ARG D 422 -22.15 35.21 15.54
C ARG D 422 -21.84 34.59 16.89
N PRO D 423 -21.91 35.38 17.97
CA PRO D 423 -21.52 34.83 19.26
C PRO D 423 -22.29 33.58 19.65
N ARG D 424 -21.55 32.57 20.11
CA ARG D 424 -22.15 31.31 20.51
C ARG D 424 -21.14 30.47 21.32
N THR D 425 -21.66 29.53 22.12
CA THR D 425 -20.83 28.65 22.93
C THR D 425 -20.58 27.38 22.14
N ARG D 426 -19.73 26.49 22.66
CA ARG D 426 -19.53 25.20 22.01
C ARG D 426 -20.87 24.47 21.82
N GLU D 427 -21.77 24.61 22.80
CA GLU D 427 -22.98 23.83 22.77
C GLU D 427 -23.92 24.36 21.70
N GLU D 428 -23.90 25.67 21.48
CA GLU D 428 -24.70 26.21 20.39
C GLU D 428 -24.13 25.77 19.03
N THR D 429 -22.80 25.70 18.93
CA THR D 429 -22.18 25.27 17.68
C THR D 429 -22.70 23.88 17.33
N THR D 430 -22.64 22.96 18.27
CA THR D 430 -23.22 21.63 18.05
C THR D 430 -24.70 21.65 17.59
N ALA D 431 -25.54 22.50 18.18
CA ALA D 431 -26.97 22.53 17.81
C ALA D 431 -27.24 23.15 16.45
N ILE D 432 -26.51 24.20 16.10
CA ILE D 432 -26.67 24.78 14.78
C ILE D 432 -26.24 23.76 13.73
N VAL D 433 -25.13 23.06 13.97
CA VAL D 433 -24.65 22.08 12.99
C VAL D 433 -25.64 20.93 12.80
N GLU D 434 -26.20 20.49 13.91
CA GLU D 434 -27.29 19.50 13.94
C GLU D 434 -28.41 19.84 12.98
N ARG D 435 -28.89 21.06 13.08
CA ARG D 435 -29.96 21.59 12.24
C ARG D 435 -29.61 21.70 10.77
N LEU D 436 -28.38 22.11 10.46
CA LEU D 436 -28.04 22.49 9.10
C LEU D 436 -27.27 21.43 8.31
N TRP D 437 -26.65 20.46 8.99
CA TRP D 437 -25.86 19.42 8.31
C TRP D 437 -26.77 18.45 7.53
#